data_6LDB
#
_entry.id   6LDB
#
_cell.length_a   92.690
_cell.length_b   104.640
_cell.length_c   160.504
_cell.angle_alpha   90.000
_cell.angle_beta   91.290
_cell.angle_gamma   90.000
#
_symmetry.space_group_name_H-M   'P 1 21 1'
#
loop_
_entity.id
_entity.type
_entity.pdbx_description
1 polymer 'LacZ1 Beta-galactosidase'
2 non-polymer '(3S,4R,5R)-4,5-dihydroxypiperidine-3-carboxylic acid'
3 water water
#
_entity_poly.entity_id   1
_entity_poly.type   'polypeptide(L)'
_entity_poly.pdbx_seq_one_letter_code
;NGMLYPQSNDSRIVFPLDGVWDFRTAGEDSYPAEWADAPLPEPLPMAVPGSYNDQNDELNLRAHYGWVVYQRSFAVPSRL
VAGQRMILRFDAATHAADVYLNGQLLGSHFGGFLPFEFDVTSALHAGENLLTVAVDNRIGSSTLPVGNDAGTAFMGSDNA
NVPAVAEAKKHARRQNLPNFDFFNFAGLNRHVELYTTPADAYIADIAITTERLDHIAGDACTAANALIAYDVTFGGDFPS
NPTDPNTPIQPSDPAINHADSSESAESDIQRATTYGRQVRISILDGEGTVVAGVTADIERSGDGTAKASGEIAIRDAKLW
NPGAAYLYTAVAELLPEGGAESSSRIIDAYRQTFGIRTVEVSGTTFLINGKPFYFKGFGKHEDSYFHGRGTDDVLNVKDV
SLIHWLHANSFRTSHYPYAESMYDLCDREGIVIIDEVPAVGMSWLQYANPLVAERHREAIRGMIARDKNHPCIVMWSIAN
EPGLDGDGERPRQAYDYFRPLYELAHASDPQNRPVTLVCCQNDYTTDITERTMDVVCINRYYGWYNLSGDLDAACHALNI
ELDFWENIGKPVMFTEYGADTIEGIHGTHGEMFSEEFQRDYYARINAEIDKRPWFIGEQLWNFADFATFQGIIRVEGNRK
GILTRDRQPKMAAHWLRERWAGIPDYGYKG
;
_entity_poly.pdbx_strand_id   A,B,C,D
#
loop_
_chem_comp.id
_chem_comp.type
_chem_comp.name
_chem_comp.formula
SJ5 non-polymer '(3S,4R,5R)-4,5-dihydroxypiperidine-3-carboxylic acid' 'C6 H11 N O4'
#
# COMPACT_ATOMS: atom_id res chain seq x y z
N ASN A 1 16.73 19.80 -43.77
CA ASN A 1 17.38 19.21 -42.58
C ASN A 1 17.08 19.98 -41.28
N GLY A 2 16.98 21.31 -41.37
CA GLY A 2 16.67 22.08 -40.18
C GLY A 2 15.25 21.85 -39.69
N MET A 3 15.10 21.88 -38.37
CA MET A 3 13.82 21.70 -37.70
C MET A 3 13.77 22.65 -36.51
N LEU A 4 14.08 23.91 -36.76
CA LEU A 4 14.06 24.89 -35.68
C LEU A 4 12.70 24.92 -35.02
N TYR A 5 12.68 25.03 -33.70
CA TYR A 5 11.38 25.03 -33.03
C TYR A 5 10.63 26.30 -33.41
N PRO A 6 9.35 26.21 -33.72
CA PRO A 6 8.60 27.38 -34.20
C PRO A 6 8.65 28.55 -33.21
N GLN A 7 8.84 29.75 -33.79
CA GLN A 7 9.00 30.96 -33.00
C GLN A 7 8.05 32.05 -33.49
N SER A 8 7.62 32.90 -32.56
CA SER A 8 6.84 34.09 -32.91
C SER A 8 7.70 35.31 -32.65
N ASN A 9 7.74 36.20 -33.63
CA ASN A 9 8.49 37.47 -33.59
C ASN A 9 7.85 38.44 -34.59
N ASP A 10 8.56 39.52 -34.94
CA ASP A 10 7.96 40.47 -35.87
C ASP A 10 7.73 39.88 -37.24
N SER A 11 8.50 38.84 -37.61
CA SER A 11 8.46 38.21 -38.93
C SER A 11 7.67 36.91 -38.99
N ARG A 12 7.26 36.35 -37.84
CA ARG A 12 6.84 34.96 -37.76
C ARG A 12 5.77 34.84 -36.70
N ILE A 13 4.77 33.97 -36.93
CA ILE A 13 3.79 33.70 -35.89
C ILE A 13 3.54 32.21 -35.82
N VAL A 14 3.26 31.76 -34.60
CA VAL A 14 2.93 30.35 -34.34
C VAL A 14 1.48 30.28 -33.89
N PHE A 15 0.76 29.32 -34.42
CA PHE A 15 -0.65 29.12 -34.13
C PHE A 15 -0.80 27.70 -33.60
N PRO A 16 -0.83 27.52 -32.27
CA PRO A 16 -0.92 26.17 -31.72
C PRO A 16 -2.23 25.49 -32.10
N LEU A 17 -2.16 24.17 -32.28
CA LEU A 17 -3.36 23.40 -32.57
C LEU A 17 -3.64 22.34 -31.50
N ASP A 18 -3.03 22.48 -30.33
CA ASP A 18 -3.34 21.62 -29.20
C ASP A 18 -4.76 21.86 -28.71
N GLY A 19 -5.30 20.89 -27.99
CA GLY A 19 -6.65 21.02 -27.43
C GLY A 19 -7.33 19.68 -27.45
N VAL A 20 -8.67 19.68 -27.39
CA VAL A 20 -9.42 18.42 -27.39
C VAL A 20 -9.87 18.15 -28.81
N TRP A 21 -9.27 17.14 -29.43
CA TRP A 21 -9.57 16.79 -30.81
C TRP A 21 -10.65 15.71 -30.85
N ASP A 22 -11.12 15.42 -32.06
CA ASP A 22 -11.96 14.25 -32.31
C ASP A 22 -11.08 13.04 -32.58
N PHE A 23 -11.61 11.85 -32.29
CA PHE A 23 -10.79 10.64 -32.36
C PHE A 23 -11.65 9.42 -32.63
N ARG A 24 -11.12 8.49 -33.42
CA ARG A 24 -11.72 7.16 -33.54
C ARG A 24 -10.63 6.12 -33.61
N THR A 25 -10.87 4.94 -33.03
CA THR A 25 -9.97 3.82 -33.28
C THR A 25 -10.28 3.25 -34.67
N ALA A 26 -9.26 2.63 -35.26
CA ALA A 26 -9.50 2.01 -36.57
C ALA A 26 -8.92 0.60 -36.61
N GLY A 27 -8.50 0.13 -37.80
CA GLY A 27 -8.21 -1.27 -37.96
C GLY A 27 -6.76 -1.67 -37.69
N GLU A 28 -6.54 -2.99 -37.70
CA GLU A 28 -5.20 -3.49 -37.44
C GLU A 28 -4.23 -3.08 -38.52
N ASP A 29 -4.71 -2.94 -39.76
CA ASP A 29 -3.82 -2.54 -40.84
C ASP A 29 -4.45 -1.56 -41.82
N SER A 30 -5.58 -0.95 -41.47
CA SER A 30 -6.17 0.05 -42.34
C SER A 30 -7.00 1.02 -41.51
N TYR A 31 -7.43 2.07 -42.16
CA TYR A 31 -8.46 2.94 -41.62
C TYR A 31 -9.26 3.50 -42.80
N PRO A 32 -10.50 3.95 -42.55
CA PRO A 32 -11.34 4.41 -43.67
C PRO A 32 -10.82 5.69 -44.30
N ALA A 33 -10.58 5.63 -45.62
CA ALA A 33 -10.15 6.84 -46.32
C ALA A 33 -11.15 7.99 -46.18
N GLU A 34 -12.44 7.69 -46.12
CA GLU A 34 -13.38 8.78 -46.08
C GLU A 34 -13.32 9.57 -44.78
N TRP A 35 -12.66 9.05 -43.74
CA TRP A 35 -12.51 9.83 -42.53
C TRP A 35 -11.60 11.03 -42.69
N ALA A 36 -10.80 11.13 -43.77
CA ALA A 36 -10.05 12.35 -44.03
C ALA A 36 -10.83 13.38 -44.82
N ASP A 37 -11.97 12.98 -45.36
CA ASP A 37 -12.68 13.84 -46.29
C ASP A 37 -13.88 14.54 -45.67
N ALA A 38 -14.29 14.12 -44.49
CA ALA A 38 -15.45 14.72 -43.84
C ALA A 38 -15.25 14.51 -42.35
N PRO A 39 -16.04 15.20 -41.52
CA PRO A 39 -15.91 15.00 -40.07
C PRO A 39 -16.01 13.53 -39.67
N LEU A 40 -15.19 13.13 -38.69
CA LEU A 40 -15.27 11.78 -38.16
C LEU A 40 -16.68 11.47 -37.67
N PRO A 41 -17.24 10.32 -38.00
CA PRO A 41 -18.53 9.91 -37.40
C PRO A 41 -18.37 9.49 -35.95
N GLU A 42 -19.37 9.85 -35.13
CA GLU A 42 -19.42 9.47 -33.71
C GLU A 42 -18.05 9.56 -33.03
N PRO A 43 -17.40 10.72 -33.03
CA PRO A 43 -16.03 10.79 -32.50
C PRO A 43 -16.00 10.76 -30.98
N LEU A 44 -14.92 10.24 -30.44
CA LEU A 44 -14.51 10.33 -29.04
C LEU A 44 -13.67 11.60 -28.86
N PRO A 45 -13.66 12.22 -27.68
CA PRO A 45 -12.70 13.29 -27.42
C PRO A 45 -11.32 12.69 -27.15
N MET A 46 -10.29 13.45 -27.53
CA MET A 46 -8.93 13.01 -27.23
C MET A 46 -8.08 14.27 -27.07
N ALA A 47 -7.41 14.42 -25.93
CA ALA A 47 -6.58 15.62 -25.79
C ALA A 47 -5.24 15.44 -26.49
N VAL A 48 -4.78 16.52 -27.12
CA VAL A 48 -3.42 16.56 -27.68
C VAL A 48 -2.73 17.79 -27.13
N PRO A 49 -1.48 17.62 -26.71
CA PRO A 49 -0.66 16.42 -26.80
C PRO A 49 -1.01 15.41 -25.68
N GLY A 50 -0.74 14.13 -25.93
CA GLY A 50 -0.94 13.09 -24.93
C GLY A 50 -0.91 11.74 -25.61
N SER A 51 -0.53 10.67 -24.92
CA SER A 51 -0.80 9.35 -25.49
C SER A 51 -2.29 9.14 -25.47
N TYR A 52 -2.81 8.36 -26.42
CA TYR A 52 -4.25 8.11 -26.34
C TYR A 52 -4.61 6.97 -25.38
N ASN A 53 -3.64 6.13 -24.98
CA ASN A 53 -3.97 4.84 -24.38
C ASN A 53 -4.67 4.97 -23.03
N ASP A 54 -4.32 5.97 -22.24
CA ASP A 54 -4.92 6.10 -20.91
C ASP A 54 -5.97 7.19 -20.86
N GLN A 55 -6.43 7.68 -22.02
CA GLN A 55 -7.47 8.71 -22.04
C GLN A 55 -8.87 8.18 -22.26
N ASN A 56 -9.09 6.86 -22.20
CA ASN A 56 -10.47 6.39 -22.33
C ASN A 56 -10.58 5.09 -21.55
N ASP A 57 -11.38 5.10 -20.50
CA ASP A 57 -11.55 3.89 -19.74
C ASP A 57 -12.73 3.05 -20.18
N GLU A 58 -13.56 3.54 -21.12
CA GLU A 58 -14.61 2.66 -21.65
C GLU A 58 -14.04 1.65 -22.62
N LEU A 59 -13.02 2.05 -23.37
CA LEU A 59 -12.30 1.18 -24.30
C LEU A 59 -11.02 0.72 -23.63
N ASN A 60 -10.47 -0.38 -24.10
CA ASN A 60 -9.19 -0.80 -23.55
C ASN A 60 -8.14 -0.40 -24.60
N LEU A 61 -7.80 0.90 -24.62
CA LEU A 61 -6.88 1.38 -25.64
C LEU A 61 -5.45 0.95 -25.38
N ARG A 62 -5.13 0.45 -24.18
CA ARG A 62 -3.80 -0.13 -24.01
C ARG A 62 -3.66 -1.36 -24.88
N ALA A 63 -4.75 -2.08 -25.16
CA ALA A 63 -4.68 -3.30 -25.94
C ALA A 63 -4.80 -3.05 -27.44
N HIS A 64 -4.97 -1.80 -27.86
CA HIS A 64 -5.21 -1.51 -29.27
C HIS A 64 -3.99 -1.87 -30.12
N TYR A 65 -4.24 -2.42 -31.30
CA TYR A 65 -3.19 -2.81 -32.25
C TYR A 65 -3.55 -2.18 -33.58
N GLY A 66 -2.67 -1.34 -34.10
CA GLY A 66 -2.92 -0.74 -35.42
C GLY A 66 -3.16 0.77 -35.42
N TRP A 67 -4.16 1.21 -36.19
CA TRP A 67 -4.38 2.61 -36.47
C TRP A 67 -5.45 3.24 -35.60
N VAL A 68 -5.27 4.53 -35.33
CA VAL A 68 -6.31 5.42 -34.84
C VAL A 68 -6.33 6.64 -35.74
N VAL A 69 -7.42 7.42 -35.65
CA VAL A 69 -7.52 8.60 -36.49
C VAL A 69 -7.94 9.77 -35.60
N TYR A 70 -7.14 10.81 -35.58
CA TYR A 70 -7.42 12.08 -34.94
C TYR A 70 -7.96 13.08 -35.95
N GLN A 71 -8.79 14.03 -35.50
CA GLN A 71 -9.20 15.07 -36.44
C GLN A 71 -9.58 16.32 -35.65
N ARG A 72 -9.34 17.48 -36.26
CA ARG A 72 -9.91 18.72 -35.73
C ARG A 72 -10.09 19.73 -36.84
N SER A 73 -10.81 20.81 -36.54
CA SER A 73 -10.94 21.94 -37.44
C SER A 73 -10.23 23.15 -36.86
N PHE A 74 -9.85 24.06 -37.73
CA PHE A 74 -9.29 25.32 -37.28
C PHE A 74 -9.47 26.35 -38.38
N ALA A 75 -9.41 27.62 -37.99
CA ALA A 75 -9.53 28.73 -38.91
C ALA A 75 -8.60 29.83 -38.45
N VAL A 76 -7.96 30.54 -39.39
CA VAL A 76 -7.12 31.68 -39.04
C VAL A 76 -7.45 32.84 -39.96
N PRO A 77 -7.24 34.08 -39.52
CA PRO A 77 -7.49 35.23 -40.40
C PRO A 77 -6.69 35.14 -41.69
N SER A 78 -7.37 35.45 -42.80
CA SER A 78 -6.67 35.54 -44.07
C SER A 78 -5.54 36.56 -44.01
N ARG A 79 -5.73 37.63 -43.22
CA ARG A 79 -4.71 38.67 -43.09
C ARG A 79 -3.36 38.07 -42.74
N LEU A 80 -3.33 37.11 -41.84
CA LEU A 80 -2.06 36.67 -41.34
C LEU A 80 -1.43 35.57 -42.19
N VAL A 81 -2.22 34.88 -43.02
CA VAL A 81 -1.63 33.90 -43.94
C VAL A 81 -1.19 34.57 -45.24
N ALA A 82 -1.77 35.74 -45.57
CA ALA A 82 -1.49 36.39 -46.86
C ALA A 82 -0.01 36.56 -47.09
N GLY A 83 0.47 36.04 -48.20
CA GLY A 83 1.86 36.21 -48.56
C GLY A 83 2.85 35.36 -47.80
N GLN A 84 2.42 34.61 -46.77
CA GLN A 84 3.38 33.90 -45.95
C GLN A 84 3.56 32.46 -46.42
N ARG A 85 4.68 31.86 -46.02
CA ARG A 85 4.86 30.42 -46.14
C ARG A 85 4.25 29.76 -44.89
N MET A 86 3.39 28.75 -45.08
CA MET A 86 2.61 28.15 -43.99
C MET A 86 3.06 26.71 -43.79
N ILE A 87 3.48 26.39 -42.56
CA ILE A 87 4.06 25.09 -42.25
C ILE A 87 3.26 24.47 -41.11
N LEU A 88 2.91 23.21 -41.26
CA LEU A 88 2.23 22.47 -40.18
C LEU A 88 3.25 21.55 -39.56
N ARG A 89 3.55 21.73 -38.26
CA ARG A 89 4.58 20.95 -37.59
C ARG A 89 3.96 19.99 -36.58
N PHE A 90 4.39 18.72 -36.62
CA PHE A 90 4.08 17.72 -35.60
C PHE A 90 5.31 17.47 -34.77
N ASP A 91 5.29 17.86 -33.50
CA ASP A 91 6.46 17.64 -32.68
C ASP A 91 6.74 16.15 -32.53
N ALA A 92 5.70 15.33 -32.42
CA ALA A 92 5.86 13.87 -32.43
C ALA A 92 4.52 13.18 -32.61
N ALA A 93 4.50 12.17 -33.48
CA ALA A 93 3.36 11.26 -33.69
C ALA A 93 3.91 9.85 -33.61
N THR A 94 3.47 9.09 -32.65
CA THR A 94 4.11 7.83 -32.32
C THR A 94 3.23 6.67 -32.75
N HIS A 95 3.68 5.80 -33.67
CA HIS A 95 5.03 5.75 -34.30
C HIS A 95 5.10 6.28 -35.71
N ALA A 96 3.99 6.16 -36.44
CA ALA A 96 3.95 6.55 -37.86
C ALA A 96 2.64 7.27 -38.10
N ALA A 97 2.64 8.20 -39.06
CA ALA A 97 1.43 8.99 -39.27
C ALA A 97 1.22 9.27 -40.73
N ASP A 98 -0.04 9.38 -41.13
CA ASP A 98 -0.46 9.95 -42.41
C ASP A 98 -1.24 11.20 -42.09
N VAL A 99 -0.95 12.29 -42.78
CA VAL A 99 -1.57 13.57 -42.46
C VAL A 99 -2.33 14.09 -43.65
N TYR A 100 -3.56 14.57 -43.41
CA TYR A 100 -4.44 15.08 -44.46
C TYR A 100 -4.93 16.46 -44.07
N LEU A 101 -5.06 17.34 -45.06
CA LEU A 101 -5.70 18.63 -44.78
C LEU A 101 -6.73 18.87 -45.87
N ASN A 102 -8.00 19.07 -45.48
CA ASN A 102 -9.08 19.36 -46.43
C ASN A 102 -9.19 18.28 -47.49
N GLY A 103 -9.01 17.03 -47.07
CA GLY A 103 -9.12 15.89 -47.94
C GLY A 103 -7.92 15.61 -48.81
N GLN A 104 -6.83 16.37 -48.67
CA GLN A 104 -5.62 16.14 -49.46
C GLN A 104 -4.56 15.48 -48.59
N LEU A 105 -3.96 14.39 -49.08
CA LEU A 105 -2.80 13.84 -48.40
C LEU A 105 -1.64 14.83 -48.41
N LEU A 106 -1.10 15.14 -47.21
CA LEU A 106 0.08 15.97 -47.16
C LEU A 106 1.36 15.13 -47.21
N GLY A 107 1.32 13.94 -46.62
CA GLY A 107 2.46 13.06 -46.58
C GLY A 107 2.40 12.21 -45.32
N SER A 108 3.48 11.48 -45.09
CA SER A 108 3.56 10.51 -44.01
C SER A 108 4.92 10.61 -43.34
N HIS A 109 5.02 9.97 -42.17
CA HIS A 109 6.26 9.95 -41.41
C HIS A 109 6.35 8.67 -40.63
N PHE A 110 7.54 8.07 -40.59
CA PHE A 110 7.87 7.02 -39.62
C PHE A 110 8.91 7.56 -38.65
N GLY A 111 8.68 7.29 -37.35
CA GLY A 111 9.63 7.67 -36.32
C GLY A 111 8.88 8.39 -35.21
N GLY A 112 8.69 7.71 -34.08
CA GLY A 112 7.69 8.22 -33.14
C GLY A 112 8.15 9.30 -32.20
N PHE A 113 9.42 9.75 -32.29
CA PHE A 113 9.97 10.58 -31.23
C PHE A 113 10.69 11.81 -31.74
N LEU A 114 10.53 12.16 -33.02
CA LEU A 114 11.19 13.30 -33.62
C LEU A 114 10.21 14.03 -34.51
N PRO A 115 10.40 15.33 -34.71
CA PRO A 115 9.38 16.16 -35.35
C PRO A 115 9.41 16.07 -36.87
N PHE A 116 8.28 16.41 -37.45
CA PHE A 116 8.19 16.47 -38.91
C PHE A 116 7.18 17.54 -39.28
N GLU A 117 7.26 18.02 -40.52
CA GLU A 117 6.39 19.12 -40.89
C GLU A 117 6.08 19.08 -42.40
N PHE A 118 5.06 19.83 -42.77
CA PHE A 118 4.54 19.90 -44.15
C PHE A 118 4.30 21.33 -44.53
N ASP A 119 4.62 21.70 -45.78
CA ASP A 119 4.23 23.02 -46.29
C ASP A 119 2.78 22.96 -46.75
N VAL A 120 1.90 23.72 -46.09
CA VAL A 120 0.46 23.67 -46.33
C VAL A 120 -0.01 24.96 -46.97
N THR A 121 0.91 25.79 -47.43
CA THR A 121 0.55 27.08 -48.01
C THR A 121 -0.55 26.94 -49.06
N SER A 122 -0.48 25.88 -49.88
CA SER A 122 -1.46 25.71 -50.95
C SER A 122 -2.67 24.86 -50.56
N ALA A 123 -2.59 24.06 -49.47
CA ALA A 123 -3.72 23.23 -49.10
C ALA A 123 -4.69 23.94 -48.17
N LEU A 124 -4.24 24.99 -47.50
CA LEU A 124 -5.09 25.77 -46.60
C LEU A 124 -6.13 26.55 -47.40
N HIS A 125 -7.29 26.77 -46.80
CA HIS A 125 -8.20 27.71 -47.44
C HIS A 125 -8.82 28.60 -46.38
N ALA A 126 -9.59 29.59 -46.81
CA ALA A 126 -10.17 30.44 -45.79
C ALA A 126 -11.34 29.73 -45.11
N GLY A 127 -11.68 30.20 -43.92
CA GLY A 127 -12.74 29.55 -43.15
C GLY A 127 -12.19 28.32 -42.46
N GLU A 128 -13.09 27.38 -42.14
CA GLU A 128 -12.71 26.18 -41.39
C GLU A 128 -11.92 25.24 -42.30
N ASN A 129 -10.78 24.77 -41.78
CA ASN A 129 -9.93 23.76 -42.41
C ASN A 129 -10.06 22.50 -41.58
N LEU A 130 -10.02 21.34 -42.23
CA LEU A 130 -10.24 20.05 -41.61
C LEU A 130 -8.94 19.26 -41.63
N LEU A 131 -8.36 19.00 -40.46
CA LEU A 131 -7.05 18.36 -40.33
C LEU A 131 -7.24 16.96 -39.78
N THR A 132 -6.78 15.94 -40.51
CA THR A 132 -6.98 14.56 -40.11
C THR A 132 -5.62 13.89 -39.99
N VAL A 133 -5.39 13.15 -38.91
CA VAL A 133 -4.06 12.56 -38.70
C VAL A 133 -4.27 11.12 -38.30
N ALA A 134 -3.87 10.18 -39.17
CA ALA A 134 -3.96 8.78 -38.80
C ALA A 134 -2.63 8.36 -38.20
N VAL A 135 -2.69 7.66 -37.05
CA VAL A 135 -1.48 7.31 -36.31
C VAL A 135 -1.45 5.80 -36.11
N ASP A 136 -0.30 5.20 -36.44
CA ASP A 136 -0.10 3.75 -36.38
C ASP A 136 0.80 3.42 -35.20
N ASN A 137 0.40 2.49 -34.33
CA ASN A 137 1.18 2.15 -33.14
C ASN A 137 2.02 0.89 -33.33
N ARG A 138 2.01 0.28 -34.52
CA ARG A 138 2.51 -1.09 -34.57
C ARG A 138 4.03 -1.12 -34.53
N ILE A 139 4.56 -2.11 -33.83
CA ILE A 139 5.99 -2.32 -33.74
C ILE A 139 6.30 -3.76 -34.09
N GLY A 140 7.53 -4.00 -34.54
CA GLY A 140 7.91 -5.34 -34.95
C GLY A 140 9.38 -5.39 -35.25
N SER A 141 9.80 -6.45 -35.94
CA SER A 141 11.23 -6.65 -36.17
C SER A 141 11.87 -5.58 -37.09
N SER A 142 11.10 -4.71 -37.76
CA SER A 142 11.67 -3.66 -38.60
C SER A 142 11.53 -2.26 -38.01
N THR A 143 10.89 -2.12 -36.84
CA THR A 143 10.71 -0.78 -36.29
C THR A 143 11.82 -0.46 -35.28
N LEU A 144 12.07 0.84 -35.11
CA LEU A 144 12.83 1.31 -33.93
C LEU A 144 11.88 2.24 -33.17
N PRO A 145 11.54 1.87 -31.93
CA PRO A 145 12.03 0.75 -31.13
C PRO A 145 11.49 -0.59 -31.66
N VAL A 146 12.16 -1.67 -31.32
CA VAL A 146 11.90 -2.98 -31.90
C VAL A 146 10.75 -3.68 -31.20
N GLY A 147 9.84 -4.25 -32.00
CA GLY A 147 8.86 -5.19 -31.43
C GLY A 147 9.20 -6.62 -31.80
N ASN A 148 8.63 -7.57 -31.07
CA ASN A 148 8.74 -8.98 -31.44
C ASN A 148 7.56 -9.39 -32.30
N ASP A 149 7.86 -10.11 -33.39
CA ASP A 149 6.80 -10.52 -34.33
C ASP A 149 6.00 -11.69 -33.77
N ALA A 150 6.55 -12.41 -32.80
CA ALA A 150 5.82 -13.53 -32.22
C ALA A 150 6.37 -13.79 -30.83
N GLY A 151 5.70 -14.64 -30.11
CA GLY A 151 6.23 -15.13 -28.83
C GLY A 151 5.78 -14.21 -27.69
N THR A 152 6.75 -13.55 -27.08
CA THR A 152 6.53 -12.84 -25.83
C THR A 152 7.11 -11.43 -25.91
N ALA A 153 6.58 -10.53 -25.10
CA ALA A 153 7.22 -9.24 -24.88
C ALA A 153 8.50 -9.41 -24.05
N PHE A 154 9.29 -8.37 -24.01
CA PHE A 154 10.55 -8.41 -23.29
C PHE A 154 10.36 -8.85 -21.82
N MET A 155 11.19 -9.81 -21.41
CA MET A 155 11.13 -10.46 -20.09
C MET A 155 9.73 -10.99 -19.74
N GLY A 156 9.02 -11.47 -20.73
CA GLY A 156 7.76 -12.12 -20.44
C GLY A 156 7.96 -13.60 -20.21
N SER A 157 6.98 -14.18 -19.55
CA SER A 157 6.98 -15.60 -19.23
C SER A 157 6.36 -16.44 -20.35
N ASP A 158 6.84 -17.67 -20.53
CA ASP A 158 6.18 -18.54 -21.49
C ASP A 158 6.27 -19.98 -21.01
N ASN A 159 5.40 -20.84 -21.57
CA ASN A 159 5.52 -22.33 -21.47
C ASN A 159 5.42 -22.85 -22.90
N ALA A 160 6.45 -22.56 -23.70
CA ALA A 160 6.31 -22.73 -25.14
C ALA A 160 6.20 -24.19 -25.55
N ASN A 161 6.65 -25.12 -24.71
CA ASN A 161 6.60 -26.54 -25.06
C ASN A 161 5.24 -27.16 -24.84
N VAL A 162 4.29 -26.44 -24.25
CA VAL A 162 2.96 -26.99 -24.00
C VAL A 162 2.16 -26.89 -25.29
N PRO A 163 1.71 -28.00 -25.89
CA PRO A 163 1.02 -27.92 -27.18
C PRO A 163 -0.15 -26.94 -27.23
N ALA A 164 -0.97 -26.91 -26.17
CA ALA A 164 -2.12 -26.00 -26.11
C ALA A 164 -1.68 -24.55 -26.23
N VAL A 165 -0.53 -24.20 -25.65
CA VAL A 165 -0.02 -22.83 -25.71
C VAL A 165 0.43 -22.50 -27.13
N ALA A 166 1.19 -23.42 -27.74
CA ALA A 166 1.61 -23.21 -29.12
C ALA A 166 0.41 -23.00 -30.03
N GLU A 167 -0.66 -23.77 -29.81
CA GLU A 167 -1.83 -23.67 -30.68
C GLU A 167 -2.59 -22.38 -30.42
N ALA A 168 -2.77 -22.01 -29.15
CA ALA A 168 -3.50 -20.79 -28.83
C ALA A 168 -2.76 -19.53 -29.33
N LYS A 169 -1.43 -19.56 -29.33
CA LYS A 169 -0.64 -18.45 -29.89
C LYS A 169 -0.98 -18.18 -31.35
N LYS A 170 -1.31 -19.23 -32.12
CA LYS A 170 -1.58 -19.03 -33.54
C LYS A 170 -2.83 -18.21 -33.78
N HIS A 171 -3.78 -18.23 -32.84
CA HIS A 171 -5.10 -17.62 -33.03
C HIS A 171 -5.34 -16.45 -32.10
N ALA A 172 -4.34 -16.08 -31.30
CA ALA A 172 -4.50 -14.98 -30.35
C ALA A 172 -4.66 -13.64 -31.06
N ARG A 173 -5.43 -12.77 -30.41
CA ARG A 173 -5.55 -11.40 -30.92
C ARG A 173 -4.17 -10.80 -31.12
N ARG A 174 -3.98 -10.12 -32.26
CA ARG A 174 -2.72 -9.43 -32.49
C ARG A 174 -2.52 -8.35 -31.45
N GLN A 175 -1.31 -8.32 -30.88
CA GLN A 175 -0.91 -7.33 -29.89
C GLN A 175 0.54 -6.97 -30.15
N ASN A 176 0.89 -5.70 -29.99
CA ASN A 176 2.30 -5.33 -30.03
C ASN A 176 3.03 -5.94 -28.84
N LEU A 177 4.20 -6.54 -29.12
CA LEU A 177 5.02 -7.20 -28.11
C LEU A 177 6.34 -6.43 -28.06
N PRO A 178 6.45 -5.41 -27.18
CA PRO A 178 7.71 -4.64 -27.15
C PRO A 178 8.89 -5.54 -26.84
N ASN A 179 9.99 -5.35 -27.60
CA ASN A 179 11.26 -5.92 -27.18
C ASN A 179 12.03 -4.92 -26.34
N PHE A 180 11.31 -4.13 -25.55
CA PHE A 180 11.88 -3.10 -24.71
C PHE A 180 10.99 -3.03 -23.48
N ASP A 181 11.55 -2.57 -22.37
CA ASP A 181 10.88 -2.62 -21.06
C ASP A 181 10.14 -1.32 -20.75
N PHE A 182 9.35 -0.79 -21.69
CA PHE A 182 8.44 0.28 -21.33
C PHE A 182 7.20 0.12 -22.19
N PHE A 183 6.09 0.72 -21.71
CA PHE A 183 4.83 0.55 -22.43
C PHE A 183 4.86 1.28 -23.79
N ASN A 184 4.21 0.68 -24.78
CA ASN A 184 4.18 1.22 -26.15
C ASN A 184 3.10 2.29 -26.29
N PHE A 185 3.27 3.38 -25.54
CA PHE A 185 2.31 4.50 -25.61
C PHE A 185 2.34 5.16 -26.97
N ALA A 186 1.15 5.38 -27.56
CA ALA A 186 1.13 5.91 -28.92
C ALA A 186 0.20 7.12 -29.01
N GLY A 187 0.22 7.76 -30.19
CA GLY A 187 -0.66 8.88 -30.50
C GLY A 187 0.12 10.16 -30.67
N LEU A 188 -0.59 11.29 -30.59
CA LEU A 188 0.04 12.60 -30.77
C LEU A 188 0.64 13.04 -29.42
N ASN A 189 1.79 12.44 -29.12
CA ASN A 189 2.40 12.62 -27.82
C ASN A 189 2.97 14.01 -27.60
N ARG A 190 3.24 14.80 -28.66
CA ARG A 190 3.78 16.15 -28.48
C ARG A 190 2.98 17.14 -29.31
N HIS A 191 3.30 18.41 -29.16
CA HIS A 191 2.44 19.49 -29.66
C HIS A 191 2.28 19.45 -31.17
N VAL A 192 1.21 20.06 -31.63
CA VAL A 192 0.95 20.28 -33.07
C VAL A 192 0.75 21.77 -33.26
N GLU A 193 1.38 22.33 -34.30
CA GLU A 193 1.16 23.77 -34.51
C GLU A 193 1.33 24.15 -35.97
N LEU A 194 0.59 25.17 -36.39
CA LEU A 194 0.84 25.82 -37.68
C LEU A 194 1.74 27.02 -37.41
N TYR A 195 2.70 27.28 -38.30
CA TYR A 195 3.52 28.47 -38.13
C TYR A 195 3.81 29.11 -39.48
N THR A 196 4.19 30.38 -39.44
CA THR A 196 4.51 31.11 -40.67
C THR A 196 5.97 31.51 -40.71
N THR A 197 6.48 31.64 -41.94
CA THR A 197 7.75 32.32 -42.20
C THR A 197 7.53 33.18 -43.43
N PRO A 198 8.40 34.12 -43.69
CA PRO A 198 8.37 34.77 -45.00
C PRO A 198 8.55 33.72 -46.09
N ALA A 199 8.01 34.01 -47.29
CA ALA A 199 8.04 33.01 -48.37
C ALA A 199 9.19 33.19 -49.34
N ASP A 200 9.65 34.41 -49.57
CA ASP A 200 10.65 34.60 -50.61
C ASP A 200 12.04 34.14 -50.19
N ALA A 201 12.35 34.34 -48.92
CA ALA A 201 13.64 33.97 -48.33
C ALA A 201 13.41 33.83 -46.83
N TYR A 202 13.94 32.76 -46.24
CA TYR A 202 13.70 32.55 -44.81
C TYR A 202 14.86 31.75 -44.24
N ILE A 203 14.99 31.88 -42.91
CA ILE A 203 15.95 31.11 -42.13
C ILE A 203 15.43 29.68 -41.96
N ALA A 204 16.20 28.71 -42.42
CA ALA A 204 15.83 27.30 -42.35
C ALA A 204 16.53 26.54 -41.21
N ASP A 205 17.73 26.94 -40.82
CA ASP A 205 18.52 26.21 -39.84
C ASP A 205 19.60 27.12 -39.29
N ILE A 206 20.00 26.86 -38.06
CA ILE A 206 21.09 27.58 -37.40
C ILE A 206 21.85 26.55 -36.60
N ALA A 207 23.20 26.57 -36.72
CA ALA A 207 24.06 25.79 -35.85
C ALA A 207 25.07 26.70 -35.20
N ILE A 208 25.16 26.65 -33.88
CA ILE A 208 26.17 27.39 -33.11
C ILE A 208 27.12 26.40 -32.46
N THR A 209 28.43 26.61 -32.57
CA THR A 209 29.39 25.71 -31.91
C THR A 209 30.37 26.52 -31.07
N THR A 210 30.82 25.93 -29.96
CA THR A 210 31.96 26.46 -29.22
C THR A 210 33.19 25.83 -29.85
N GLU A 211 33.98 26.63 -30.59
CA GLU A 211 35.16 26.08 -31.27
C GLU A 211 36.39 25.99 -30.39
N ARG A 212 36.60 26.99 -29.54
CA ARG A 212 37.81 27.03 -28.72
C ARG A 212 37.59 27.98 -27.54
N LEU A 213 38.19 27.64 -26.41
CA LEU A 213 38.19 28.49 -25.22
C LEU A 213 39.65 28.78 -24.90
N ASP A 214 39.98 30.06 -24.74
CA ASP A 214 41.33 30.43 -24.35
C ASP A 214 41.28 30.87 -22.90
N HIS A 215 42.10 30.23 -22.07
CA HIS A 215 42.31 30.57 -20.66
C HIS A 215 41.00 30.60 -19.88
N ILE A 216 40.55 29.39 -19.62
CA ILE A 216 39.38 29.20 -18.76
C ILE A 216 39.74 29.53 -17.32
N ALA A 217 38.85 30.27 -16.67
CA ALA A 217 39.01 30.62 -15.27
C ALA A 217 39.12 29.37 -14.40
N GLY A 218 39.80 29.53 -13.26
CA GLY A 218 39.96 28.41 -12.35
C GLY A 218 38.63 27.79 -11.93
N ASP A 219 37.63 28.62 -11.69
CA ASP A 219 36.31 28.11 -11.32
C ASP A 219 35.41 27.81 -12.52
N ALA A 220 35.95 27.89 -13.74
CA ALA A 220 35.25 27.62 -15.00
C ALA A 220 34.07 28.56 -15.26
N CYS A 221 33.94 29.67 -14.53
CA CYS A 221 32.79 30.53 -14.80
C CYS A 221 32.96 31.40 -16.05
N THR A 222 34.20 31.72 -16.43
CA THR A 222 34.45 32.54 -17.61
C THR A 222 35.70 31.99 -18.32
N ALA A 223 35.92 32.52 -19.52
CA ALA A 223 37.17 32.30 -20.23
C ALA A 223 37.64 33.64 -20.77
N ALA A 224 38.96 33.80 -20.88
CA ALA A 224 39.47 35.04 -21.46
C ALA A 224 38.88 35.30 -22.83
N ASN A 225 38.77 34.26 -23.65
CA ASN A 225 38.18 34.43 -24.98
C ASN A 225 37.48 33.13 -25.35
N ALA A 226 36.33 33.24 -26.02
CA ALA A 226 35.69 32.07 -26.62
C ALA A 226 35.48 32.30 -28.10
N LEU A 227 35.92 31.36 -28.93
CA LEU A 227 35.65 31.43 -30.36
C LEU A 227 34.44 30.56 -30.65
N ILE A 228 33.37 31.19 -31.11
CA ILE A 228 32.17 30.44 -31.47
C ILE A 228 32.02 30.50 -32.98
N ALA A 229 31.31 29.52 -33.52
CA ALA A 229 31.09 29.47 -34.97
C ALA A 229 29.59 29.44 -35.20
N TYR A 230 29.16 30.07 -36.29
CA TYR A 230 27.77 30.01 -36.68
C TYR A 230 27.67 29.50 -38.10
N ASP A 231 26.54 28.85 -38.37
CA ASP A 231 26.24 28.31 -39.69
C ASP A 231 24.73 28.47 -39.86
N VAL A 232 24.31 29.36 -40.76
CA VAL A 232 22.90 29.64 -40.97
C VAL A 232 22.53 29.15 -42.37
N THR A 233 21.46 28.40 -42.47
CA THR A 233 20.97 27.88 -43.75
C THR A 233 19.68 28.60 -44.07
N PHE A 234 19.45 28.91 -45.36
CA PHE A 234 18.27 29.67 -45.77
C PHE A 234 17.47 28.85 -46.76
N GLY A 235 16.17 29.14 -46.84
CA GLY A 235 15.33 28.60 -47.88
C GLY A 235 14.73 29.72 -48.70
N GLY A 236 14.12 29.33 -49.81
CA GLY A 236 13.39 30.25 -50.66
C GLY A 236 14.13 30.54 -51.94
N ASP A 237 13.60 31.53 -52.68
CA ASP A 237 14.01 31.91 -54.05
C ASP A 237 13.96 30.73 -55.02
N GLY A 276 23.81 38.78 -53.87
CA GLY A 276 24.26 39.76 -52.89
C GLY A 276 23.33 39.95 -51.69
N ARG A 277 23.11 38.91 -50.89
CA ARG A 277 22.24 39.03 -49.73
C ARG A 277 23.03 38.79 -48.45
N GLN A 278 22.51 39.32 -47.32
CA GLN A 278 23.26 39.30 -46.07
C GLN A 278 22.37 38.93 -44.90
N VAL A 279 22.99 38.36 -43.87
CA VAL A 279 22.33 38.12 -42.59
C VAL A 279 23.13 38.82 -41.51
N ARG A 280 22.43 39.47 -40.59
CA ARG A 280 23.07 40.06 -39.42
C ARG A 280 22.96 39.09 -38.24
N ILE A 281 24.09 38.79 -37.61
CA ILE A 281 24.10 37.91 -36.43
C ILE A 281 24.48 38.75 -35.23
N SER A 282 23.59 38.80 -34.23
CA SER A 282 23.88 39.54 -33.01
C SER A 282 23.95 38.53 -31.89
N ILE A 283 24.97 38.64 -31.06
CA ILE A 283 25.08 37.77 -29.89
C ILE A 283 24.64 38.57 -28.67
N LEU A 284 23.62 38.07 -27.96
CA LEU A 284 23.09 38.72 -26.77
C LEU A 284 23.50 37.91 -25.55
N ASP A 285 23.85 38.58 -24.46
CA ASP A 285 24.23 37.85 -23.25
C ASP A 285 22.99 37.62 -22.41
N GLY A 286 23.18 37.16 -21.17
CA GLY A 286 22.08 36.73 -20.32
C GLY A 286 21.13 37.84 -19.94
N GLU A 287 21.58 39.09 -20.06
CA GLU A 287 20.74 40.25 -19.79
C GLU A 287 20.16 40.86 -21.07
N GLY A 288 20.41 40.26 -22.22
CA GLY A 288 19.92 40.78 -23.48
C GLY A 288 20.83 41.78 -24.13
N THR A 289 21.97 42.06 -23.53
CA THR A 289 22.92 43.04 -24.06
C THR A 289 23.59 42.49 -25.32
N VAL A 290 23.70 43.33 -26.36
CA VAL A 290 24.45 42.90 -27.53
C VAL A 290 25.94 42.96 -27.18
N VAL A 291 26.61 41.83 -27.23
CA VAL A 291 28.04 41.77 -26.93
C VAL A 291 28.88 41.50 -28.15
N ALA A 292 28.27 41.10 -29.27
CA ALA A 292 28.98 40.88 -30.51
C ALA A 292 28.02 40.92 -31.67
N GLY A 293 28.55 41.20 -32.84
CA GLY A 293 27.71 41.27 -34.01
C GLY A 293 28.54 41.28 -35.26
N VAL A 294 28.06 40.58 -36.29
CA VAL A 294 28.71 40.54 -37.59
C VAL A 294 27.60 40.52 -38.63
N THR A 295 27.90 41.05 -39.82
CA THR A 295 27.00 40.89 -40.95
C THR A 295 27.72 39.99 -41.94
N ALA A 296 27.09 38.89 -42.35
CA ALA A 296 27.73 37.86 -43.14
C ALA A 296 27.02 37.72 -44.48
N ASP A 297 27.80 37.33 -45.49
CA ASP A 297 27.27 37.15 -46.82
C ASP A 297 26.63 35.79 -46.97
N ILE A 298 25.47 35.76 -47.61
CA ILE A 298 24.78 34.53 -47.92
C ILE A 298 25.24 34.05 -49.29
N GLU A 299 25.67 32.80 -49.37
CA GLU A 299 26.29 32.22 -50.55
C GLU A 299 25.60 30.92 -50.90
N ARG A 300 25.43 30.69 -52.20
CA ARG A 300 24.75 29.51 -52.68
C ARG A 300 25.74 28.42 -53.09
N THR A 305 22.07 24.96 -51.45
CA THR A 305 21.73 25.46 -50.19
C THR A 305 22.31 26.90 -49.99
N ALA A 306 21.47 27.92 -49.79
CA ALA A 306 22.00 29.23 -49.40
C ALA A 306 22.46 29.18 -47.94
N LYS A 307 23.69 29.64 -47.70
CA LYS A 307 24.30 29.52 -46.37
C LYS A 307 25.17 30.72 -46.07
N ALA A 308 25.25 31.05 -44.79
CA ALA A 308 26.16 32.03 -44.26
C ALA A 308 26.85 31.36 -43.08
N SER A 309 28.17 31.45 -43.04
CA SER A 309 28.88 30.89 -41.90
C SER A 309 30.08 31.76 -41.57
N GLY A 310 30.57 31.61 -40.35
CA GLY A 310 31.63 32.47 -39.85
C GLY A 310 31.95 32.13 -38.41
N GLU A 311 32.88 32.89 -37.86
CA GLU A 311 33.27 32.74 -36.47
C GLU A 311 33.14 34.10 -35.80
N ILE A 312 32.98 34.07 -34.48
CA ILE A 312 32.82 35.24 -33.65
C ILE A 312 33.59 35.04 -32.37
N ALA A 313 34.43 36.01 -32.02
CA ALA A 313 35.18 35.95 -30.77
C ALA A 313 34.40 36.68 -29.70
N ILE A 314 34.21 36.02 -28.56
CA ILE A 314 33.49 36.59 -27.44
C ILE A 314 34.50 36.72 -26.31
N ARG A 315 34.88 37.95 -26.03
CA ARG A 315 35.83 38.19 -24.96
C ARG A 315 35.14 38.08 -23.60
N ASP A 316 35.88 37.53 -22.63
CA ASP A 316 35.40 37.37 -21.26
C ASP A 316 34.06 36.63 -21.25
N ALA A 317 34.00 35.57 -22.05
CA ALA A 317 32.78 34.80 -22.21
C ALA A 317 32.37 34.14 -20.89
N LYS A 318 31.05 34.15 -20.63
CA LYS A 318 30.48 33.46 -19.48
C LYS A 318 30.11 32.04 -19.91
N LEU A 319 30.71 31.05 -19.26
CA LEU A 319 30.60 29.66 -19.71
C LEU A 319 29.37 29.01 -19.08
N TRP A 320 28.87 28.00 -19.78
CA TRP A 320 27.81 27.11 -19.28
C TRP A 320 28.43 25.96 -18.54
N ASN A 321 27.93 25.68 -17.33
CA ASN A 321 28.46 24.56 -16.56
C ASN A 321 27.30 23.82 -15.92
N PRO A 322 27.46 22.52 -15.64
CA PRO A 322 26.51 21.87 -14.74
C PRO A 322 26.44 22.63 -13.43
N GLY A 323 25.23 22.80 -12.93
CA GLY A 323 25.06 23.50 -11.68
C GLY A 323 25.21 25.01 -11.77
N ALA A 324 25.55 25.54 -12.94
CA ALA A 324 25.76 26.98 -13.11
C ALA A 324 25.57 27.36 -14.57
N ALA A 325 24.34 27.29 -15.04
CA ALA A 325 24.06 27.55 -16.44
C ALA A 325 24.28 29.03 -16.76
N TYR A 326 24.68 29.30 -18.00
CA TYR A 326 24.66 30.64 -18.54
C TYR A 326 24.35 30.50 -20.02
N LEU A 327 23.34 31.24 -20.50
CA LEU A 327 22.88 31.15 -21.88
C LEU A 327 23.00 32.48 -22.61
N TYR A 328 23.48 32.40 -23.83
CA TYR A 328 23.46 33.51 -24.76
C TYR A 328 22.35 33.29 -25.76
N THR A 329 22.06 34.32 -26.55
CA THR A 329 21.17 34.21 -27.69
C THR A 329 21.88 34.68 -28.95
N ALA A 330 21.78 33.90 -30.03
CA ALA A 330 22.23 34.32 -31.35
C ALA A 330 20.99 34.73 -32.11
N VAL A 331 20.90 36.02 -32.45
CA VAL A 331 19.78 36.54 -33.21
C VAL A 331 20.23 36.66 -34.66
N ALA A 332 19.60 35.91 -35.54
CA ALA A 332 19.88 36.00 -36.96
C ALA A 332 18.77 36.79 -37.63
N GLU A 333 19.17 37.81 -38.43
CA GLU A 333 18.19 38.68 -39.08
C GLU A 333 18.54 38.73 -40.55
N LEU A 334 17.63 38.26 -41.38
CA LEU A 334 17.82 38.31 -42.82
C LEU A 334 17.58 39.75 -43.30
N LEU A 335 18.60 40.32 -43.98
CA LEU A 335 18.45 41.73 -44.31
C LEU A 335 17.92 41.92 -45.73
N PRO A 336 17.27 43.05 -45.99
CA PRO A 336 16.83 43.34 -47.35
C PRO A 336 18.02 43.78 -48.20
N SER A 344 16.62 49.61 -43.25
CA SER A 344 16.28 49.51 -41.83
C SER A 344 15.33 48.33 -41.50
N ARG A 345 14.61 47.82 -42.50
CA ARG A 345 13.63 46.77 -42.25
C ARG A 345 14.33 45.40 -42.18
N ILE A 346 13.67 44.45 -41.52
CA ILE A 346 14.17 43.08 -41.38
C ILE A 346 13.24 42.16 -42.17
N ILE A 347 13.82 41.27 -42.98
CA ILE A 347 12.99 40.36 -43.77
C ILE A 347 12.55 39.14 -42.94
N ASP A 348 13.46 38.58 -42.15
CA ASP A 348 13.13 37.41 -41.33
C ASP A 348 14.06 37.41 -40.13
N ALA A 349 13.66 36.72 -39.05
CA ALA A 349 14.54 36.70 -37.89
C ALA A 349 14.28 35.41 -37.12
N TYR A 350 15.31 34.93 -36.45
CA TYR A 350 15.16 33.81 -35.53
C TYR A 350 16.15 33.97 -34.38
N ARG A 351 15.73 33.64 -33.16
CA ARG A 351 16.55 33.79 -31.95
C ARG A 351 16.91 32.39 -31.45
N GLN A 352 18.20 32.06 -31.48
CA GLN A 352 18.67 30.72 -31.11
C GLN A 352 19.43 30.79 -29.79
N THR A 353 18.93 30.11 -28.76
CA THR A 353 19.65 30.06 -27.50
C THR A 353 20.86 29.14 -27.64
N PHE A 354 21.95 29.46 -26.95
CA PHE A 354 23.10 28.57 -26.90
C PHE A 354 23.87 28.81 -25.60
N GLY A 355 24.80 27.91 -25.28
CA GLY A 355 25.71 28.14 -24.19
C GLY A 355 27.13 27.81 -24.63
N ILE A 356 28.08 28.50 -24.01
CA ILE A 356 29.46 28.41 -24.44
C ILE A 356 30.14 27.40 -23.52
N ARG A 357 30.56 26.26 -24.06
CA ARG A 357 31.28 25.28 -23.25
C ARG A 357 31.91 24.26 -24.18
N THR A 358 32.96 23.59 -23.68
CA THR A 358 33.60 22.53 -24.42
C THR A 358 33.39 21.22 -23.69
N VAL A 359 33.41 20.15 -24.49
CA VAL A 359 33.35 18.77 -24.00
C VAL A 359 34.49 18.00 -24.64
N GLU A 360 35.25 17.27 -23.85
CA GLU A 360 36.39 16.56 -24.41
C GLU A 360 36.66 15.34 -23.55
N VAL A 361 36.77 14.16 -24.18
CA VAL A 361 37.24 12.98 -23.47
C VAL A 361 38.75 12.98 -23.61
N SER A 362 39.43 12.87 -22.48
CA SER A 362 40.89 12.87 -22.43
C SER A 362 41.29 11.71 -21.54
N GLY A 363 41.79 10.63 -22.14
CA GLY A 363 42.20 9.51 -21.32
C GLY A 363 41.00 8.90 -20.62
N THR A 364 41.06 8.77 -19.32
CA THR A 364 39.90 8.26 -18.57
C THR A 364 39.12 9.39 -17.91
N THR A 365 39.26 10.63 -18.42
CA THR A 365 38.48 11.75 -17.89
C THR A 365 37.51 12.27 -18.93
N PHE A 366 36.45 12.88 -18.41
CA PHE A 366 35.40 13.55 -19.20
C PHE A 366 35.43 15.03 -18.84
N LEU A 367 36.00 15.87 -19.72
CA LEU A 367 36.26 17.27 -19.39
C LEU A 367 35.17 18.17 -19.93
N ILE A 368 34.55 18.92 -19.02
CA ILE A 368 33.67 20.00 -19.43
C ILE A 368 34.40 21.28 -19.07
N ASN A 369 34.61 22.12 -20.06
CA ASN A 369 35.37 23.37 -19.88
C ASN A 369 36.70 23.06 -19.21
N GLY A 370 37.31 21.94 -19.63
CA GLY A 370 38.61 21.51 -19.17
C GLY A 370 38.66 20.88 -17.77
N LYS A 371 37.49 20.72 -17.07
CA LYS A 371 37.41 20.25 -15.70
C LYS A 371 36.88 18.82 -15.68
N PRO A 372 37.42 17.96 -14.81
CA PRO A 372 37.02 16.55 -14.79
C PRO A 372 35.65 16.38 -14.13
N PHE A 373 34.65 16.10 -14.96
CA PHE A 373 33.25 15.97 -14.55
C PHE A 373 32.97 14.58 -14.03
N TYR A 374 32.02 14.49 -13.10
CA TYR A 374 31.52 13.21 -12.58
C TYR A 374 30.01 13.24 -12.73
N PHE A 375 29.45 12.29 -13.48
CA PHE A 375 27.97 12.26 -13.65
C PHE A 375 27.31 11.72 -12.37
N LYS A 376 26.24 12.39 -11.94
CA LYS A 376 25.37 11.93 -10.85
C LYS A 376 23.96 12.00 -11.39
N GLY A 377 23.28 10.85 -11.46
CA GLY A 377 21.94 10.96 -12.04
C GLY A 377 21.36 9.60 -12.33
N PHE A 378 20.64 9.51 -13.46
CA PHE A 378 19.76 8.37 -13.69
C PHE A 378 19.31 8.39 -15.15
N GLY A 379 18.83 7.25 -15.63
CA GLY A 379 17.94 7.24 -16.78
C GLY A 379 16.55 7.68 -16.33
N LYS A 380 15.87 8.39 -17.20
CA LYS A 380 14.50 8.85 -16.97
C LYS A 380 13.58 8.09 -17.94
N HIS A 381 12.31 8.46 -17.96
CA HIS A 381 11.38 8.14 -19.03
C HIS A 381 10.47 9.34 -19.15
N GLU A 382 9.89 9.53 -20.31
CA GLU A 382 8.72 10.41 -20.44
C GLU A 382 7.52 9.51 -20.13
N ASP A 383 7.04 9.57 -18.88
CA ASP A 383 6.01 8.64 -18.44
C ASP A 383 5.28 9.27 -17.28
N SER A 384 3.94 9.27 -17.31
CA SER A 384 3.17 9.78 -16.18
C SER A 384 1.74 9.26 -16.28
N TYR A 385 1.02 9.29 -15.15
CA TYR A 385 -0.26 8.60 -15.08
C TYR A 385 -1.31 8.62 -16.21
N PHE A 386 -1.75 9.76 -16.61
CA PHE A 386 -2.83 9.97 -17.59
C PHE A 386 -2.28 10.32 -18.96
N HIS A 387 -1.17 11.02 -18.93
CA HIS A 387 -0.53 11.45 -20.17
C HIS A 387 0.21 10.34 -20.90
N GLY A 388 0.63 9.28 -20.21
CA GLY A 388 1.42 8.24 -20.85
C GLY A 388 2.78 8.79 -21.22
N ARG A 389 3.12 8.79 -22.52
CA ARG A 389 4.35 9.41 -23.02
C ARG A 389 4.13 10.86 -23.43
N GLY A 390 2.93 11.38 -23.17
CA GLY A 390 2.59 12.73 -23.57
C GLY A 390 3.41 13.77 -22.83
N THR A 391 3.89 14.76 -23.56
CA THR A 391 4.70 15.80 -22.93
C THR A 391 3.85 16.63 -21.96
N ASP A 392 4.45 16.97 -20.82
CA ASP A 392 3.74 17.69 -19.76
C ASP A 392 4.77 18.60 -19.09
N ASP A 393 4.67 19.90 -19.35
CA ASP A 393 5.71 20.78 -18.86
C ASP A 393 5.62 21.04 -17.38
N VAL A 394 4.43 20.90 -16.79
CA VAL A 394 4.35 20.92 -15.33
C VAL A 394 5.20 19.83 -14.74
N LEU A 395 5.13 18.63 -15.32
CA LEU A 395 5.93 17.54 -14.82
C LEU A 395 7.41 17.74 -15.12
N ASN A 396 7.72 18.30 -16.28
CA ASN A 396 9.13 18.55 -16.59
C ASN A 396 9.73 19.51 -15.59
N VAL A 397 9.00 20.61 -15.32
CA VAL A 397 9.46 21.57 -14.31
C VAL A 397 9.63 20.90 -12.95
N LYS A 398 8.66 20.08 -12.53
CA LYS A 398 8.80 19.42 -11.23
C LYS A 398 10.00 18.48 -11.21
N ASP A 399 10.19 17.73 -12.29
CA ASP A 399 11.28 16.76 -12.33
C ASP A 399 12.63 17.45 -12.25
N VAL A 400 12.79 18.59 -12.93
CA VAL A 400 14.05 19.34 -12.83
C VAL A 400 14.28 19.81 -11.41
N SER A 401 13.22 20.24 -10.72
CA SER A 401 13.43 20.62 -9.32
C SER A 401 13.81 19.42 -8.45
N LEU A 402 13.27 18.23 -8.74
CA LEU A 402 13.67 17.02 -8.02
C LEU A 402 15.11 16.64 -8.31
N ILE A 403 15.54 16.81 -9.55
CA ILE A 403 16.96 16.59 -9.86
C ILE A 403 17.82 17.47 -8.96
N HIS A 404 17.44 18.74 -8.82
CA HIS A 404 18.18 19.62 -7.90
C HIS A 404 18.05 19.15 -6.45
N TRP A 405 16.83 18.77 -6.02
CA TRP A 405 16.63 18.32 -4.63
C TRP A 405 17.56 17.15 -4.31
N LEU A 406 17.70 16.23 -5.26
CA LEU A 406 18.54 15.06 -5.09
C LEU A 406 20.02 15.40 -5.15
N HIS A 407 20.40 16.60 -5.59
CA HIS A 407 21.80 16.97 -5.86
C HIS A 407 22.39 16.12 -6.98
N ALA A 408 21.55 15.64 -7.88
CA ALA A 408 22.03 15.05 -9.12
C ALA A 408 22.42 16.16 -10.10
N ASN A 409 23.15 15.80 -11.15
CA ASN A 409 23.51 16.79 -12.17
C ASN A 409 23.22 16.36 -13.61
N SER A 410 22.56 15.21 -13.84
CA SER A 410 22.51 14.69 -15.21
C SER A 410 21.45 13.62 -15.37
N PHE A 411 21.05 13.38 -16.62
CA PHE A 411 20.29 12.18 -16.89
C PHE A 411 20.50 11.81 -18.34
N ARG A 412 20.01 10.63 -18.71
CA ARG A 412 19.99 10.17 -20.09
C ARG A 412 18.54 10.12 -20.57
N THR A 413 18.30 10.47 -21.84
CA THR A 413 16.97 10.38 -22.44
C THR A 413 16.69 8.92 -22.85
N SER A 414 16.72 8.05 -21.86
CA SER A 414 16.31 6.66 -22.08
C SER A 414 14.84 6.61 -22.46
N HIS A 415 14.43 5.92 -23.54
CA HIS A 415 15.28 5.34 -24.60
C HIS A 415 14.84 5.94 -25.96
N TYR A 416 14.77 7.27 -26.02
CA TYR A 416 14.25 7.96 -27.20
C TYR A 416 14.47 9.44 -26.95
N PRO A 417 14.57 10.25 -28.00
CA PRO A 417 14.69 11.70 -27.78
C PRO A 417 13.44 12.21 -27.08
N TYR A 418 13.65 13.10 -26.09
CA TYR A 418 12.56 13.65 -25.30
C TYR A 418 11.96 14.88 -25.99
N ALA A 419 10.89 15.43 -25.41
CA ALA A 419 10.29 16.65 -25.97
C ALA A 419 11.29 17.82 -25.90
N GLU A 420 11.25 18.68 -26.93
CA GLU A 420 12.22 19.77 -27.06
C GLU A 420 12.23 20.68 -25.83
N SER A 421 11.07 20.90 -25.18
CA SER A 421 11.03 21.81 -24.04
C SER A 421 11.85 21.32 -22.85
N MET A 422 12.07 20.00 -22.71
CA MET A 422 12.88 19.50 -21.61
C MET A 422 14.34 19.90 -21.78
N TYR A 423 14.84 19.90 -23.00
CA TYR A 423 16.23 20.32 -23.22
C TYR A 423 16.40 21.82 -22.99
N ASP A 424 15.42 22.64 -23.40
CA ASP A 424 15.49 24.05 -23.04
C ASP A 424 15.51 24.23 -21.53
N LEU A 425 14.70 23.44 -20.82
CA LEU A 425 14.67 23.57 -19.38
C LEU A 425 16.02 23.19 -18.78
N CYS A 426 16.63 22.12 -19.28
CA CYS A 426 17.92 21.71 -18.73
C CYS A 426 19.02 22.69 -19.10
N ASP A 427 18.93 23.31 -20.27
CA ASP A 427 19.82 24.42 -20.63
C ASP A 427 19.76 25.51 -19.59
N ARG A 428 18.54 25.90 -19.18
CA ARG A 428 18.49 26.99 -18.22
C ARG A 428 18.81 26.55 -16.81
N GLU A 429 18.64 25.27 -16.47
CA GLU A 429 18.79 24.81 -15.10
C GLU A 429 20.14 24.12 -14.84
N GLY A 430 21.01 24.04 -15.84
CA GLY A 430 22.33 23.49 -15.56
C GLY A 430 22.39 21.98 -15.35
N ILE A 431 21.59 21.21 -16.06
CA ILE A 431 21.55 19.75 -15.94
C ILE A 431 22.06 19.16 -17.24
N VAL A 432 23.01 18.27 -17.15
CA VAL A 432 23.64 17.67 -18.33
C VAL A 432 22.83 16.48 -18.84
N ILE A 433 22.80 16.30 -20.15
CA ILE A 433 22.00 15.27 -20.81
C ILE A 433 22.85 14.39 -21.72
N ILE A 434 22.62 13.09 -21.65
CA ILE A 434 23.04 12.15 -22.70
C ILE A 434 21.82 11.90 -23.58
N ASP A 435 21.89 12.26 -24.88
CA ASP A 435 20.74 12.26 -25.79
C ASP A 435 20.77 10.93 -26.58
N GLU A 436 19.67 10.13 -26.49
CA GLU A 436 19.67 8.77 -27.02
C GLU A 436 18.56 8.58 -28.07
N VAL A 437 18.86 7.84 -29.16
CA VAL A 437 17.86 7.52 -30.19
C VAL A 437 17.03 6.30 -29.77
N PRO A 438 15.87 6.02 -30.42
CA PRO A 438 15.00 4.90 -29.99
C PRO A 438 15.46 3.54 -30.48
N ALA A 439 16.77 3.36 -30.62
CA ALA A 439 17.33 2.09 -31.08
C ALA A 439 17.50 1.13 -29.90
N VAL A 440 16.36 0.67 -29.38
CA VAL A 440 16.29 -0.24 -28.25
C VAL A 440 15.58 -1.52 -28.70
N GLY A 441 16.04 -2.65 -28.19
CA GLY A 441 15.50 -3.93 -28.57
C GLY A 441 16.21 -4.62 -29.73
N MET A 442 17.38 -4.13 -30.13
CA MET A 442 18.02 -4.59 -31.36
C MET A 442 18.83 -5.84 -31.13
N SER A 443 18.87 -6.69 -32.15
CA SER A 443 19.77 -7.84 -32.14
C SER A 443 20.16 -8.17 -33.57
N TRP A 444 20.76 -9.35 -33.77
CA TRP A 444 21.33 -9.66 -35.09
C TRP A 444 20.29 -9.68 -36.19
N LEU A 445 19.05 -10.03 -35.85
CA LEU A 445 17.96 -9.96 -36.81
C LEU A 445 17.84 -8.56 -37.42
N GLN A 446 18.05 -7.52 -36.61
CA GLN A 446 17.95 -6.15 -37.11
C GLN A 446 19.19 -5.74 -37.91
N TYR A 447 20.37 -6.24 -37.57
CA TYR A 447 21.58 -5.77 -38.23
C TYR A 447 21.60 -6.11 -39.71
N ALA A 448 20.95 -7.22 -40.08
CA ALA A 448 20.88 -7.67 -41.46
C ALA A 448 19.74 -7.03 -42.26
N ASN A 449 18.98 -6.09 -41.68
CA ASN A 449 17.78 -5.54 -42.33
C ASN A 449 18.04 -4.12 -42.82
N PRO A 450 18.09 -3.89 -44.15
CA PRO A 450 18.36 -2.54 -44.68
C PRO A 450 17.41 -1.50 -44.18
N LEU A 451 16.13 -1.85 -43.97
CA LEU A 451 15.14 -0.86 -43.56
C LEU A 451 15.43 -0.38 -42.15
N VAL A 452 15.83 -1.31 -41.28
CA VAL A 452 16.21 -0.93 -39.92
C VAL A 452 17.41 -0.01 -39.95
N ALA A 453 18.44 -0.37 -40.72
CA ALA A 453 19.63 0.48 -40.76
C ALA A 453 19.31 1.88 -41.23
N GLU A 454 18.41 2.02 -42.24
CA GLU A 454 18.03 3.35 -42.69
C GLU A 454 17.25 4.10 -41.60
N ARG A 455 16.33 3.43 -40.91
CA ARG A 455 15.61 4.11 -39.84
C ARG A 455 16.56 4.54 -38.72
N HIS A 456 17.59 3.74 -38.50
CA HIS A 456 18.56 4.06 -37.46
C HIS A 456 19.36 5.29 -37.84
N ARG A 457 19.79 5.37 -39.11
CA ARG A 457 20.51 6.56 -39.53
C ARG A 457 19.60 7.80 -39.49
N GLU A 458 18.33 7.65 -39.87
CA GLU A 458 17.36 8.76 -39.78
C GLU A 458 17.24 9.25 -38.36
N ALA A 459 17.15 8.32 -37.41
CA ALA A 459 16.99 8.72 -36.03
C ALA A 459 18.22 9.47 -35.53
N ILE A 460 19.42 8.99 -35.88
CA ILE A 460 20.62 9.69 -35.45
C ILE A 460 20.70 11.06 -36.07
N ARG A 461 20.53 11.15 -37.41
CA ARG A 461 20.62 12.44 -38.07
C ARG A 461 19.54 13.37 -37.53
N GLY A 462 18.34 12.84 -37.30
CA GLY A 462 17.22 13.68 -36.91
C GLY A 462 17.37 14.19 -35.49
N MET A 463 17.87 13.33 -34.59
CA MET A 463 18.11 13.74 -33.20
C MET A 463 19.16 14.85 -33.15
N ILE A 464 20.29 14.63 -33.82
CA ILE A 464 21.35 15.62 -33.78
C ILE A 464 20.93 16.92 -34.49
N ALA A 465 20.22 16.84 -35.61
CA ALA A 465 19.79 18.07 -36.27
C ALA A 465 18.86 18.88 -35.37
N ARG A 466 17.98 18.18 -34.63
CA ARG A 466 17.05 18.84 -33.74
C ARG A 466 17.78 19.44 -32.53
N ASP A 467 18.75 18.73 -31.97
CA ASP A 467 19.25 18.99 -30.62
C ASP A 467 20.65 19.60 -30.55
N LYS A 468 21.31 19.84 -31.70
CA LYS A 468 22.73 20.18 -31.72
C LYS A 468 23.04 21.47 -30.98
N ASN A 469 22.10 22.40 -30.85
CA ASN A 469 22.47 23.69 -30.25
C ASN A 469 22.37 23.69 -28.72
N HIS A 470 21.90 22.62 -28.10
CA HIS A 470 21.76 22.63 -26.65
C HIS A 470 23.09 22.46 -25.94
N PRO A 471 23.49 23.39 -25.06
CA PRO A 471 24.72 23.20 -24.31
C PRO A 471 24.59 22.08 -23.29
N CYS A 472 23.36 21.78 -22.86
CA CYS A 472 23.27 20.73 -21.85
C CYS A 472 23.60 19.36 -22.39
N ILE A 473 23.49 19.14 -23.70
CA ILE A 473 23.79 17.81 -24.23
C ILE A 473 25.32 17.68 -24.33
N VAL A 474 25.86 16.66 -23.69
CA VAL A 474 27.31 16.45 -23.71
C VAL A 474 27.72 15.18 -24.42
N MET A 475 26.78 14.32 -24.79
CA MET A 475 27.14 13.01 -25.32
C MET A 475 25.91 12.45 -26.03
N TRP A 476 26.17 11.68 -27.10
CA TRP A 476 25.10 11.03 -27.87
C TRP A 476 25.16 9.54 -27.59
N SER A 477 23.99 8.92 -27.43
CA SER A 477 23.92 7.45 -27.34
C SER A 477 23.22 6.89 -28.57
N ILE A 478 23.88 5.94 -29.26
CA ILE A 478 23.31 5.46 -30.51
C ILE A 478 22.47 4.20 -30.35
N ALA A 479 22.37 3.63 -29.14
CA ALA A 479 21.50 2.48 -28.92
C ALA A 479 21.47 2.18 -27.45
N ASN A 480 20.41 1.46 -27.05
CA ASN A 480 20.35 0.93 -25.69
C ASN A 480 20.24 -0.58 -25.74
N GLU A 481 21.23 -1.24 -25.15
CA GLU A 481 21.24 -2.69 -24.97
C GLU A 481 21.04 -3.51 -26.25
N PRO A 482 21.74 -3.18 -27.33
CA PRO A 482 21.73 -4.08 -28.49
C PRO A 482 22.55 -5.32 -28.18
N GLY A 483 22.35 -6.38 -28.96
CA GLY A 483 23.16 -7.58 -28.75
C GLY A 483 24.53 -7.35 -29.37
N LEU A 484 25.58 -7.57 -28.56
CA LEU A 484 26.95 -7.29 -28.99
C LEU A 484 27.89 -8.47 -28.78
N ASP A 485 27.51 -9.46 -27.98
CA ASP A 485 28.47 -10.46 -27.51
C ASP A 485 28.16 -11.80 -28.15
N GLY A 486 28.88 -12.85 -27.72
CA GLY A 486 28.55 -14.16 -28.23
C GLY A 486 29.70 -14.80 -28.98
N ASP A 487 29.39 -15.84 -29.74
CA ASP A 487 30.37 -16.70 -30.43
C ASP A 487 30.38 -16.41 -31.91
N GLY A 488 31.35 -17.05 -32.55
CA GLY A 488 31.36 -17.01 -34.00
C GLY A 488 31.48 -15.60 -34.51
N GLU A 489 30.70 -15.29 -35.52
CA GLU A 489 30.78 -14.00 -36.16
C GLU A 489 29.88 -12.96 -35.50
N ARG A 490 29.14 -13.32 -34.48
CA ARG A 490 28.14 -12.39 -33.95
C ARG A 490 28.81 -11.12 -33.42
N PRO A 491 29.90 -11.17 -32.65
CA PRO A 491 30.50 -9.90 -32.20
C PRO A 491 30.98 -9.02 -33.32
N ARG A 492 31.59 -9.59 -34.35
CA ARG A 492 32.02 -8.79 -35.50
C ARG A 492 30.84 -8.22 -36.29
N GLN A 493 29.74 -8.99 -36.42
CA GLN A 493 28.56 -8.49 -37.10
C GLN A 493 27.99 -7.28 -36.37
N ALA A 494 27.92 -7.34 -35.05
CA ALA A 494 27.46 -6.18 -34.28
C ALA A 494 28.38 -4.98 -34.47
N TYR A 495 29.69 -5.21 -34.41
CA TYR A 495 30.66 -4.13 -34.61
C TYR A 495 30.50 -3.48 -35.98
N ASP A 496 30.38 -4.29 -37.02
CA ASP A 496 30.27 -3.75 -38.37
C ASP A 496 28.96 -3.00 -38.58
N TYR A 497 27.92 -3.34 -37.80
CA TYR A 497 26.66 -2.58 -37.84
C TYR A 497 26.81 -1.23 -37.15
N PHE A 498 27.48 -1.21 -36.00
CA PHE A 498 27.46 0.01 -35.17
C PHE A 498 28.57 0.98 -35.47
N ARG A 499 29.71 0.51 -35.99
CA ARG A 499 30.78 1.46 -36.26
C ARG A 499 30.39 2.56 -37.24
N PRO A 500 29.68 2.31 -38.36
CA PRO A 500 29.29 3.42 -39.21
C PRO A 500 28.34 4.36 -38.54
N LEU A 501 27.59 3.87 -37.53
CA LEU A 501 26.65 4.76 -36.86
C LEU A 501 27.39 5.65 -35.88
N TYR A 502 28.42 5.10 -35.23
CA TYR A 502 29.30 5.93 -34.42
C TYR A 502 29.90 7.04 -35.27
N GLU A 503 30.39 6.69 -36.47
CA GLU A 503 30.97 7.68 -37.37
C GLU A 503 29.94 8.71 -37.79
N LEU A 504 28.70 8.27 -38.04
CA LEU A 504 27.64 9.19 -38.47
C LEU A 504 27.30 10.20 -37.39
N ALA A 505 27.24 9.75 -36.12
CA ALA A 505 26.97 10.68 -35.02
C ALA A 505 28.06 11.75 -34.91
N HIS A 506 29.31 11.35 -35.09
CA HIS A 506 30.40 12.32 -35.10
C HIS A 506 30.34 13.26 -36.30
N ALA A 507 29.99 12.73 -37.48
CA ALA A 507 29.93 13.56 -38.69
C ALA A 507 28.77 14.56 -38.60
N SER A 508 27.68 14.17 -37.94
CA SER A 508 26.46 14.97 -37.92
C SER A 508 26.54 16.11 -36.92
N ASP A 509 27.32 15.95 -35.85
CA ASP A 509 27.32 16.93 -34.78
C ASP A 509 28.41 17.95 -35.02
N PRO A 510 28.08 19.22 -35.24
CA PRO A 510 29.12 20.23 -35.47
C PRO A 510 29.98 20.50 -34.26
N GLN A 511 29.54 20.14 -33.06
CA GLN A 511 30.30 20.23 -31.84
C GLN A 511 31.21 19.02 -31.64
N ASN A 512 31.00 17.96 -32.41
CA ASN A 512 31.79 16.73 -32.31
C ASN A 512 31.85 16.16 -30.88
N ARG A 513 30.69 16.09 -30.22
CA ARG A 513 30.62 15.53 -28.88
C ARG A 513 30.91 14.02 -28.85
N PRO A 514 31.29 13.50 -27.69
CA PRO A 514 31.53 12.05 -27.58
C PRO A 514 30.28 11.26 -27.91
N VAL A 515 30.51 10.04 -28.37
CA VAL A 515 29.45 9.11 -28.76
C VAL A 515 29.61 7.83 -27.97
N THR A 516 28.50 7.34 -27.44
CA THR A 516 28.53 6.09 -26.72
C THR A 516 27.41 5.20 -27.27
N LEU A 517 27.35 4.02 -26.69
CA LEU A 517 26.35 2.99 -26.92
C LEU A 517 26.12 2.39 -25.54
N VAL A 518 24.88 2.35 -25.08
CA VAL A 518 24.63 1.85 -23.73
C VAL A 518 24.49 0.33 -23.77
N CYS A 519 25.34 -0.34 -23.00
CA CYS A 519 25.57 -1.77 -23.10
C CYS A 519 24.80 -2.57 -22.05
N CYS A 520 24.06 -3.58 -22.49
N CYS A 520 24.09 -3.60 -22.52
CA CYS A 520 23.39 -4.44 -21.53
CA CYS A 520 23.42 -4.57 -21.68
C CYS A 520 24.38 -5.33 -20.79
C CYS A 520 24.42 -5.34 -20.81
N GLN A 521 23.94 -5.84 -19.67
CA GLN A 521 24.69 -6.86 -18.94
C GLN A 521 25.00 -8.02 -19.87
N ASN A 522 26.29 -8.28 -20.14
CA ASN A 522 26.61 -9.28 -21.17
C ASN A 522 27.98 -9.91 -20.85
N ASP A 523 28.43 -10.78 -21.75
CA ASP A 523 29.78 -11.34 -21.62
C ASP A 523 30.73 -10.30 -22.20
N TYR A 524 31.28 -9.49 -21.31
CA TYR A 524 32.11 -8.38 -21.70
C TYR A 524 33.41 -8.84 -22.34
N THR A 525 33.75 -10.15 -22.23
CA THR A 525 34.98 -10.60 -22.86
C THR A 525 34.80 -10.91 -24.34
N THR A 526 33.57 -11.12 -24.82
CA THR A 526 33.38 -11.37 -26.25
C THR A 526 32.77 -10.19 -27.00
N ASP A 527 32.16 -9.25 -26.29
CA ASP A 527 31.74 -7.96 -26.89
C ASP A 527 32.96 -7.19 -27.37
N ILE A 528 33.05 -6.86 -28.66
CA ILE A 528 34.18 -6.09 -29.16
C ILE A 528 33.77 -4.68 -29.53
N THR A 529 32.51 -4.31 -29.25
CA THR A 529 31.99 -3.01 -29.70
C THR A 529 32.01 -1.97 -28.58
N GLU A 530 31.48 -2.33 -27.40
CA GLU A 530 31.34 -1.33 -26.34
C GLU A 530 32.68 -0.67 -26.04
N ARG A 531 33.78 -1.45 -25.97
CA ARG A 531 35.08 -0.88 -25.61
C ARG A 531 35.63 0.12 -26.63
N THR A 532 35.05 0.24 -27.82
CA THR A 532 35.51 1.19 -28.83
C THR A 532 34.75 2.51 -28.79
N MET A 533 33.76 2.63 -27.92
CA MET A 533 33.04 3.89 -27.80
C MET A 533 33.89 4.94 -27.11
N ASP A 534 33.44 6.18 -27.18
CA ASP A 534 34.23 7.28 -26.59
C ASP A 534 34.18 7.26 -25.09
N VAL A 535 33.02 6.88 -24.53
CA VAL A 535 32.83 6.65 -23.12
C VAL A 535 32.14 5.32 -23.03
N VAL A 536 32.59 4.48 -22.10
CA VAL A 536 31.97 3.17 -21.88
C VAL A 536 30.80 3.36 -20.92
N CYS A 537 29.58 3.02 -21.38
CA CYS A 537 28.37 3.20 -20.56
C CYS A 537 27.74 1.84 -20.39
N ILE A 538 27.75 1.34 -19.15
CA ILE A 538 27.32 -0.02 -18.86
C ILE A 538 26.09 -0.03 -17.98
N ASN A 539 25.20 -0.97 -18.29
CA ASN A 539 24.03 -1.28 -17.47
C ASN A 539 24.33 -2.57 -16.77
N ARG A 540 24.31 -2.55 -15.43
CA ARG A 540 24.64 -3.78 -14.68
C ARG A 540 23.68 -3.94 -13.54
N TYR A 541 23.28 -5.19 -13.27
CA TYR A 541 22.28 -5.55 -12.27
C TYR A 541 22.78 -6.71 -11.43
N TYR A 542 24.07 -6.70 -11.14
CA TYR A 542 24.63 -7.67 -10.19
C TYR A 542 23.86 -7.60 -8.88
N GLY A 543 23.37 -8.75 -8.40
CA GLY A 543 22.62 -8.78 -7.15
C GLY A 543 21.12 -8.62 -7.32
N TRP A 544 20.67 -8.25 -8.51
CA TRP A 544 19.24 -8.19 -8.84
C TRP A 544 18.89 -9.31 -9.81
N TYR A 545 19.30 -9.23 -11.08
CA TYR A 545 19.00 -10.26 -12.06
C TYR A 545 19.94 -11.45 -11.98
N ASN A 546 20.98 -11.33 -11.20
CA ASN A 546 21.87 -12.45 -10.94
C ASN A 546 22.34 -12.33 -9.51
N LEU A 547 22.90 -13.41 -8.95
CA LEU A 547 23.38 -13.36 -7.58
C LEU A 547 22.33 -12.73 -6.67
N SER A 548 21.07 -13.13 -6.88
CA SER A 548 19.95 -12.33 -6.41
C SER A 548 19.94 -12.19 -4.90
N GLY A 549 19.91 -10.94 -4.45
CA GLY A 549 19.85 -10.63 -3.03
C GLY A 549 21.14 -10.71 -2.26
N ASP A 550 22.23 -11.17 -2.88
CA ASP A 550 23.49 -11.45 -2.19
C ASP A 550 24.44 -10.32 -2.54
N LEU A 551 24.46 -9.27 -1.71
CA LEU A 551 25.24 -8.08 -2.07
C LEU A 551 26.73 -8.33 -1.96
N ASP A 552 27.17 -9.22 -1.07
CA ASP A 552 28.58 -9.58 -1.06
C ASP A 552 29.02 -10.17 -2.40
N ALA A 553 28.30 -11.20 -2.87
CA ALA A 553 28.64 -11.78 -4.16
C ALA A 553 28.48 -10.76 -5.28
N ALA A 554 27.44 -9.92 -5.24
CA ALA A 554 27.26 -8.91 -6.27
C ALA A 554 28.45 -7.97 -6.33
N CYS A 555 28.94 -7.51 -5.18
CA CYS A 555 30.10 -6.65 -5.19
C CYS A 555 31.36 -7.38 -5.65
N HIS A 556 31.51 -8.65 -5.31
CA HIS A 556 32.65 -9.42 -5.82
C HIS A 556 32.61 -9.54 -7.34
N ALA A 557 31.45 -9.90 -7.89
CA ALA A 557 31.28 -9.97 -9.35
C ALA A 557 31.53 -8.62 -9.99
N LEU A 558 30.93 -7.56 -9.46
CA LEU A 558 31.20 -6.23 -10.02
C LEU A 558 32.70 -5.92 -10.07
N ASN A 559 33.41 -6.21 -8.97
CA ASN A 559 34.83 -5.90 -8.90
C ASN A 559 35.63 -6.71 -9.91
N ILE A 560 35.20 -7.95 -10.20
CA ILE A 560 35.84 -8.74 -11.27
C ILE A 560 35.67 -8.05 -12.61
N GLU A 561 34.47 -7.51 -12.88
CA GLU A 561 34.31 -6.84 -14.16
C GLU A 561 34.99 -5.48 -14.14
N LEU A 562 35.00 -4.79 -12.99
CA LEU A 562 35.71 -3.52 -12.96
C LEU A 562 37.21 -3.74 -13.21
N ASP A 563 37.73 -4.86 -12.76
CA ASP A 563 39.14 -5.15 -13.06
C ASP A 563 39.37 -5.29 -14.55
N PHE A 564 38.37 -5.80 -15.27
CA PHE A 564 38.44 -5.86 -16.74
C PHE A 564 38.47 -4.44 -17.33
N TRP A 565 37.54 -3.58 -16.91
CA TRP A 565 37.50 -2.25 -17.50
C TRP A 565 38.68 -1.38 -17.11
N GLU A 566 39.30 -1.68 -15.96
CA GLU A 566 40.43 -0.89 -15.49
C GLU A 566 41.56 -0.85 -16.50
N ASN A 567 41.72 -1.92 -17.25
CA ASN A 567 42.75 -2.03 -18.26
C ASN A 567 42.35 -1.50 -19.63
N ILE A 568 41.13 -0.99 -19.81
CA ILE A 568 40.75 -0.67 -21.18
C ILE A 568 41.22 0.74 -21.56
N GLY A 569 41.37 1.66 -20.60
CA GLY A 569 41.87 2.99 -20.87
C GLY A 569 40.78 3.96 -21.25
N LYS A 570 39.51 3.58 -21.05
CA LYS A 570 38.40 4.44 -21.41
C LYS A 570 37.75 4.97 -20.15
N PRO A 571 37.17 6.16 -20.15
CA PRO A 571 36.26 6.49 -19.03
C PRO A 571 35.08 5.52 -19.04
N VAL A 572 34.64 5.11 -17.86
CA VAL A 572 33.52 4.19 -17.72
C VAL A 572 32.50 4.79 -16.77
N MET A 573 31.20 4.61 -17.06
CA MET A 573 30.18 4.99 -16.10
C MET A 573 29.03 4.00 -16.13
N PHE A 574 28.32 3.93 -15.01
CA PHE A 574 27.00 3.30 -15.02
C PHE A 574 26.03 4.20 -15.73
N THR A 575 25.25 3.61 -16.65
CA THR A 575 24.01 4.25 -17.11
C THR A 575 22.76 3.57 -16.55
N GLU A 576 22.88 2.37 -15.97
CA GLU A 576 21.78 1.74 -15.23
C GLU A 576 22.33 0.80 -14.19
N TYR A 577 21.65 0.76 -13.06
CA TYR A 577 21.78 -0.25 -12.01
C TYR A 577 20.72 0.04 -10.96
N GLY A 578 20.09 -0.98 -10.40
CA GLY A 578 18.98 -0.73 -9.50
C GLY A 578 18.24 -2.00 -9.15
N ALA A 579 17.12 -1.82 -8.46
CA ALA A 579 16.40 -2.93 -7.83
C ALA A 579 14.93 -2.53 -7.76
N ASP A 580 14.01 -3.40 -8.20
CA ASP A 580 12.58 -3.04 -8.09
C ASP A 580 12.20 -2.93 -6.61
N THR A 581 11.42 -1.89 -6.29
CA THR A 581 11.20 -1.54 -4.89
C THR A 581 9.78 -1.05 -4.76
N ILE A 582 8.99 -1.69 -3.88
CA ILE A 582 7.61 -1.25 -3.68
C ILE A 582 7.58 -0.36 -2.44
N GLU A 583 7.19 0.91 -2.61
CA GLU A 583 7.19 1.79 -1.45
C GLU A 583 6.31 1.19 -0.38
N GLY A 584 6.80 1.21 0.83
CA GLY A 584 6.07 0.68 1.96
C GLY A 584 6.41 -0.74 2.33
N ILE A 585 7.16 -1.44 1.50
CA ILE A 585 7.68 -2.76 1.87
C ILE A 585 8.97 -2.52 2.64
N HIS A 586 9.03 -3.06 3.88
CA HIS A 586 10.13 -2.76 4.79
C HIS A 586 10.63 -4.06 5.43
N GLY A 587 11.89 -4.08 5.78
CA GLY A 587 12.45 -5.20 6.55
C GLY A 587 13.64 -4.75 7.36
N THR A 588 13.88 -5.44 8.49
CA THR A 588 15.10 -5.11 9.23
C THR A 588 16.36 -5.54 8.48
N HIS A 589 16.24 -6.59 7.66
CA HIS A 589 17.31 -7.10 6.78
C HIS A 589 16.65 -7.17 5.43
N GLY A 590 16.74 -6.05 4.73
CA GLY A 590 15.89 -5.84 3.57
C GLY A 590 16.12 -6.86 2.49
N GLU A 591 15.04 -7.47 2.05
CA GLU A 591 15.07 -8.40 0.93
C GLU A 591 14.60 -7.69 -0.32
N MET A 592 14.82 -8.34 -1.46
CA MET A 592 14.38 -7.82 -2.75
C MET A 592 12.93 -7.37 -2.70
N PHE A 593 12.71 -6.15 -3.17
CA PHE A 593 11.47 -5.34 -3.28
C PHE A 593 11.26 -4.43 -2.07
N SER A 594 12.03 -4.59 -0.98
CA SER A 594 11.92 -3.68 0.16
C SER A 594 12.68 -2.38 -0.10
N GLU A 595 12.23 -1.31 0.56
CA GLU A 595 12.94 -0.03 0.47
C GLU A 595 14.36 -0.16 1.00
N GLU A 596 14.55 -0.99 2.04
CA GLU A 596 15.87 -1.16 2.62
C GLU A 596 16.81 -1.84 1.64
N PHE A 597 16.34 -2.86 0.92
CA PHE A 597 17.23 -3.51 -0.04
C PHE A 597 17.68 -2.52 -1.12
N GLN A 598 16.78 -1.64 -1.60
CA GLN A 598 17.20 -0.67 -2.62
C GLN A 598 18.29 0.26 -2.08
N ARG A 599 18.11 0.76 -0.84
CA ARG A 599 19.11 1.62 -0.22
C ARG A 599 20.44 0.88 -0.05
N ASP A 600 20.39 -0.36 0.48
CA ASP A 600 21.60 -1.16 0.69
C ASP A 600 22.30 -1.43 -0.64
N TYR A 601 21.50 -1.69 -1.68
CA TYR A 601 22.02 -1.96 -3.02
C TYR A 601 22.92 -0.81 -3.47
N TYR A 602 22.41 0.43 -3.41
CA TYR A 602 23.24 1.55 -3.85
C TYR A 602 24.40 1.80 -2.89
N ALA A 603 24.16 1.62 -1.58
CA ALA A 603 25.25 1.85 -0.64
C ALA A 603 26.43 0.91 -0.93
N ARG A 604 26.14 -0.37 -1.19
CA ARG A 604 27.23 -1.32 -1.40
C ARG A 604 27.89 -1.10 -2.75
N ILE A 605 27.10 -0.94 -3.81
CA ILE A 605 27.71 -0.82 -5.15
C ILE A 605 28.50 0.48 -5.26
N ASN A 606 27.97 1.58 -4.72
CA ASN A 606 28.67 2.86 -4.86
C ASN A 606 29.98 2.85 -4.08
N ALA A 607 30.04 2.08 -2.99
CA ALA A 607 31.30 2.00 -2.26
C ALA A 607 32.36 1.37 -3.14
N GLU A 608 31.97 0.46 -4.02
CA GLU A 608 32.97 -0.19 -4.85
C GLU A 608 33.44 0.73 -5.98
N ILE A 609 32.53 1.46 -6.64
CA ILE A 609 33.01 2.25 -7.77
C ILE A 609 33.80 3.45 -7.28
N ASP A 610 33.59 3.89 -6.01
CA ASP A 610 34.38 5.00 -5.47
C ASP A 610 35.87 4.66 -5.41
N LYS A 611 36.22 3.39 -5.45
CA LYS A 611 37.63 3.02 -5.40
C LYS A 611 38.30 3.06 -6.75
N ARG A 612 37.56 3.38 -7.84
CA ARG A 612 38.08 3.30 -9.20
C ARG A 612 38.21 4.70 -9.76
N PRO A 613 39.43 5.21 -10.00
CA PRO A 613 39.54 6.60 -10.43
C PRO A 613 39.05 6.84 -11.85
N TRP A 614 38.98 5.80 -12.68
CA TRP A 614 38.59 5.89 -14.06
C TRP A 614 37.08 5.74 -14.26
N PHE A 615 36.32 5.55 -13.17
CA PHE A 615 34.86 5.39 -13.22
C PHE A 615 34.28 6.78 -12.99
N ILE A 616 33.72 7.38 -14.04
CA ILE A 616 33.48 8.83 -14.09
C ILE A 616 32.00 9.17 -13.93
N GLY A 617 31.15 8.21 -13.61
CA GLY A 617 29.77 8.62 -13.39
C GLY A 617 28.90 7.49 -12.87
N GLU A 618 27.77 7.87 -12.24
CA GLU A 618 26.82 6.91 -11.70
C GLU A 618 25.45 7.40 -12.12
N GLN A 619 24.90 6.83 -13.19
CA GLN A 619 23.50 7.06 -13.53
C GLN A 619 22.77 5.76 -13.24
N LEU A 620 21.80 5.83 -12.33
CA LEU A 620 21.13 4.63 -11.90
C LEU A 620 19.88 4.42 -12.75
N TRP A 621 19.23 3.27 -12.57
CA TRP A 621 17.91 3.08 -13.16
C TRP A 621 16.94 2.88 -11.99
N ASN A 622 15.85 3.64 -11.88
CA ASN A 622 15.43 4.75 -12.76
C ASN A 622 15.08 5.91 -11.83
N PHE A 623 15.01 7.12 -12.40
CA PHE A 623 14.46 8.28 -11.71
C PHE A 623 13.14 7.96 -11.03
N ALA A 624 12.19 7.39 -11.78
CA ALA A 624 10.85 7.18 -11.18
C ALA A 624 10.18 5.95 -11.78
N ASP A 625 9.33 5.28 -10.99
CA ASP A 625 8.63 4.10 -11.52
C ASP A 625 7.84 4.46 -12.77
N PHE A 626 7.68 3.50 -13.71
CA PHE A 626 7.06 3.84 -14.99
C PHE A 626 6.34 2.63 -15.57
N ALA A 627 5.50 2.88 -16.56
CA ALA A 627 4.61 1.81 -17.05
C ALA A 627 5.32 0.91 -18.04
N THR A 628 4.93 -0.38 -18.04
CA THR A 628 5.49 -1.37 -18.96
C THR A 628 4.34 -2.22 -19.48
N PHE A 629 4.62 -2.99 -20.53
CA PHE A 629 3.74 -4.11 -20.87
C PHE A 629 3.58 -5.02 -19.66
N GLN A 630 2.39 -5.61 -19.51
CA GLN A 630 2.15 -6.41 -18.30
C GLN A 630 2.93 -7.73 -18.35
N GLY A 631 3.34 -8.20 -17.18
CA GLY A 631 4.02 -9.49 -17.12
C GLY A 631 4.40 -9.82 -15.71
N ILE A 632 4.96 -11.04 -15.54
CA ILE A 632 5.12 -11.56 -14.19
C ILE A 632 6.26 -10.89 -13.43
N ILE A 633 7.13 -10.07 -14.06
CA ILE A 633 8.13 -9.39 -13.25
C ILE A 633 7.87 -7.91 -13.13
N ARG A 634 6.70 -7.43 -13.55
CA ARG A 634 6.44 -5.99 -13.56
C ARG A 634 5.21 -5.72 -12.70
N VAL A 635 5.43 -5.19 -11.50
CA VAL A 635 4.35 -4.96 -10.53
C VAL A 635 3.77 -3.58 -10.78
N GLU A 636 2.76 -3.51 -11.64
CA GLU A 636 2.23 -2.25 -12.11
C GLU A 636 3.32 -1.44 -12.82
N GLY A 637 4.13 -2.14 -13.59
CA GLY A 637 5.19 -1.47 -14.33
C GLY A 637 6.54 -1.75 -13.70
N ASN A 638 7.52 -0.94 -14.09
CA ASN A 638 8.90 -1.08 -13.60
C ASN A 638 9.01 -0.30 -12.28
N ARG A 639 9.44 -0.95 -11.20
CA ARG A 639 9.50 -0.29 -9.91
C ARG A 639 10.93 -0.03 -9.43
N LYS A 640 11.89 0.06 -10.38
CA LYS A 640 13.25 0.44 -9.99
C LYS A 640 13.40 1.96 -9.75
N GLY A 641 12.32 2.74 -9.80
CA GLY A 641 12.49 4.16 -9.54
C GLY A 641 12.99 4.38 -8.12
N ILE A 642 13.83 5.40 -7.95
CA ILE A 642 14.12 5.88 -6.59
C ILE A 642 12.99 6.78 -6.12
N LEU A 643 12.22 7.31 -7.05
CA LEU A 643 10.94 7.96 -6.78
C LEU A 643 9.79 7.07 -7.25
N THR A 644 8.62 7.21 -6.59
CA THR A 644 7.43 6.53 -7.08
C THR A 644 6.96 7.18 -8.39
N ARG A 645 5.94 6.59 -9.02
CA ARG A 645 5.44 7.19 -10.25
C ARG A 645 4.86 8.58 -10.01
N ASP A 646 4.38 8.86 -8.79
CA ASP A 646 3.93 10.20 -8.42
C ASP A 646 5.05 11.02 -7.82
N ARG A 647 6.32 10.61 -8.02
CA ARG A 647 7.50 11.44 -7.75
C ARG A 647 7.74 11.61 -6.25
N GLN A 648 7.33 10.59 -5.46
CA GLN A 648 7.60 10.67 -4.03
C GLN A 648 8.84 9.86 -3.71
N PRO A 649 9.66 10.29 -2.76
CA PRO A 649 10.97 9.65 -2.57
C PRO A 649 10.88 8.38 -1.73
N LYS A 650 11.44 7.29 -2.24
CA LYS A 650 11.68 6.10 -1.43
C LYS A 650 12.92 6.26 -0.55
N MET A 651 13.11 5.34 0.39
CA MET A 651 14.28 5.39 1.28
C MET A 651 15.58 5.64 0.49
N ALA A 652 15.75 4.94 -0.61
CA ALA A 652 17.01 5.06 -1.33
C ALA A 652 17.21 6.45 -1.88
N ALA A 653 16.13 7.16 -2.24
CA ALA A 653 16.28 8.52 -2.73
C ALA A 653 16.89 9.43 -1.66
N HIS A 654 16.45 9.28 -0.42
CA HIS A 654 17.03 10.10 0.65
C HIS A 654 18.51 9.78 0.85
N TRP A 655 18.86 8.50 0.78
CA TRP A 655 20.25 8.09 0.96
C TRP A 655 21.12 8.67 -0.17
N LEU A 656 20.63 8.55 -1.39
CA LEU A 656 21.34 9.09 -2.54
C LEU A 656 21.48 10.59 -2.45
N ARG A 657 20.42 11.29 -2.03
CA ARG A 657 20.49 12.74 -1.89
C ARG A 657 21.61 13.13 -0.94
N GLU A 658 21.75 12.39 0.16
CA GLU A 658 22.83 12.69 1.09
C GLU A 658 24.20 12.41 0.46
N ARG A 659 24.33 11.29 -0.25
CA ARG A 659 25.60 10.99 -0.91
C ARG A 659 25.94 12.05 -1.94
N TRP A 660 24.97 12.40 -2.79
CA TRP A 660 25.26 13.28 -3.89
C TRP A 660 25.47 14.70 -3.43
N ALA A 661 24.95 15.06 -2.24
CA ALA A 661 25.22 16.38 -1.69
C ALA A 661 26.71 16.57 -1.39
N GLY A 662 27.43 15.50 -1.16
CA GLY A 662 28.85 15.55 -0.84
C GLY A 662 29.78 15.26 -2.00
N ILE A 663 29.28 15.14 -3.22
CA ILE A 663 30.09 14.86 -4.40
C ILE A 663 30.04 16.09 -5.32
N PRO A 664 31.18 16.70 -5.63
CA PRO A 664 31.18 17.89 -6.49
C PRO A 664 31.05 17.50 -7.95
N ASP A 665 30.49 18.42 -8.74
CA ASP A 665 30.41 18.22 -10.19
C ASP A 665 31.79 18.02 -10.81
N TYR A 666 32.77 18.80 -10.38
CA TYR A 666 34.13 18.73 -10.90
C TYR A 666 35.12 18.28 -9.83
N GLY A 667 36.06 17.44 -10.22
CA GLY A 667 37.19 17.13 -9.35
C GLY A 667 36.96 16.03 -8.33
N TYR A 668 35.82 15.34 -8.37
CA TYR A 668 35.62 14.22 -7.45
C TYR A 668 36.72 13.18 -7.63
N LYS A 669 37.10 12.91 -8.87
CA LYS A 669 38.21 12.02 -9.17
C LYS A 669 39.27 12.73 -10.03
N ASN B 1 -19.49 42.94 -19.62
CA ASN B 1 -19.90 41.79 -18.81
C ASN B 1 -19.70 40.41 -19.50
N GLY B 2 -19.71 40.38 -20.83
CA GLY B 2 -19.44 39.14 -21.53
C GLY B 2 -17.98 38.74 -21.42
N MET B 3 -17.76 37.43 -21.35
CA MET B 3 -16.38 36.87 -21.29
C MET B 3 -16.35 35.66 -22.23
N LEU B 4 -16.68 35.89 -23.51
CA LEU B 4 -16.64 34.82 -24.49
C LEU B 4 -15.23 34.23 -24.55
N TYR B 5 -15.15 32.90 -24.69
CA TYR B 5 -13.83 32.29 -24.75
C TYR B 5 -13.15 32.74 -26.04
N PRO B 6 -11.86 33.10 -26.00
CA PRO B 6 -11.18 33.59 -27.20
C PRO B 6 -11.25 32.60 -28.35
N GLN B 7 -11.51 33.13 -29.55
CA GLN B 7 -11.71 32.32 -30.75
C GLN B 7 -10.85 32.83 -31.90
N SER B 8 -10.42 31.91 -32.77
CA SER B 8 -9.72 32.25 -34.02
C SER B 8 -10.66 31.98 -35.19
N ASN B 9 -10.80 32.97 -36.06
CA ASN B 9 -11.61 32.83 -37.28
C ASN B 9 -11.08 33.83 -38.29
N ASP B 10 -11.86 34.16 -39.34
CA ASP B 10 -11.27 35.06 -40.31
C ASP B 10 -11.09 36.47 -39.76
N SER B 11 -11.82 36.81 -38.69
CA SER B 11 -11.79 38.14 -38.09
C SER B 11 -10.95 38.24 -36.82
N ARG B 12 -10.56 37.11 -36.22
CA ARG B 12 -10.01 37.09 -34.86
C ARG B 12 -8.88 36.08 -34.81
N ILE B 13 -7.84 36.39 -34.03
CA ILE B 13 -6.82 35.38 -33.77
C ILE B 13 -6.52 35.32 -32.27
N VAL B 14 -6.14 34.14 -31.80
CA VAL B 14 -5.68 33.93 -30.44
C VAL B 14 -4.21 33.58 -30.45
N PHE B 15 -3.46 34.17 -29.52
CA PHE B 15 -2.03 33.91 -29.36
C PHE B 15 -1.81 33.40 -27.94
N PRO B 16 -1.71 32.09 -27.75
CA PRO B 16 -1.54 31.56 -26.39
C PRO B 16 -0.24 32.01 -25.78
N LEU B 17 -0.25 32.21 -24.44
CA LEU B 17 0.96 32.57 -23.72
C LEU B 17 1.32 31.52 -22.66
N ASP B 18 0.78 30.33 -22.77
CA ASP B 18 1.19 29.24 -21.90
C ASP B 18 2.61 28.80 -22.20
N GLY B 19 3.22 28.10 -21.24
CA GLY B 19 4.55 27.54 -21.46
C GLY B 19 5.31 27.62 -20.15
N VAL B 20 6.63 27.60 -20.21
CA VAL B 20 7.44 27.69 -19.01
C VAL B 20 7.81 29.14 -18.81
N TRP B 21 7.26 29.74 -17.77
CA TRP B 21 7.54 31.12 -17.41
C TRP B 21 8.66 31.21 -16.36
N ASP B 22 9.10 32.45 -16.11
CA ASP B 22 9.99 32.74 -14.99
C ASP B 22 9.15 32.98 -13.74
N PHE B 23 9.75 32.73 -12.58
CA PHE B 23 9.00 32.75 -11.33
C PHE B 23 9.90 33.06 -10.15
N ARG B 24 9.38 33.85 -9.20
CA ARG B 24 10.03 34.03 -7.92
C ARG B 24 8.98 34.07 -6.84
N THR B 25 9.33 33.54 -5.68
CA THR B 25 8.49 33.79 -4.51
C THR B 25 8.78 35.19 -3.97
N ALA B 26 7.79 35.77 -3.28
CA ALA B 26 7.94 37.11 -2.71
C ALA B 26 7.43 37.11 -1.27
N GLY B 27 6.93 38.23 -0.79
CA GLY B 27 6.71 38.40 0.64
C GLY B 27 5.31 38.00 1.11
N GLU B 28 5.18 37.98 2.44
CA GLU B 28 3.89 37.66 3.05
C GLU B 28 2.86 38.71 2.71
N ASP B 29 3.26 39.99 2.54
CA ASP B 29 2.22 40.93 2.15
C ASP B 29 2.71 41.96 1.15
N SER B 30 3.82 41.70 0.48
CA SER B 30 4.23 42.61 -0.57
C SER B 30 5.14 41.85 -1.52
N TYR B 31 5.44 42.48 -2.66
CA TYR B 31 6.44 41.98 -3.59
C TYR B 31 7.18 43.20 -4.15
N PRO B 32 8.40 43.02 -4.67
CA PRO B 32 9.15 44.17 -5.20
C PRO B 32 8.53 44.73 -6.48
N ALA B 33 8.11 45.99 -6.43
CA ALA B 33 7.42 46.59 -7.59
C ALA B 33 8.35 46.68 -8.79
N GLU B 34 9.63 46.79 -8.56
CA GLU B 34 10.57 46.91 -9.67
C GLU B 34 10.73 45.61 -10.44
N TRP B 35 10.25 44.47 -9.92
CA TRP B 35 10.31 43.25 -10.72
C TRP B 35 9.49 43.39 -12.02
N ALA B 36 8.52 44.31 -12.09
CA ALA B 36 7.81 44.51 -13.36
C ALA B 36 8.61 45.30 -14.40
N ASP B 37 9.70 45.94 -14.02
CA ASP B 37 10.39 46.83 -14.95
C ASP B 37 11.50 46.13 -15.71
N ALA B 38 11.88 44.92 -15.31
CA ALA B 38 13.06 44.27 -15.85
C ALA B 38 12.89 42.78 -15.60
N PRO B 39 13.65 41.95 -16.33
CA PRO B 39 13.57 40.50 -16.08
C PRO B 39 13.78 40.17 -14.61
N LEU B 40 13.00 39.23 -14.09
CA LEU B 40 13.16 38.83 -12.71
C LEU B 40 14.59 38.37 -12.46
N PRO B 41 15.17 38.72 -11.32
CA PRO B 41 16.49 38.20 -10.96
C PRO B 41 16.41 36.74 -10.53
N GLU B 42 17.43 35.95 -10.89
CA GLU B 42 17.57 34.55 -10.51
C GLU B 42 16.26 33.75 -10.56
N PRO B 43 15.57 33.75 -11.70
CA PRO B 43 14.22 33.15 -11.74
C PRO B 43 14.26 31.64 -11.69
N LEU B 44 13.19 31.07 -11.12
CA LEU B 44 12.85 29.65 -11.18
C LEU B 44 11.97 29.43 -12.39
N PRO B 45 11.96 28.23 -12.97
CA PRO B 45 10.96 27.95 -14.02
C PRO B 45 9.63 27.60 -13.39
N MET B 46 8.55 27.91 -14.11
CA MET B 46 7.23 27.57 -13.60
C MET B 46 6.32 27.38 -14.81
N ALA B 47 5.73 26.19 -14.92
CA ALA B 47 4.86 25.96 -16.08
C ALA B 47 3.50 26.62 -15.85
N VAL B 48 2.94 27.21 -16.90
CA VAL B 48 1.56 27.69 -16.85
C VAL B 48 0.81 27.17 -18.06
N PRO B 49 -0.40 26.66 -17.85
CA PRO B 49 -1.12 26.70 -16.58
C PRO B 49 -0.68 25.61 -15.60
N GLY B 50 -0.92 25.86 -14.32
CA GLY B 50 -0.66 24.89 -13.26
C GLY B 50 -0.65 25.60 -11.93
N SER B 51 -0.94 24.90 -10.84
CA SER B 51 -0.60 25.51 -9.56
C SER B 51 0.90 25.57 -9.40
N TYR B 52 1.40 26.56 -8.64
CA TYR B 52 2.85 26.53 -8.45
C TYR B 52 3.29 25.59 -7.31
N ASN B 53 2.38 25.14 -6.44
CA ASN B 53 2.81 24.59 -5.16
C ASN B 53 3.56 23.29 -5.30
N ASP B 54 3.20 22.47 -6.29
CA ASP B 54 3.84 21.16 -6.45
C ASP B 54 4.83 21.14 -7.60
N GLN B 55 5.26 22.31 -8.10
CA GLN B 55 6.22 22.38 -9.19
C GLN B 55 7.63 22.66 -8.72
N ASN B 56 7.91 22.60 -7.41
CA ASN B 56 9.29 22.82 -7.00
C ASN B 56 9.52 22.09 -5.69
N ASP B 57 10.33 21.04 -5.70
CA ASP B 57 10.57 20.27 -4.47
C ASP B 57 11.78 20.77 -3.69
N GLU B 58 12.56 21.72 -4.23
CA GLU B 58 13.62 22.32 -3.43
C GLU B 58 13.03 23.29 -2.41
N LEU B 59 11.99 23.99 -2.80
CA LEU B 59 11.31 24.93 -1.93
C LEU B 59 10.07 24.23 -1.41
N ASN B 60 9.55 24.68 -0.30
CA ASN B 60 8.32 24.06 0.18
C ASN B 60 7.20 25.03 -0.17
N LEU B 61 6.76 24.96 -1.44
CA LEU B 61 5.78 25.96 -1.90
C LEU B 61 4.39 25.65 -1.39
N ARG B 62 4.15 24.43 -0.89
CA ARG B 62 2.88 24.23 -0.22
C ARG B 62 2.78 25.10 1.01
N ALA B 63 3.93 25.41 1.65
CA ALA B 63 3.90 26.21 2.87
C ALA B 63 3.88 27.71 2.59
N HIS B 64 3.96 28.11 1.32
CA HIS B 64 4.14 29.54 1.04
C HIS B 64 2.92 30.35 1.44
N TYR B 65 3.16 31.54 2.00
CA TYR B 65 2.09 32.45 2.41
C TYR B 65 2.37 33.80 1.77
N GLY B 66 1.43 34.32 0.99
CA GLY B 66 1.59 35.64 0.39
C GLY B 66 1.75 35.62 -1.13
N TRP B 67 2.72 36.40 -1.62
CA TRP B 67 2.81 36.71 -3.03
C TRP B 67 3.89 35.90 -3.72
N VAL B 68 3.67 35.62 -5.00
CA VAL B 68 4.71 35.12 -5.90
C VAL B 68 4.62 35.99 -7.14
N VAL B 69 5.66 35.95 -7.98
CA VAL B 69 5.65 36.77 -9.18
C VAL B 69 6.04 35.91 -10.36
N TYR B 70 5.17 35.84 -11.35
CA TYR B 70 5.40 35.22 -12.62
C TYR B 70 5.86 36.24 -13.65
N GLN B 71 6.64 35.78 -14.63
CA GLN B 71 7.02 36.71 -15.71
C GLN B 71 7.38 35.95 -16.98
N ARG B 72 7.06 36.52 -18.13
CA ARG B 72 7.62 35.99 -19.37
C ARG B 72 7.68 37.12 -20.38
N SER B 73 8.39 36.86 -21.48
CA SER B 73 8.42 37.75 -22.63
C SER B 73 7.66 37.13 -23.79
N PHE B 74 7.21 37.98 -24.72
CA PHE B 74 6.61 37.49 -25.95
C PHE B 74 6.71 38.58 -27.00
N ALA B 75 6.60 38.17 -28.27
CA ALA B 75 6.58 39.07 -29.43
C ALA B 75 5.60 38.54 -30.46
N VAL B 76 4.87 39.43 -31.15
CA VAL B 76 3.98 39.03 -32.24
C VAL B 76 4.19 39.96 -33.43
N PRO B 77 3.87 39.50 -34.63
CA PRO B 77 4.07 40.37 -35.81
C PRO B 77 3.25 41.64 -35.71
N SER B 78 3.86 42.75 -36.09
CA SER B 78 3.12 44.00 -36.21
C SER B 78 1.91 43.87 -37.11
N ARG B 79 1.99 43.02 -38.15
CA ARG B 79 0.87 42.82 -39.06
C ARG B 79 -0.35 42.22 -38.35
N LEU B 80 -0.12 41.39 -37.33
CA LEU B 80 -1.20 40.76 -36.59
C LEU B 80 -1.91 41.75 -35.67
N VAL B 81 -1.18 42.72 -35.11
CA VAL B 81 -1.79 43.68 -34.20
C VAL B 81 -2.32 44.93 -34.91
N ALA B 82 -1.85 45.22 -36.12
CA ALA B 82 -2.17 46.49 -36.76
C ALA B 82 -3.68 46.66 -36.88
N GLY B 83 -4.18 47.76 -36.33
CA GLY B 83 -5.59 48.09 -36.44
C GLY B 83 -6.51 47.27 -35.56
N GLN B 84 -6.00 46.30 -34.80
CA GLN B 84 -6.87 45.42 -34.01
C GLN B 84 -7.00 45.91 -32.58
N ARG B 85 -8.08 45.45 -31.93
CA ARG B 85 -8.25 45.60 -30.49
C ARG B 85 -7.59 44.39 -29.83
N MET B 86 -6.63 44.63 -28.91
CA MET B 86 -5.78 43.59 -28.35
C MET B 86 -6.17 43.37 -26.88
N ILE B 87 -6.51 42.12 -26.53
CA ILE B 87 -6.99 41.79 -25.20
C ILE B 87 -6.12 40.71 -24.61
N LEU B 88 -5.70 40.90 -23.35
CA LEU B 88 -4.95 39.91 -22.60
C LEU B 88 -5.89 39.24 -21.63
N ARG B 89 -6.11 37.92 -21.78
CA ARG B 89 -7.11 37.22 -20.95
C ARG B 89 -6.42 36.22 -20.06
N PHE B 90 -6.80 36.24 -18.79
CA PHE B 90 -6.34 35.29 -17.78
C PHE B 90 -7.52 34.37 -17.45
N ASP B 91 -7.42 33.08 -17.79
CA ASP B 91 -8.58 32.25 -17.51
C ASP B 91 -8.80 32.09 -16.02
N ALA B 92 -7.72 32.06 -15.24
CA ALA B 92 -7.81 32.08 -13.79
C ALA B 92 -6.46 32.33 -13.14
N ALA B 93 -6.42 33.25 -12.17
CA ALA B 93 -5.22 33.45 -11.34
C ALA B 93 -5.69 33.38 -9.89
N THR B 94 -5.15 32.41 -9.15
CA THR B 94 -5.73 32.07 -7.85
C THR B 94 -4.82 32.59 -6.74
N HIS B 95 -5.28 33.48 -5.85
CA HIS B 95 -6.64 34.07 -5.76
C HIS B 95 -6.77 35.46 -6.30
N ALA B 96 -5.70 36.22 -6.21
CA ALA B 96 -5.72 37.62 -6.66
C ALA B 96 -4.44 37.89 -7.44
N ALA B 97 -4.52 38.86 -8.37
CA ALA B 97 -3.38 39.11 -9.23
C ALA B 97 -3.26 40.60 -9.51
N ASP B 98 -2.04 41.08 -9.62
CA ASP B 98 -1.72 42.37 -10.24
C ASP B 98 -0.97 42.07 -11.53
N VAL B 99 -1.34 42.71 -12.64
CA VAL B 99 -0.77 42.40 -13.95
C VAL B 99 -0.10 43.63 -14.53
N TYR B 100 1.14 43.46 -14.99
CA TYR B 100 1.90 44.53 -15.60
C TYR B 100 2.32 44.12 -17.00
N LEU B 101 2.42 45.09 -17.89
CA LEU B 101 2.91 44.82 -19.23
C LEU B 101 3.87 45.95 -19.57
N ASN B 102 5.13 45.61 -19.85
CA ASN B 102 6.13 46.64 -20.14
C ASN B 102 6.21 47.65 -19.00
N GLY B 103 6.02 47.14 -17.78
CA GLY B 103 6.12 47.94 -16.58
C GLY B 103 4.90 48.76 -16.26
N GLN B 104 3.92 48.80 -17.14
CA GLN B 104 2.66 49.48 -16.86
C GLN B 104 1.70 48.56 -16.09
N LEU B 105 1.13 49.05 -14.98
CA LEU B 105 0.11 48.27 -14.29
C LEU B 105 -1.16 48.27 -15.12
N LEU B 106 -1.62 47.08 -15.52
CA LEU B 106 -2.87 47.01 -16.27
C LEU B 106 -4.05 46.98 -15.33
N GLY B 107 -3.89 46.39 -14.17
CA GLY B 107 -4.93 46.34 -13.19
C GLY B 107 -4.82 45.04 -12.40
N SER B 108 -5.85 44.78 -11.62
CA SER B 108 -5.84 43.66 -10.68
C SER B 108 -7.17 42.95 -10.70
N HIS B 109 -7.20 41.79 -10.06
CA HIS B 109 -8.42 41.00 -10.00
C HIS B 109 -8.41 40.24 -8.68
N PHE B 110 -9.58 40.12 -8.04
CA PHE B 110 -9.78 39.18 -6.95
C PHE B 110 -10.82 38.16 -7.35
N GLY B 111 -10.53 36.90 -7.06
CA GLY B 111 -11.47 35.83 -7.37
C GLY B 111 -10.70 34.78 -8.15
N GLY B 112 -10.39 33.65 -7.50
CA GLY B 112 -9.37 32.81 -8.10
C GLY B 112 -9.84 31.81 -9.13
N PHE B 113 -11.12 31.84 -9.51
CA PHE B 113 -11.67 30.73 -10.29
C PHE B 113 -12.48 31.18 -11.48
N LEU B 114 -12.35 32.46 -11.87
CA LEU B 114 -13.12 33.03 -12.97
C LEU B 114 -12.21 33.96 -13.77
N PRO B 115 -12.48 34.08 -15.06
CA PRO B 115 -11.55 34.77 -15.95
C PRO B 115 -11.63 36.30 -15.86
N PHE B 116 -10.53 36.93 -16.24
CA PHE B 116 -10.53 38.39 -16.32
C PHE B 116 -9.59 38.82 -17.44
N GLU B 117 -9.78 40.05 -17.93
CA GLU B 117 -8.98 40.47 -19.07
C GLU B 117 -8.74 41.97 -19.05
N PHE B 118 -7.77 42.38 -19.88
CA PHE B 118 -7.34 43.77 -20.02
C PHE B 118 -7.15 44.12 -21.47
N ASP B 119 -7.55 45.34 -21.84
CA ASP B 119 -7.24 45.87 -23.17
C ASP B 119 -5.79 46.37 -23.19
N VAL B 120 -4.93 45.74 -23.96
CA VAL B 120 -3.51 46.08 -23.95
C VAL B 120 -3.10 46.75 -25.25
N THR B 121 -4.10 47.21 -26.00
CA THR B 121 -3.84 47.79 -27.34
C THR B 121 -2.75 48.85 -27.28
N SER B 122 -2.82 49.73 -26.27
CA SER B 122 -1.82 50.80 -26.16
C SER B 122 -0.58 50.38 -25.37
N ALA B 123 -0.64 49.38 -24.49
CA ALA B 123 0.55 49.01 -23.74
C ALA B 123 1.52 48.12 -24.53
N LEU B 124 1.01 47.41 -25.53
CA LEU B 124 1.85 46.56 -26.36
C LEU B 124 2.83 47.40 -27.17
N HIS B 125 3.95 46.81 -27.51
CA HIS B 125 4.82 47.47 -28.49
C HIS B 125 5.49 46.42 -29.36
N ALA B 126 6.14 46.91 -30.41
CA ALA B 126 6.78 45.99 -31.33
C ALA B 126 7.97 45.33 -30.63
N GLY B 127 8.32 44.15 -31.11
CA GLY B 127 9.43 43.46 -30.49
C GLY B 127 8.97 42.73 -29.24
N GLU B 128 9.93 42.47 -28.36
CA GLU B 128 9.68 41.70 -27.13
C GLU B 128 8.90 42.55 -26.12
N ASN B 129 7.86 41.95 -25.53
CA ASN B 129 7.05 42.59 -24.52
C ASN B 129 7.25 41.81 -23.23
N LEU B 130 7.20 42.50 -22.09
CA LEU B 130 7.50 41.86 -20.81
C LEU B 130 6.24 41.85 -19.96
N LEU B 131 5.75 40.64 -19.66
CA LEU B 131 4.49 40.45 -18.94
C LEU B 131 4.81 39.92 -17.53
N THR B 132 4.42 40.68 -16.50
CA THR B 132 4.72 40.33 -15.11
C THR B 132 3.40 40.20 -14.37
N VAL B 133 3.21 39.07 -13.68
CA VAL B 133 1.94 38.79 -12.97
C VAL B 133 2.27 38.43 -11.54
N ALA B 134 1.86 39.28 -10.60
CA ALA B 134 2.01 38.95 -9.19
C ALA B 134 0.74 38.28 -8.73
N VAL B 135 0.88 37.13 -8.05
CA VAL B 135 -0.28 36.33 -7.61
C VAL B 135 -0.24 36.17 -6.10
N ASP B 136 -1.36 36.47 -5.44
CA ASP B 136 -1.51 36.44 -3.99
C ASP B 136 -2.33 35.22 -3.60
N ASN B 137 -1.82 34.39 -2.68
CA ASN B 137 -2.54 33.16 -2.33
C ASN B 137 -3.36 33.29 -1.05
N ARG B 138 -3.41 34.48 -0.47
CA ARG B 138 -3.87 34.54 0.91
C ARG B 138 -5.39 34.45 1.01
N ILE B 139 -5.84 33.69 2.00
CA ILE B 139 -7.25 33.56 2.32
C ILE B 139 -7.47 33.94 3.80
N GLY B 140 -8.69 34.34 4.09
CA GLY B 140 -9.00 34.77 5.44
C GLY B 140 -10.48 35.02 5.56
N SER B 141 -10.86 35.79 6.59
CA SER B 141 -12.28 35.90 6.91
C SER B 141 -13.06 36.73 5.88
N SER B 142 -12.40 37.43 4.96
CA SER B 142 -13.15 38.17 3.97
C SER B 142 -12.97 37.62 2.54
N THR B 143 -12.33 36.47 2.36
CA THR B 143 -12.17 35.92 1.03
C THR B 143 -13.24 34.85 0.75
N LEU B 144 -13.55 34.67 -0.55
CA LEU B 144 -14.23 33.45 -1.02
C LEU B 144 -13.27 32.68 -1.94
N PRO B 145 -12.84 31.49 -1.53
CA PRO B 145 -13.25 30.71 -0.36
C PRO B 145 -12.69 31.26 0.95
N VAL B 146 -13.32 30.87 2.07
CA VAL B 146 -13.02 31.49 3.35
C VAL B 146 -11.82 30.83 4.01
N GLY B 147 -10.90 31.67 4.50
CA GLY B 147 -9.83 31.21 5.38
C GLY B 147 -10.11 31.61 6.83
N ASN B 148 -9.46 30.89 7.77
CA ASN B 148 -9.56 31.23 9.19
C ASN B 148 -8.40 32.16 9.54
N ASP B 149 -8.72 33.25 10.25
CA ASP B 149 -7.69 34.23 10.60
C ASP B 149 -6.81 33.77 11.74
N ALA B 150 -7.28 32.82 12.53
CA ALA B 150 -6.52 32.33 13.67
C ALA B 150 -7.00 30.92 13.92
N GLY B 151 -6.36 30.23 14.82
CA GLY B 151 -6.84 28.91 15.22
C GLY B 151 -6.29 27.80 14.33
N THR B 152 -7.19 27.02 13.76
CA THR B 152 -6.81 25.86 12.94
C THR B 152 -7.52 25.92 11.59
N ALA B 153 -7.06 25.08 10.68
CA ALA B 153 -7.78 24.80 9.45
C ALA B 153 -9.01 23.95 9.74
N PHE B 154 -9.88 23.87 8.74
CA PHE B 154 -11.08 23.07 8.86
C PHE B 154 -10.77 21.63 9.30
N MET B 155 -11.49 21.20 10.36
CA MET B 155 -11.31 19.91 11.07
C MET B 155 -9.86 19.64 11.44
N GLY B 156 -9.16 20.67 11.83
CA GLY B 156 -7.88 20.50 12.44
C GLY B 156 -8.01 20.17 13.90
N SER B 157 -6.97 19.57 14.43
CA SER B 157 -6.92 19.21 15.84
C SER B 157 -6.28 20.34 16.65
N ASP B 158 -6.71 20.51 17.90
CA ASP B 158 -6.06 21.49 18.76
C ASP B 158 -6.09 21.01 20.22
N ASN B 159 -5.20 21.62 21.05
CA ASN B 159 -5.22 21.51 22.54
C ASN B 159 -5.16 22.94 23.08
N ALA B 160 -6.22 23.73 22.85
CA ALA B 160 -6.11 25.17 23.00
C ALA B 160 -5.96 25.59 24.46
N ASN B 161 -6.32 24.74 25.39
CA ASN B 161 -6.22 25.03 26.80
C ASN B 161 -4.83 24.82 27.38
N VAL B 162 -3.85 24.39 26.59
CA VAL B 162 -2.50 24.15 27.09
C VAL B 162 -1.73 25.46 26.96
N PRO B 163 -1.20 26.01 28.04
CA PRO B 163 -0.59 27.36 27.95
C PRO B 163 0.51 27.45 26.90
N ALA B 164 1.33 26.40 26.79
CA ALA B 164 2.44 26.41 25.85
C ALA B 164 1.95 26.46 24.42
N VAL B 165 0.79 25.85 24.16
CA VAL B 165 0.20 25.93 22.80
C VAL B 165 -0.25 27.35 22.50
N ALA B 166 -0.95 27.97 23.45
CA ALA B 166 -1.45 29.33 23.21
C ALA B 166 -0.29 30.28 22.97
N GLU B 167 0.81 30.09 23.69
CA GLU B 167 1.95 30.97 23.50
C GLU B 167 2.62 30.72 22.16
N ALA B 168 2.90 29.44 21.84
CA ALA B 168 3.54 29.12 20.56
C ALA B 168 2.71 29.63 19.38
N LYS B 169 1.38 29.66 19.52
CA LYS B 169 0.52 30.11 18.43
C LYS B 169 0.80 31.56 18.08
N LYS B 170 1.18 32.37 19.06
CA LYS B 170 1.41 33.79 18.84
C LYS B 170 2.56 34.03 17.88
N HIS B 171 3.55 33.17 17.89
CA HIS B 171 4.77 33.40 17.13
C HIS B 171 4.92 32.43 15.96
N ALA B 172 3.94 31.58 15.71
CA ALA B 172 4.07 30.58 14.65
C ALA B 172 4.10 31.26 13.29
N ARG B 173 4.85 30.66 12.36
CA ARG B 173 4.90 31.18 11.01
C ARG B 173 3.50 31.34 10.44
N ARG B 174 3.27 32.43 9.70
CA ARG B 174 1.94 32.63 9.12
C ARG B 174 1.68 31.58 8.04
N GLN B 175 0.49 30.98 8.06
CA GLN B 175 0.10 30.06 7.00
C GLN B 175 -1.39 30.22 6.75
N ASN B 176 -1.78 30.04 5.50
CA ASN B 176 -3.22 30.03 5.23
C ASN B 176 -3.87 28.83 5.90
N LEU B 177 -5.00 29.08 6.56
CA LEU B 177 -5.76 28.05 7.27
C LEU B 177 -7.11 27.94 6.57
N PRO B 178 -7.24 27.06 5.59
CA PRO B 178 -8.53 26.96 4.86
C PRO B 178 -9.66 26.61 5.84
N ASN B 179 -10.79 27.31 5.70
CA ASN B 179 -12.03 26.84 6.31
C ASN B 179 -12.83 25.98 5.33
N PHE B 180 -12.10 25.19 4.54
CA PHE B 180 -12.67 24.31 3.54
C PHE B 180 -11.72 23.13 3.41
N ASP B 181 -12.27 21.99 3.01
CA ASP B 181 -11.53 20.72 3.04
C ASP B 181 -10.85 20.40 1.71
N PHE B 182 -10.12 21.34 1.15
CA PHE B 182 -9.25 21.05 0.01
C PHE B 182 -8.03 21.96 0.08
N PHE B 183 -6.93 21.52 -0.52
CA PHE B 183 -5.70 22.28 -0.42
C PHE B 183 -5.81 23.60 -1.18
N ASN B 184 -5.25 24.66 -0.58
CA ASN B 184 -5.24 26.02 -1.17
C ASN B 184 -4.21 26.20 -2.29
N PHE B 185 -4.40 25.43 -3.37
CA PHE B 185 -3.50 25.50 -4.52
C PHE B 185 -3.63 26.87 -5.20
N ALA B 186 -2.50 27.49 -5.51
CA ALA B 186 -2.52 28.85 -6.03
C ALA B 186 -1.68 28.98 -7.29
N GLY B 187 -1.76 30.15 -7.93
CA GLY B 187 -0.96 30.48 -9.11
C GLY B 187 -1.80 30.62 -10.36
N LEU B 188 -1.12 30.58 -11.51
CA LEU B 188 -1.81 30.71 -12.79
C LEU B 188 -2.35 29.33 -13.16
N ASN B 189 -3.48 29.00 -12.53
CA ASN B 189 -4.08 27.68 -12.64
C ASN B 189 -4.68 27.40 -14.01
N ARG B 190 -4.99 28.43 -14.81
CA ARG B 190 -5.61 28.21 -16.12
C ARG B 190 -4.89 29.07 -17.15
N HIS B 191 -5.30 28.89 -18.41
CA HIS B 191 -4.54 29.40 -19.56
C HIS B 191 -4.42 30.92 -19.52
N VAL B 192 -3.40 31.41 -20.18
CA VAL B 192 -3.23 32.84 -20.44
C VAL B 192 -3.12 33.03 -21.93
N GLU B 193 -3.80 34.07 -22.47
CA GLU B 193 -3.65 34.26 -23.91
C GLU B 193 -3.93 35.72 -24.29
N LEU B 194 -3.25 36.15 -25.35
CA LEU B 194 -3.56 37.43 -26.00
C LEU B 194 -4.51 37.13 -27.14
N TYR B 195 -5.55 37.95 -27.33
CA TYR B 195 -6.40 37.70 -28.50
C TYR B 195 -6.76 39.02 -29.15
N THR B 196 -7.24 38.93 -30.40
CA THR B 196 -7.64 40.14 -31.14
C THR B 196 -9.11 40.10 -31.51
N THR B 197 -9.70 41.29 -31.59
CA THR B 197 -10.99 41.52 -32.23
C THR B 197 -10.86 42.75 -33.10
N PRO B 198 -11.82 42.97 -34.00
CA PRO B 198 -11.92 44.26 -34.65
C PRO B 198 -12.05 45.37 -33.62
N ALA B 199 -11.56 46.57 -33.97
CA ALA B 199 -11.57 47.68 -33.01
C ALA B 199 -12.79 48.58 -33.14
N ASP B 200 -13.30 48.80 -34.36
CA ASP B 200 -14.38 49.77 -34.55
C ASP B 200 -15.67 49.29 -33.91
N ALA B 201 -16.00 48.01 -34.09
CA ALA B 201 -17.21 47.43 -33.55
C ALA B 201 -16.94 45.94 -33.48
N TYR B 202 -17.40 45.30 -32.41
CA TYR B 202 -17.07 43.90 -32.22
C TYR B 202 -18.14 43.26 -31.36
N ILE B 203 -18.22 41.94 -31.46
CA ILE B 203 -19.14 41.14 -30.66
C ILE B 203 -18.56 40.99 -29.26
N ALA B 204 -19.33 41.38 -28.24
CA ALA B 204 -18.88 41.33 -26.86
C ALA B 204 -19.49 40.21 -26.05
N ASP B 205 -20.71 39.80 -26.36
CA ASP B 205 -21.39 38.76 -25.61
C ASP B 205 -22.48 38.15 -26.48
N ILE B 206 -22.83 36.90 -26.17
CA ILE B 206 -23.91 36.17 -26.85
C ILE B 206 -24.60 35.34 -25.78
N ALA B 207 -25.93 35.37 -25.74
CA ALA B 207 -26.69 34.49 -24.88
C ALA B 207 -27.70 33.76 -25.75
N ILE B 208 -27.70 32.43 -25.68
CA ILE B 208 -28.71 31.61 -26.35
C ILE B 208 -29.55 30.90 -25.30
N THR B 209 -30.87 30.94 -25.46
CA THR B 209 -31.78 30.30 -24.52
C THR B 209 -32.77 29.46 -25.29
N THR B 210 -33.18 28.34 -24.68
CA THR B 210 -34.31 27.55 -25.14
C THR B 210 -35.54 28.12 -24.48
N GLU B 211 -36.38 28.81 -25.25
CA GLU B 211 -37.58 29.43 -24.70
C GLU B 211 -38.74 28.46 -24.52
N ARG B 212 -38.98 27.59 -25.49
CA ARG B 212 -40.13 26.70 -25.41
C ARG B 212 -39.92 25.51 -26.34
N LEU B 213 -40.42 24.33 -25.93
CA LEU B 213 -40.42 23.13 -26.74
C LEU B 213 -41.87 22.69 -26.92
N ASP B 214 -42.25 22.38 -28.16
CA ASP B 214 -43.59 21.89 -28.49
C ASP B 214 -43.52 20.43 -28.92
N HIS B 215 -44.38 19.58 -28.35
CA HIS B 215 -44.48 18.18 -28.73
C HIS B 215 -43.12 17.49 -28.72
N ILE B 216 -42.60 17.35 -27.52
CA ILE B 216 -41.37 16.58 -27.33
C ILE B 216 -41.66 15.11 -27.56
N ALA B 217 -40.79 14.45 -28.35
CA ALA B 217 -40.88 13.02 -28.61
C ALA B 217 -40.87 12.20 -27.32
N GLY B 218 -41.48 11.01 -27.39
CA GLY B 218 -41.47 10.13 -26.22
C GLY B 218 -40.06 9.84 -25.73
N ASP B 219 -39.12 9.70 -26.65
CA ASP B 219 -37.74 9.39 -26.26
C ASP B 219 -36.90 10.63 -26.02
N ALA B 220 -37.49 11.82 -26.10
CA ALA B 220 -36.86 13.13 -25.92
C ALA B 220 -35.74 13.43 -26.91
N CYS B 221 -35.61 12.68 -28.01
CA CYS B 221 -34.53 12.99 -28.94
C CYS B 221 -34.82 14.20 -29.81
N THR B 222 -36.09 14.52 -30.03
CA THR B 222 -36.48 15.63 -30.85
C THR B 222 -37.69 16.29 -30.23
N ALA B 223 -37.93 17.54 -30.63
CA ALA B 223 -39.20 18.21 -30.41
C ALA B 223 -39.77 18.62 -31.76
N ALA B 224 -41.10 18.52 -31.88
CA ALA B 224 -41.72 18.96 -33.14
C ALA B 224 -41.35 20.40 -33.46
N ASN B 225 -41.28 21.27 -32.44
CA ASN B 225 -40.84 22.64 -32.65
C ASN B 225 -40.09 23.13 -31.41
N ALA B 226 -39.08 23.95 -31.64
CA ALA B 226 -38.28 24.55 -30.57
C ALA B 226 -38.20 26.04 -30.80
N LEU B 227 -38.50 26.82 -29.78
CA LEU B 227 -38.36 28.27 -29.87
C LEU B 227 -37.11 28.64 -29.09
N ILE B 228 -36.12 29.16 -29.78
CA ILE B 228 -34.90 29.64 -29.11
C ILE B 228 -34.82 31.15 -29.23
N ALA B 229 -34.05 31.77 -28.34
CA ALA B 229 -33.84 33.22 -28.37
C ALA B 229 -32.36 33.50 -28.36
N TYR B 230 -31.98 34.60 -28.99
CA TYR B 230 -30.59 35.04 -28.98
C TYR B 230 -30.54 36.47 -28.49
N ASP B 231 -29.42 36.82 -27.90
CA ASP B 231 -29.18 38.18 -27.44
C ASP B 231 -27.71 38.42 -27.66
N VAL B 232 -27.36 39.36 -28.54
CA VAL B 232 -25.97 39.65 -28.85
C VAL B 232 -25.66 41.06 -28.39
N THR B 233 -24.54 41.22 -27.71
CA THR B 233 -24.06 42.52 -27.25
C THR B 233 -22.82 42.89 -28.02
N PHE B 234 -22.68 44.19 -28.32
CA PHE B 234 -21.54 44.67 -29.07
C PHE B 234 -20.79 45.74 -28.30
N GLY B 235 -19.49 45.86 -28.59
CA GLY B 235 -18.69 46.98 -28.14
C GLY B 235 -18.17 47.79 -29.32
N GLY B 236 -17.52 48.90 -28.99
CA GLY B 236 -16.97 49.78 -30.01
C GLY B 236 -17.82 51.01 -30.28
N ASP B 237 -17.27 51.89 -31.13
CA ASP B 237 -17.84 53.21 -31.50
C ASP B 237 -17.79 54.16 -30.29
N GLY B 276 -28.31 52.05 -38.08
CA GLY B 276 -28.62 51.11 -39.14
C GLY B 276 -27.58 50.02 -39.36
N ARG B 277 -27.12 49.39 -38.28
CA ARG B 277 -26.18 48.29 -38.39
C ARG B 277 -26.89 46.98 -38.12
N GLN B 278 -26.32 45.88 -38.63
CA GLN B 278 -27.02 44.60 -38.54
C GLN B 278 -26.07 43.47 -38.17
N VAL B 279 -26.63 42.43 -37.56
CA VAL B 279 -25.91 41.19 -37.29
C VAL B 279 -26.67 40.04 -37.95
N ARG B 280 -25.94 39.18 -38.64
CA ARG B 280 -26.53 37.96 -39.18
C ARG B 280 -26.33 36.82 -38.19
N ILE B 281 -27.41 36.11 -37.88
CA ILE B 281 -27.40 34.97 -36.97
C ILE B 281 -27.74 33.73 -37.78
N SER B 282 -26.81 32.78 -37.87
CA SER B 282 -27.04 31.51 -38.53
C SER B 282 -27.00 30.41 -37.49
N ILE B 283 -27.97 29.52 -37.55
CA ILE B 283 -28.02 28.35 -36.66
C ILE B 283 -27.57 27.13 -37.45
N LEU B 284 -26.46 26.51 -37.04
CA LEU B 284 -25.85 25.38 -37.72
C LEU B 284 -26.13 24.11 -36.92
N ASP B 285 -26.55 23.04 -37.60
CA ASP B 285 -26.79 21.79 -36.90
C ASP B 285 -25.48 21.02 -36.76
N GLY B 286 -25.58 19.76 -36.34
CA GLY B 286 -24.39 18.98 -36.05
C GLY B 286 -23.50 18.73 -37.24
N GLU B 287 -24.06 18.79 -38.45
CA GLU B 287 -23.29 18.60 -39.67
C GLU B 287 -22.85 19.92 -40.29
N GLY B 288 -23.07 21.04 -39.60
CA GLY B 288 -22.72 22.34 -40.13
C GLY B 288 -23.72 22.94 -41.09
N THR B 289 -24.89 22.32 -41.27
CA THR B 289 -25.90 22.84 -42.20
C THR B 289 -26.63 23.99 -41.54
N VAL B 290 -26.78 25.10 -42.25
CA VAL B 290 -27.61 26.19 -41.77
C VAL B 290 -29.07 25.75 -41.81
N VAL B 291 -29.67 25.54 -40.62
CA VAL B 291 -31.08 25.18 -40.52
C VAL B 291 -31.97 26.39 -40.22
N ALA B 292 -31.38 27.55 -39.90
CA ALA B 292 -32.13 28.76 -39.58
C ALA B 292 -31.20 29.95 -39.69
N GLY B 293 -31.79 31.11 -39.90
CA GLY B 293 -30.97 32.26 -40.21
C GLY B 293 -31.82 33.52 -40.21
N VAL B 294 -31.35 34.56 -39.55
CA VAL B 294 -32.05 35.82 -39.49
C VAL B 294 -31.02 36.94 -39.50
N THR B 295 -31.41 38.10 -39.99
CA THR B 295 -30.60 39.31 -39.85
C THR B 295 -31.33 40.22 -38.89
N ALA B 296 -30.61 40.71 -37.89
CA ALA B 296 -31.22 41.48 -36.81
C ALA B 296 -30.60 42.87 -36.73
N ASP B 297 -31.44 43.84 -36.35
CA ASP B 297 -30.97 45.21 -36.21
C ASP B 297 -30.25 45.38 -34.89
N ILE B 298 -29.17 46.13 -34.92
CA ILE B 298 -28.41 46.48 -33.72
C ILE B 298 -28.90 47.83 -33.23
N GLU B 299 -29.32 47.87 -31.98
CA GLU B 299 -29.89 49.06 -31.37
C GLU B 299 -29.12 49.45 -30.11
N ARG B 300 -29.17 50.74 -29.77
CA ARG B 300 -28.52 51.21 -28.55
C ARG B 300 -29.55 51.35 -27.42
N THR B 305 -25.16 51.28 -25.33
CA THR B 305 -25.25 49.83 -25.05
C THR B 305 -25.89 49.08 -26.22
N ALA B 306 -25.06 48.60 -27.16
CA ALA B 306 -25.55 48.12 -28.45
C ALA B 306 -25.89 46.63 -28.39
N LYS B 307 -27.12 46.29 -28.78
CA LYS B 307 -27.62 44.93 -28.66
C LYS B 307 -28.48 44.56 -29.84
N ALA B 308 -28.50 43.27 -30.18
CA ALA B 308 -29.47 42.71 -31.11
C ALA B 308 -30.09 41.49 -30.43
N SER B 309 -31.40 41.32 -30.59
CA SER B 309 -32.03 40.22 -29.88
C SER B 309 -33.29 39.81 -30.65
N GLY B 310 -33.69 38.56 -30.47
CA GLY B 310 -34.83 38.03 -31.19
C GLY B 310 -35.03 36.57 -30.87
N GLU B 311 -35.97 35.96 -31.60
CA GLU B 311 -36.28 34.56 -31.43
C GLU B 311 -36.22 33.85 -32.77
N ILE B 312 -36.05 32.53 -32.71
CA ILE B 312 -35.89 31.69 -33.90
C ILE B 312 -36.62 30.37 -33.65
N ALA B 313 -37.47 29.97 -34.58
CA ALA B 313 -38.17 28.69 -34.47
C ALA B 313 -37.48 27.62 -35.29
N ILE B 314 -37.34 26.42 -34.72
CA ILE B 314 -36.69 25.30 -35.40
C ILE B 314 -37.61 24.10 -35.34
N ARG B 315 -38.08 23.64 -36.50
CA ARG B 315 -38.89 22.45 -36.55
C ARG B 315 -37.99 21.22 -36.45
N ASP B 316 -38.54 20.18 -35.84
CA ASP B 316 -37.85 18.91 -35.72
C ASP B 316 -36.49 19.11 -35.07
N ALA B 317 -36.46 19.93 -34.02
CA ALA B 317 -35.19 20.23 -33.36
C ALA B 317 -34.63 18.99 -32.67
N LYS B 318 -33.32 18.81 -32.75
CA LYS B 318 -32.66 17.70 -32.06
C LYS B 318 -32.22 18.18 -30.66
N LEU B 319 -32.69 17.51 -29.63
CA LEU B 319 -32.58 18.02 -28.27
C LEU B 319 -31.33 17.49 -27.62
N TRP B 320 -30.79 18.24 -26.67
CA TRP B 320 -29.66 17.79 -25.86
C TRP B 320 -30.19 17.04 -24.65
N ASN B 321 -29.65 15.85 -24.39
CA ASN B 321 -30.08 15.07 -23.24
C ASN B 321 -28.86 14.49 -22.54
N PRO B 322 -28.95 14.21 -21.25
CA PRO B 322 -27.93 13.37 -20.62
C PRO B 322 -27.82 12.05 -21.38
N GLY B 323 -26.58 11.65 -21.64
CA GLY B 323 -26.37 10.40 -22.31
C GLY B 323 -26.61 10.44 -23.80
N ALA B 324 -27.07 11.58 -24.32
CA ALA B 324 -27.35 11.71 -25.75
C ALA B 324 -27.26 13.18 -26.14
N ALA B 325 -26.04 13.69 -26.18
CA ALA B 325 -25.80 15.09 -26.47
C ALA B 325 -26.10 15.38 -27.93
N TYR B 326 -26.62 16.56 -28.18
CA TYR B 326 -26.66 17.14 -29.53
C TYR B 326 -26.39 18.63 -29.41
N LEU B 327 -25.49 19.16 -30.25
CA LEU B 327 -25.09 20.55 -30.17
C LEU B 327 -25.31 21.25 -31.50
N TYR B 328 -25.87 22.46 -31.44
CA TYR B 328 -25.91 23.38 -32.55
C TYR B 328 -24.82 24.42 -32.37
N THR B 329 -24.61 25.22 -33.41
CA THR B 329 -23.76 26.40 -33.36
C THR B 329 -24.56 27.60 -33.80
N ALA B 330 -24.54 28.67 -33.00
CA ALA B 330 -25.08 29.96 -33.38
C ALA B 330 -23.92 30.80 -33.88
N VAL B 331 -23.93 31.11 -35.18
CA VAL B 331 -22.89 31.96 -35.77
C VAL B 331 -23.43 33.37 -35.85
N ALA B 332 -22.76 34.30 -35.18
CA ALA B 332 -23.10 35.72 -35.25
C ALA B 332 -22.09 36.41 -36.14
N GLU B 333 -22.57 37.14 -37.16
CA GLU B 333 -21.69 37.82 -38.11
C GLU B 333 -22.07 39.29 -38.15
N LEU B 334 -21.13 40.16 -37.76
CA LEU B 334 -21.40 41.58 -37.77
C LEU B 334 -21.22 42.10 -39.20
N LEU B 335 -22.27 42.69 -39.77
CA LEU B 335 -22.21 43.07 -41.17
C LEU B 335 -21.76 44.52 -41.34
N PRO B 336 -21.18 44.85 -42.49
CA PRO B 336 -20.92 46.27 -42.77
C PRO B 336 -22.22 46.97 -43.16
N SER B 344 -20.72 41.71 -49.11
CA SER B 344 -20.16 40.36 -49.05
C SER B 344 -19.19 40.18 -47.84
N ARG B 345 -18.62 41.30 -47.39
CA ARG B 345 -17.61 41.32 -46.35
C ARG B 345 -18.23 41.17 -44.95
N ILE B 346 -17.49 40.52 -44.05
CA ILE B 346 -17.90 40.36 -42.64
C ILE B 346 -16.98 41.19 -41.76
N ILE B 347 -17.56 41.99 -40.88
CA ILE B 347 -16.77 42.82 -39.97
C ILE B 347 -16.18 41.96 -38.86
N ASP B 348 -17.00 41.11 -38.25
CA ASP B 348 -16.57 40.36 -37.05
C ASP B 348 -17.48 39.14 -36.96
N ALA B 349 -17.00 38.12 -36.26
CA ALA B 349 -17.75 36.88 -36.21
C ALA B 349 -17.41 36.15 -34.93
N TYR B 350 -18.37 35.35 -34.48
CA TYR B 350 -18.15 34.49 -33.31
C TYR B 350 -19.09 33.30 -33.41
N ARG B 351 -18.57 32.09 -33.12
CA ARG B 351 -19.35 30.86 -33.20
C ARG B 351 -19.63 30.36 -31.78
N GLN B 352 -20.90 30.38 -31.38
CA GLN B 352 -21.31 29.97 -30.03
C GLN B 352 -22.01 28.60 -30.05
N THR B 353 -21.39 27.58 -29.44
CA THR B 353 -22.06 26.30 -29.28
C THR B 353 -23.22 26.39 -28.30
N PHE B 354 -24.28 25.63 -28.55
CA PHE B 354 -25.39 25.58 -27.60
C PHE B 354 -26.15 24.27 -27.82
N GLY B 355 -27.00 23.93 -26.86
CA GLY B 355 -27.86 22.77 -27.01
C GLY B 355 -29.29 23.17 -26.67
N ILE B 356 -30.24 22.51 -27.33
CA ILE B 356 -31.65 22.82 -27.16
C ILE B 356 -32.22 21.87 -26.12
N ARG B 357 -32.67 22.43 -24.97
CA ARG B 357 -33.24 21.59 -23.91
C ARG B 357 -33.86 22.52 -22.88
N THR B 358 -34.87 22.02 -22.19
CA THR B 358 -35.49 22.76 -21.10
C THR B 358 -35.24 22.06 -19.78
N VAL B 359 -35.29 22.84 -18.71
CA VAL B 359 -35.06 22.38 -17.34
C VAL B 359 -36.18 22.99 -16.52
N GLU B 360 -36.92 22.16 -15.80
CA GLU B 360 -38.00 22.69 -14.97
C GLU B 360 -38.13 21.83 -13.73
N VAL B 361 -38.22 22.45 -12.54
CA VAL B 361 -38.66 21.74 -11.34
C VAL B 361 -40.17 21.79 -11.27
N SER B 362 -40.78 20.65 -11.04
CA SER B 362 -42.25 20.58 -10.96
C SER B 362 -42.58 19.67 -9.80
N GLY B 363 -43.10 20.25 -8.72
CA GLY B 363 -43.43 19.42 -7.57
C GLY B 363 -42.16 18.81 -7.03
N THR B 364 -42.14 17.49 -6.92
CA THR B 364 -40.93 16.81 -6.48
C THR B 364 -40.15 16.19 -7.63
N THR B 365 -40.33 16.68 -8.87
CA THR B 365 -39.58 16.15 -10.01
C THR B 365 -38.68 17.22 -10.59
N PHE B 366 -37.62 16.75 -11.25
CA PHE B 366 -36.65 17.58 -11.95
C PHE B 366 -36.72 17.20 -13.41
N LEU B 367 -37.33 18.05 -14.23
CA LEU B 367 -37.68 17.69 -15.60
C LEU B 367 -36.66 18.26 -16.58
N ILE B 368 -36.02 17.39 -17.34
CA ILE B 368 -35.22 17.81 -18.47
C ILE B 368 -35.99 17.40 -19.72
N ASN B 369 -36.26 18.36 -20.58
CA ASN B 369 -37.09 18.11 -21.79
C ASN B 369 -38.39 17.40 -21.41
N GLY B 370 -38.92 17.81 -20.25
CA GLY B 370 -40.18 17.27 -19.77
C GLY B 370 -40.15 15.89 -19.17
N LYS B 371 -38.95 15.23 -19.03
CA LYS B 371 -38.86 13.88 -18.50
C LYS B 371 -38.25 13.91 -17.10
N PRO B 372 -38.68 13.04 -16.20
CA PRO B 372 -38.21 13.08 -14.81
C PRO B 372 -36.82 12.49 -14.71
N PHE B 373 -35.86 13.36 -14.50
CA PHE B 373 -34.44 13.02 -14.48
C PHE B 373 -34.07 12.49 -13.08
N TYR B 374 -33.05 11.62 -13.05
CA TYR B 374 -32.50 11.14 -11.78
C TYR B 374 -31.00 11.35 -11.87
N PHE B 375 -30.43 12.13 -10.93
CA PHE B 375 -28.98 12.38 -10.95
C PHE B 375 -28.22 11.16 -10.44
N LYS B 376 -27.17 10.78 -11.17
CA LYS B 376 -26.23 9.74 -10.73
C LYS B 376 -24.85 10.35 -10.87
N GLY B 377 -24.09 10.42 -9.77
CA GLY B 377 -22.78 11.01 -9.97
C GLY B 377 -22.14 11.38 -8.64
N PHE B 378 -21.51 12.55 -8.59
CA PHE B 378 -20.58 12.84 -7.50
C PHE B 378 -20.19 14.30 -7.54
N GLY B 379 -19.67 14.78 -6.43
CA GLY B 379 -18.87 15.98 -6.48
C GLY B 379 -17.48 15.62 -6.97
N LYS B 380 -16.88 16.54 -7.73
CA LYS B 380 -15.51 16.36 -8.20
C LYS B 380 -14.58 17.37 -7.51
N HIS B 381 -13.32 17.36 -7.93
CA HIS B 381 -12.44 18.50 -7.69
C HIS B 381 -11.58 18.66 -8.93
N GLU B 382 -11.06 19.88 -9.15
CA GLU B 382 -9.95 20.01 -10.06
C GLU B 382 -8.69 19.79 -9.24
N ASP B 383 -8.17 18.56 -9.29
CA ASP B 383 -7.10 18.15 -8.40
C ASP B 383 -6.36 17.02 -9.09
N SER B 384 -5.02 17.12 -9.12
CA SER B 384 -4.22 16.01 -9.65
C SER B 384 -2.76 16.18 -9.23
N TYR B 385 -1.97 15.09 -9.30
CA TYR B 385 -0.64 15.04 -8.68
C TYR B 385 0.34 16.24 -8.77
N PHE B 386 0.65 16.64 -9.92
CA PHE B 386 1.70 17.66 -10.19
C PHE B 386 1.08 18.99 -10.53
N HIS B 387 -0.07 18.92 -11.16
CA HIS B 387 -0.75 20.13 -11.58
C HIS B 387 -1.47 20.84 -10.44
N GLY B 388 -1.82 20.13 -9.37
CA GLY B 388 -2.58 20.76 -8.30
C GLY B 388 -3.99 21.05 -8.76
N ARG B 389 -4.39 22.33 -8.75
CA ARG B 389 -5.65 22.77 -9.33
C ARG B 389 -5.49 23.19 -10.80
N GLY B 390 -4.31 22.98 -11.38
CA GLY B 390 -4.06 23.41 -12.76
C GLY B 390 -4.91 22.61 -13.73
N THR B 391 -5.45 23.31 -14.73
CA THR B 391 -6.29 22.63 -15.71
C THR B 391 -5.42 21.68 -16.55
N ASP B 392 -5.97 20.51 -16.83
CA ASP B 392 -5.28 19.47 -17.57
C ASP B 392 -6.33 18.78 -18.44
N ASP B 393 -6.28 19.03 -19.78
CA ASP B 393 -7.34 18.47 -20.58
C ASP B 393 -7.19 16.97 -20.82
N VAL B 394 -5.97 16.41 -20.71
CA VAL B 394 -5.84 14.96 -20.73
C VAL B 394 -6.64 14.35 -19.58
N LEU B 395 -6.54 14.96 -18.40
CA LEU B 395 -7.25 14.42 -17.25
C LEU B 395 -8.75 14.66 -17.38
N ASN B 396 -9.16 15.81 -17.94
CA ASN B 396 -10.59 16.04 -18.13
C ASN B 396 -11.16 15.01 -19.10
N VAL B 397 -10.44 14.72 -20.19
CA VAL B 397 -10.91 13.71 -21.14
C VAL B 397 -11.00 12.35 -20.47
N LYS B 398 -9.98 11.99 -19.66
CA LYS B 398 -10.00 10.71 -18.98
C LYS B 398 -11.14 10.65 -17.99
N ASP B 399 -11.35 11.74 -17.24
CA ASP B 399 -12.40 11.75 -16.24
C ASP B 399 -13.77 11.60 -16.87
N VAL B 400 -14.00 12.23 -18.02
CA VAL B 400 -15.31 12.10 -18.65
C VAL B 400 -15.52 10.67 -19.13
N SER B 401 -14.46 9.99 -19.60
CA SER B 401 -14.62 8.59 -19.98
C SER B 401 -14.95 7.73 -18.77
N LEU B 402 -14.38 8.09 -17.61
CA LEU B 402 -14.66 7.35 -16.38
C LEU B 402 -16.09 7.56 -15.91
N ILE B 403 -16.59 8.77 -16.07
CA ILE B 403 -18.01 9.02 -15.80
C ILE B 403 -18.86 8.08 -16.63
N HIS B 404 -18.53 7.91 -17.91
CA HIS B 404 -19.27 6.96 -18.74
C HIS B 404 -19.06 5.53 -18.28
N TRP B 405 -17.81 5.15 -17.95
CA TRP B 405 -17.53 3.79 -17.50
C TRP B 405 -18.36 3.43 -16.27
N LEU B 406 -18.53 4.39 -15.37
CA LEU B 406 -19.32 4.19 -14.15
C LEU B 406 -20.84 4.21 -14.39
N HIS B 407 -21.29 4.64 -15.58
CA HIS B 407 -22.70 4.81 -15.90
C HIS B 407 -23.31 5.93 -15.05
N ALA B 408 -22.45 6.86 -14.63
CA ALA B 408 -22.92 8.10 -14.01
C ALA B 408 -23.42 9.04 -15.11
N ASN B 409 -24.19 10.08 -14.72
CA ASN B 409 -24.65 11.04 -15.70
C ASN B 409 -24.42 12.50 -15.29
N SER B 410 -23.72 12.76 -14.20
CA SER B 410 -23.69 14.14 -13.69
C SER B 410 -22.58 14.36 -12.67
N PHE B 411 -22.24 15.63 -12.46
CA PHE B 411 -21.40 15.97 -11.30
C PHE B 411 -21.67 17.40 -10.92
N ARG B 412 -21.14 17.79 -9.77
CA ARG B 412 -21.18 19.18 -9.30
C ARG B 412 -19.77 19.74 -9.33
N THR B 413 -19.61 21.01 -9.73
CA THR B 413 -18.28 21.65 -9.70
C THR B 413 -17.92 22.07 -8.27
N SER B 414 -17.91 21.11 -7.38
CA SER B 414 -17.43 21.39 -6.02
C SER B 414 -15.96 21.84 -6.04
N HIS B 415 -15.57 22.96 -5.39
CA HIS B 415 -16.45 23.97 -4.77
C HIS B 415 -16.06 25.31 -5.39
N TYR B 416 -16.05 25.36 -6.73
CA TYR B 416 -15.60 26.57 -7.46
C TYR B 416 -15.89 26.30 -8.93
N PRO B 417 -16.08 27.33 -9.73
CA PRO B 417 -16.24 27.11 -11.17
C PRO B 417 -14.99 26.42 -11.72
N TYR B 418 -15.21 25.43 -12.59
CA TYR B 418 -14.11 24.68 -13.20
C TYR B 418 -13.61 25.40 -14.46
N ALA B 419 -12.52 24.89 -15.03
CA ALA B 419 -12.04 25.42 -16.31
C ALA B 419 -13.09 25.29 -17.40
N GLU B 420 -13.12 26.29 -18.29
CA GLU B 420 -14.17 26.35 -19.32
C GLU B 420 -14.15 25.11 -20.20
N SER B 421 -12.97 24.55 -20.49
CA SER B 421 -12.92 23.39 -21.39
C SER B 421 -13.69 22.20 -20.83
N MET B 422 -13.80 22.04 -19.50
CA MET B 422 -14.55 20.88 -19.00
C MET B 422 -16.03 20.98 -19.35
N TYR B 423 -16.59 22.18 -19.33
CA TYR B 423 -18.01 22.32 -19.68
C TYR B 423 -18.23 22.06 -21.16
N ASP B 424 -17.32 22.49 -22.00
CA ASP B 424 -17.41 22.15 -23.42
C ASP B 424 -17.37 20.65 -23.59
N LEU B 425 -16.49 19.98 -22.83
CA LEU B 425 -16.42 18.54 -22.93
C LEU B 425 -17.73 17.90 -22.48
N CYS B 426 -18.32 18.38 -21.37
CA CYS B 426 -19.56 17.76 -20.90
C CYS B 426 -20.73 18.08 -21.82
N ASP B 427 -20.67 19.24 -22.50
CA ASP B 427 -21.64 19.55 -23.55
C ASP B 427 -21.59 18.50 -24.66
N ARG B 428 -20.38 18.16 -25.14
CA ARG B 428 -20.33 17.16 -26.21
C ARG B 428 -20.54 15.74 -25.73
N GLU B 429 -20.32 15.44 -24.45
CA GLU B 429 -20.43 14.08 -23.94
C GLU B 429 -21.70 13.79 -23.17
N GLY B 430 -22.65 14.73 -23.08
CA GLY B 430 -23.92 14.40 -22.46
C GLY B 430 -23.89 14.18 -20.97
N ILE B 431 -23.08 14.97 -20.26
CA ILE B 431 -22.97 14.86 -18.79
C ILE B 431 -23.50 16.15 -18.20
N VAL B 432 -24.41 16.02 -17.24
CA VAL B 432 -25.09 17.15 -16.59
C VAL B 432 -24.23 17.74 -15.47
N ILE B 433 -24.25 19.07 -15.31
CA ILE B 433 -23.42 19.74 -14.32
C ILE B 433 -24.27 20.64 -13.43
N ILE B 434 -23.99 20.61 -12.13
CA ILE B 434 -24.44 21.63 -11.19
C ILE B 434 -23.26 22.56 -10.98
N ASP B 435 -23.42 23.85 -11.34
CA ASP B 435 -22.30 24.80 -11.39
C ASP B 435 -22.27 25.62 -10.09
N GLU B 436 -21.13 25.58 -9.37
CA GLU B 436 -21.04 26.11 -8.00
C GLU B 436 -20.00 27.22 -7.86
N VAL B 437 -20.35 28.30 -7.17
CA VAL B 437 -19.39 29.38 -6.89
C VAL B 437 -18.49 29.04 -5.70
N PRO B 438 -17.35 29.75 -5.51
CA PRO B 438 -16.40 29.37 -4.43
C PRO B 438 -16.81 29.83 -3.03
N ALA B 439 -18.11 29.89 -2.75
CA ALA B 439 -18.61 30.38 -1.47
C ALA B 439 -18.69 29.22 -0.49
N VAL B 440 -17.50 28.72 -0.12
CA VAL B 440 -17.34 27.61 0.82
C VAL B 440 -16.62 28.13 2.06
N GLY B 441 -17.01 27.63 3.21
CA GLY B 441 -16.41 28.05 4.48
C GLY B 441 -17.14 29.21 5.15
N MET B 442 -18.36 29.55 4.71
CA MET B 442 -19.06 30.74 5.17
C MET B 442 -19.84 30.53 6.46
N SER B 443 -19.85 31.57 7.29
CA SER B 443 -20.70 31.56 8.49
C SER B 443 -21.12 33.00 8.81
N TRP B 444 -21.66 33.20 10.02
CA TRP B 444 -22.27 34.49 10.35
C TRP B 444 -21.26 35.62 10.33
N LEU B 445 -19.98 35.32 10.57
CA LEU B 445 -18.95 36.33 10.44
C LEU B 445 -18.95 36.94 9.04
N GLN B 446 -19.11 36.10 8.02
CA GLN B 446 -19.12 36.62 6.64
C GLN B 446 -20.42 37.35 6.31
N TYR B 447 -21.58 36.89 6.82
CA TYR B 447 -22.84 37.48 6.38
C TYR B 447 -22.95 38.96 6.77
N ALA B 448 -22.23 39.35 7.81
CA ALA B 448 -22.23 40.73 8.29
C ALA B 448 -21.21 41.61 7.58
N ASN B 449 -20.46 41.06 6.64
CA ASN B 449 -19.39 41.82 6.02
C ASN B 449 -19.83 42.23 4.62
N PRO B 450 -20.06 43.53 4.37
CA PRO B 450 -20.43 43.95 3.02
C PRO B 450 -19.44 43.59 1.93
N LEU B 451 -18.13 43.52 2.24
CA LEU B 451 -17.18 43.19 1.19
C LEU B 451 -17.36 41.74 0.75
N VAL B 452 -17.69 40.85 1.69
CA VAL B 452 -17.90 39.46 1.30
C VAL B 452 -19.17 39.34 0.47
N ALA B 453 -20.23 40.05 0.86
CA ALA B 453 -21.45 40.00 0.07
C ALA B 453 -21.18 40.46 -1.35
N GLU B 454 -20.37 41.51 -1.53
CA GLU B 454 -20.09 41.97 -2.87
C GLU B 454 -19.25 40.95 -3.63
N ARG B 455 -18.26 40.33 -2.99
CA ARG B 455 -17.49 39.29 -3.68
C ARG B 455 -18.37 38.12 -4.07
N HIS B 456 -19.36 37.80 -3.23
CA HIS B 456 -20.28 36.72 -3.49
C HIS B 456 -21.14 37.04 -4.70
N ARG B 457 -21.66 38.28 -4.79
CA ARG B 457 -22.42 38.65 -5.96
C ARG B 457 -21.55 38.61 -7.21
N GLU B 458 -20.29 39.08 -7.10
CA GLU B 458 -19.37 39.04 -8.25
C GLU B 458 -19.19 37.62 -8.74
N ALA B 459 -19.05 36.68 -7.81
CA ALA B 459 -18.82 35.29 -8.20
C ALA B 459 -20.06 34.72 -8.88
N ILE B 460 -21.24 35.04 -8.36
CA ILE B 460 -22.45 34.52 -8.99
C ILE B 460 -22.61 35.13 -10.37
N ARG B 461 -22.53 36.47 -10.48
CA ARG B 461 -22.66 37.11 -11.80
C ARG B 461 -21.60 36.59 -12.76
N GLY B 462 -20.37 36.44 -12.29
CA GLY B 462 -19.27 36.05 -13.16
C GLY B 462 -19.40 34.61 -13.63
N MET B 463 -19.81 33.71 -12.72
CA MET B 463 -20.01 32.31 -13.13
C MET B 463 -21.10 32.21 -14.17
N ILE B 464 -22.22 32.90 -13.93
CA ILE B 464 -23.35 32.76 -14.83
C ILE B 464 -23.06 33.47 -16.15
N ALA B 465 -22.38 34.64 -16.13
CA ALA B 465 -22.01 35.30 -17.38
C ALA B 465 -21.10 34.40 -18.23
N ARG B 466 -20.19 33.67 -17.57
CA ARG B 466 -19.25 32.82 -18.30
C ARG B 466 -19.94 31.57 -18.86
N ASP B 467 -20.86 30.98 -18.12
CA ASP B 467 -21.30 29.61 -18.33
C ASP B 467 -22.73 29.49 -18.86
N LYS B 468 -23.45 30.61 -19.03
CA LYS B 468 -24.89 30.55 -19.32
C LYS B 468 -25.23 29.76 -20.59
N ASN B 469 -24.31 29.65 -21.56
CA ASN B 469 -24.70 29.00 -22.82
C ASN B 469 -24.53 27.49 -22.80
N HIS B 470 -23.98 26.93 -21.75
CA HIS B 470 -23.78 25.47 -21.75
C HIS B 470 -25.09 24.73 -21.50
N PRO B 471 -25.51 23.83 -22.41
CA PRO B 471 -26.67 23.00 -22.12
C PRO B 471 -26.41 22.00 -21.01
N CYS B 472 -25.15 21.63 -20.76
CA CYS B 472 -24.94 20.63 -19.72
C CYS B 472 -25.25 21.17 -18.35
N ILE B 473 -25.17 22.50 -18.14
CA ILE B 473 -25.46 23.05 -16.82
C ILE B 473 -26.97 23.09 -16.60
N VAL B 474 -27.46 22.44 -15.54
CA VAL B 474 -28.90 22.38 -15.29
C VAL B 474 -29.31 23.10 -14.02
N MET B 475 -28.36 23.51 -13.20
CA MET B 475 -28.67 24.08 -11.89
C MET B 475 -27.45 24.84 -11.40
N TRP B 476 -27.71 25.93 -10.65
CA TRP B 476 -26.65 26.73 -10.04
C TRP B 476 -26.63 26.47 -8.55
N SER B 477 -25.43 26.36 -7.96
CA SER B 477 -25.30 26.29 -6.50
C SER B 477 -24.64 27.55 -5.99
N ILE B 478 -25.31 28.24 -5.04
CA ILE B 478 -24.78 29.51 -4.58
C ILE B 478 -23.85 29.40 -3.37
N ALA B 479 -23.66 28.21 -2.79
CA ALA B 479 -22.73 28.05 -1.66
C ALA B 479 -22.60 26.59 -1.36
N ASN B 480 -21.47 26.21 -0.75
CA ASN B 480 -21.33 24.89 -0.16
C ASN B 480 -21.17 25.01 1.34
N GLU B 481 -22.08 24.36 2.07
CA GLU B 481 -22.02 24.20 3.52
C GLU B 481 -21.84 25.50 4.30
N PRO B 482 -22.63 26.52 4.02
CA PRO B 482 -22.63 27.69 4.91
C PRO B 482 -23.34 27.36 6.21
N GLY B 483 -23.05 28.14 7.25
CA GLY B 483 -23.81 28.04 8.47
C GLY B 483 -25.25 28.53 8.29
N LEU B 484 -26.24 27.66 8.57
CA LEU B 484 -27.64 28.01 8.39
C LEU B 484 -28.53 27.78 9.61
N ASP B 485 -28.10 26.97 10.57
CA ASP B 485 -28.97 26.47 11.65
C ASP B 485 -28.62 27.17 12.96
N GLY B 486 -29.25 26.73 14.03
CA GLY B 486 -28.91 27.26 15.34
C GLY B 486 -30.07 28.01 15.98
N ASP B 487 -29.79 28.84 16.98
CA ASP B 487 -30.92 29.47 17.64
C ASP B 487 -30.81 30.99 17.60
N GLY B 488 -31.74 31.62 18.31
CA GLY B 488 -31.77 33.06 18.23
C GLY B 488 -32.01 33.52 16.82
N GLU B 489 -31.31 34.57 16.43
CA GLU B 489 -31.49 35.17 15.12
C GLU B 489 -30.63 34.52 14.05
N ARG B 490 -29.79 33.53 14.40
CA ARG B 490 -28.86 32.99 13.42
C ARG B 490 -29.56 32.42 12.20
N PRO B 491 -30.60 31.59 12.31
CA PRO B 491 -31.23 31.09 11.07
C PRO B 491 -31.78 32.20 10.21
N ARG B 492 -32.36 33.24 10.80
CA ARG B 492 -32.90 34.32 9.99
C ARG B 492 -31.80 35.16 9.35
N GLN B 493 -30.71 35.40 10.07
CA GLN B 493 -29.61 36.14 9.48
C GLN B 493 -29.04 35.40 8.27
N ALA B 494 -28.93 34.07 8.35
CA ALA B 494 -28.48 33.31 7.19
C ALA B 494 -29.48 33.43 6.04
N TYR B 495 -30.78 33.30 6.35
CA TYR B 495 -31.80 33.40 5.30
C TYR B 495 -31.74 34.76 4.61
N ASP B 496 -31.58 35.82 5.40
CA ASP B 496 -31.58 37.17 4.83
C ASP B 496 -30.32 37.42 4.00
N TYR B 497 -29.22 36.72 4.32
CA TYR B 497 -28.03 36.81 3.48
C TYR B 497 -28.22 36.06 2.14
N PHE B 498 -28.76 34.84 2.20
CA PHE B 498 -28.80 34.02 0.99
C PHE B 498 -29.98 34.29 0.08
N ARG B 499 -31.12 34.74 0.61
CA ARG B 499 -32.26 34.96 -0.28
C ARG B 499 -31.97 35.94 -1.41
N PRO B 500 -31.33 37.12 -1.20
CA PRO B 500 -31.01 37.96 -2.35
C PRO B 500 -30.02 37.34 -3.30
N LEU B 501 -29.23 36.35 -2.83
CA LEU B 501 -28.29 35.73 -3.77
C LEU B 501 -29.00 34.70 -4.64
N TYR B 502 -29.98 33.98 -4.06
CA TYR B 502 -30.88 33.13 -4.83
C TYR B 502 -31.58 33.94 -5.91
N GLU B 503 -32.12 35.10 -5.53
CA GLU B 503 -32.75 35.97 -6.53
C GLU B 503 -31.77 36.42 -7.59
N LEU B 504 -30.53 36.76 -7.21
CA LEU B 504 -29.56 37.23 -8.17
C LEU B 504 -29.24 36.13 -9.17
N ALA B 505 -29.07 34.90 -8.68
CA ALA B 505 -28.80 33.79 -9.59
C ALA B 505 -29.95 33.60 -10.58
N HIS B 506 -31.21 33.77 -10.13
CA HIS B 506 -32.33 33.68 -11.07
C HIS B 506 -32.35 34.85 -12.04
N ALA B 507 -32.05 36.06 -11.54
CA ALA B 507 -32.08 37.22 -12.44
C ALA B 507 -30.99 37.18 -13.50
N SER B 508 -29.86 36.54 -13.18
CA SER B 508 -28.69 36.62 -14.03
C SER B 508 -28.73 35.60 -15.16
N ASP B 509 -29.43 34.50 -14.95
CA ASP B 509 -29.43 33.41 -15.92
C ASP B 509 -30.58 33.61 -16.89
N PRO B 510 -30.31 33.89 -18.15
CA PRO B 510 -31.43 34.01 -19.14
C PRO B 510 -32.26 32.75 -19.26
N GLN B 511 -31.71 31.60 -18.92
CA GLN B 511 -32.47 30.36 -18.99
C GLN B 511 -33.31 30.12 -17.75
N ASN B 512 -33.08 30.86 -16.67
CA ASN B 512 -33.82 30.71 -15.42
C ASN B 512 -33.78 29.27 -14.88
N ARG B 513 -32.56 28.72 -14.82
CA ARG B 513 -32.42 27.39 -14.26
C ARG B 513 -32.64 27.38 -12.75
N PRO B 514 -32.92 26.23 -12.18
CA PRO B 514 -33.06 26.14 -10.72
C PRO B 514 -31.79 26.51 -10.00
N VAL B 515 -31.99 26.97 -8.77
CA VAL B 515 -30.92 27.45 -7.92
C VAL B 515 -31.00 26.69 -6.61
N THR B 516 -29.85 26.19 -6.14
CA THR B 516 -29.78 25.50 -4.88
C THR B 516 -28.63 26.10 -4.07
N LEU B 517 -28.53 25.59 -2.86
CA LEU B 517 -27.47 25.85 -1.91
C LEU B 517 -27.15 24.48 -1.31
N VAL B 518 -25.88 24.08 -1.34
CA VAL B 518 -25.57 22.73 -0.83
C VAL B 518 -25.38 22.80 0.68
N CYS B 519 -26.13 21.98 1.39
CA CYS B 519 -26.27 22.14 2.84
C CYS B 519 -25.42 21.13 3.59
N CYS B 520 -24.65 21.61 4.58
N CYS B 520 -24.69 21.63 4.60
CA CYS B 520 -23.89 20.67 5.41
CA CYS B 520 -23.94 20.81 5.55
C CYS B 520 -24.82 19.90 6.34
C CYS B 520 -24.86 19.90 6.35
N GLN B 521 -24.32 18.79 6.84
CA GLN B 521 -25.04 18.05 7.87
C GLN B 521 -25.30 18.98 9.05
N ASN B 522 -26.58 19.19 9.40
CA ASN B 522 -26.86 20.19 10.43
C ASN B 522 -28.17 19.86 11.12
N ASP B 523 -28.59 20.74 12.02
CA ASP B 523 -29.92 20.59 12.64
C ASP B 523 -30.93 21.12 11.64
N TYR B 524 -31.44 20.21 10.81
CA TYR B 524 -32.34 20.59 9.73
C TYR B 524 -33.64 21.19 10.29
N THR B 525 -33.94 20.96 11.59
CA THR B 525 -35.17 21.58 12.09
C THR B 525 -35.02 23.08 12.39
N THR B 526 -33.81 23.62 12.55
CA THR B 526 -33.71 25.06 12.78
C THR B 526 -33.14 25.81 11.60
N ASP B 527 -32.57 25.13 10.62
CA ASP B 527 -32.24 25.72 9.33
C ASP B 527 -33.54 26.11 8.62
N ILE B 528 -33.71 27.39 8.27
CA ILE B 528 -34.91 27.83 7.55
C ILE B 528 -34.60 28.23 6.11
N THR B 529 -33.36 27.99 5.63
CA THR B 529 -32.93 28.43 4.32
C THR B 529 -32.93 27.29 3.29
N GLU B 530 -32.38 26.14 3.65
CA GLU B 530 -32.21 25.09 2.63
C GLU B 530 -33.57 24.69 2.03
N ARG B 531 -34.60 24.57 2.86
CA ARG B 531 -35.93 24.17 2.39
C ARG B 531 -36.56 25.14 1.42
N THR B 532 -36.02 26.35 1.25
CA THR B 532 -36.56 27.34 0.31
C THR B 532 -35.87 27.31 -1.05
N MET B 533 -34.87 26.45 -1.21
CA MET B 533 -34.23 26.38 -2.52
C MET B 533 -35.12 25.61 -3.53
N ASP B 534 -34.76 25.69 -4.82
CA ASP B 534 -35.59 25.05 -5.85
C ASP B 534 -35.45 23.54 -5.82
N VAL B 535 -34.24 23.06 -5.50
CA VAL B 535 -33.95 21.66 -5.23
C VAL B 535 -33.19 21.66 -3.91
N VAL B 536 -33.53 20.72 -3.04
CA VAL B 536 -32.84 20.56 -1.75
C VAL B 536 -31.64 19.66 -2.01
N CYS B 537 -30.45 20.16 -1.75
CA CYS B 537 -29.21 19.40 -1.99
C CYS B 537 -28.54 19.23 -0.64
N ILE B 538 -28.47 17.99 -0.16
CA ILE B 538 -27.97 17.74 1.19
C ILE B 538 -26.69 16.93 1.17
N ASN B 539 -25.78 17.34 2.04
CA ASN B 539 -24.56 16.57 2.34
C ASN B 539 -24.76 15.87 3.65
N ARG B 540 -24.71 14.52 3.66
CA ARG B 540 -24.97 13.78 4.88
C ARG B 540 -23.95 12.68 5.07
N TYR B 541 -23.49 12.48 6.31
CA TYR B 541 -22.43 11.51 6.60
C TYR B 541 -22.82 10.65 7.79
N TYR B 542 -24.09 10.29 7.84
CA TYR B 542 -24.58 9.32 8.83
C TYR B 542 -23.77 8.05 8.70
N GLY B 543 -23.24 7.57 9.83
CA GLY B 543 -22.42 6.38 9.79
C GLY B 543 -20.94 6.62 9.58
N TRP B 544 -20.54 7.83 9.18
CA TRP B 544 -19.13 8.19 9.09
C TRP B 544 -18.78 9.18 10.21
N TYR B 545 -19.23 10.44 10.11
CA TYR B 545 -18.92 11.45 11.12
C TYR B 545 -19.82 11.35 12.36
N ASN B 546 -20.84 10.52 12.31
CA ASN B 546 -21.67 10.23 13.47
C ASN B 546 -22.10 8.79 13.35
N LEU B 547 -22.55 8.20 14.48
CA LEU B 547 -23.00 6.80 14.49
C LEU B 547 -21.94 5.95 13.81
N SER B 548 -20.67 6.24 14.13
CA SER B 548 -19.56 5.83 13.26
C SER B 548 -19.51 4.31 13.12
N GLY B 549 -19.56 3.85 11.87
CA GLY B 549 -19.42 2.43 11.60
C GLY B 549 -20.68 1.63 11.75
N ASP B 550 -21.77 2.21 12.25
CA ASP B 550 -22.97 1.45 12.61
C ASP B 550 -24.00 1.71 11.52
N LEU B 551 -24.01 0.86 10.48
CA LEU B 551 -24.85 1.21 9.32
C LEU B 551 -26.34 1.05 9.63
N ASP B 552 -26.73 0.16 10.55
CA ASP B 552 -28.12 0.10 10.95
C ASP B 552 -28.58 1.43 11.55
N ALA B 553 -27.82 1.94 12.50
CA ALA B 553 -28.19 3.21 13.13
C ALA B 553 -28.14 4.34 12.14
N ALA B 554 -27.12 4.34 11.27
CA ALA B 554 -27.02 5.36 10.22
C ALA B 554 -28.27 5.38 9.33
N CYS B 555 -28.76 4.21 8.94
CA CYS B 555 -29.94 4.17 8.08
C CYS B 555 -31.18 4.59 8.84
N HIS B 556 -31.27 4.21 10.14
CA HIS B 556 -32.36 4.69 10.98
C HIS B 556 -32.36 6.21 11.07
N ALA B 557 -31.19 6.81 11.36
CA ALA B 557 -31.09 8.26 11.43
C ALA B 557 -31.43 8.89 10.08
N LEU B 558 -30.87 8.34 8.99
CA LEU B 558 -31.19 8.92 7.68
C LEU B 558 -32.70 8.91 7.45
N ASN B 559 -33.33 7.80 7.78
CA ASN B 559 -34.78 7.70 7.54
C ASN B 559 -35.58 8.69 8.36
N ILE B 560 -35.16 8.97 9.60
CA ILE B 560 -35.80 10.04 10.37
C ILE B 560 -35.69 11.37 9.65
N GLU B 561 -34.50 11.70 9.12
CA GLU B 561 -34.39 12.95 8.42
C GLU B 561 -35.13 12.90 7.09
N LEU B 562 -35.18 11.72 6.43
CA LEU B 562 -35.96 11.68 5.20
C LEU B 562 -37.44 11.90 5.47
N ASP B 563 -37.93 11.43 6.62
CA ASP B 563 -39.33 11.70 6.96
C ASP B 563 -39.61 13.19 7.05
N PHE B 564 -38.64 13.96 7.56
CA PHE B 564 -38.72 15.42 7.55
C PHE B 564 -38.83 16.00 6.14
N TRP B 565 -37.91 15.62 5.24
CA TRP B 565 -37.96 16.18 3.89
C TRP B 565 -39.17 15.69 3.10
N GLU B 566 -39.72 14.52 3.44
CA GLU B 566 -40.90 14.06 2.72
C GLU B 566 -42.05 15.02 2.95
N ASN B 567 -42.16 15.47 4.20
CA ASN B 567 -43.14 16.45 4.62
C ASN B 567 -42.96 17.78 3.89
N ILE B 568 -41.70 18.19 3.68
CA ILE B 568 -41.37 19.49 3.09
C ILE B 568 -41.87 19.56 1.66
N GLY B 569 -41.84 18.45 0.92
CA GLY B 569 -42.44 18.46 -0.40
C GLY B 569 -41.62 19.05 -1.52
N LYS B 570 -40.31 19.18 -1.35
CA LYS B 570 -39.43 19.61 -2.44
C LYS B 570 -38.69 18.40 -3.01
N PRO B 571 -38.20 18.48 -4.25
CA PRO B 571 -37.28 17.42 -4.73
C PRO B 571 -36.02 17.53 -3.90
N VAL B 572 -35.48 16.38 -3.54
CA VAL B 572 -34.30 16.32 -2.69
C VAL B 572 -33.26 15.42 -3.34
N MET B 573 -31.97 15.76 -3.20
CA MET B 573 -30.92 14.85 -3.65
C MET B 573 -29.73 14.94 -2.72
N PHE B 574 -28.96 13.85 -2.66
CA PHE B 574 -27.62 13.93 -2.07
C PHE B 574 -26.70 14.67 -3.03
N THR B 575 -25.94 15.63 -2.49
CA THR B 575 -24.79 16.12 -3.19
C THR B 575 -23.50 15.60 -2.57
N GLU B 576 -23.54 15.06 -1.35
CA GLU B 576 -22.39 14.38 -0.75
C GLU B 576 -22.85 13.30 0.20
N TYR B 577 -22.08 12.21 0.21
CA TYR B 577 -22.13 11.19 1.25
C TYR B 577 -21.02 10.21 0.90
N GLY B 578 -20.34 9.67 1.90
CA GLY B 578 -19.23 8.79 1.60
C GLY B 578 -18.41 8.51 2.84
N ALA B 579 -17.24 7.90 2.62
CA ALA B 579 -16.47 7.28 3.69
C ALA B 579 -15.02 7.23 3.23
N ASP B 580 -14.08 7.73 4.03
CA ASP B 580 -12.68 7.63 3.61
C ASP B 580 -12.26 6.17 3.50
N THR B 581 -11.49 5.88 2.45
CA THR B 581 -11.21 4.50 2.10
C THR B 581 -9.80 4.42 1.54
N ILE B 582 -8.95 3.60 2.16
CA ILE B 582 -7.59 3.45 1.67
C ILE B 582 -7.57 2.21 0.79
N GLU B 583 -7.23 2.36 -0.50
CA GLU B 583 -7.28 1.20 -1.36
C GLU B 583 -6.32 0.15 -0.82
N GLY B 584 -6.77 -1.09 -0.86
CA GLY B 584 -5.94 -2.17 -0.35
C GLY B 584 -6.23 -2.57 1.10
N ILE B 585 -6.95 -1.75 1.85
CA ILE B 585 -7.40 -2.17 3.18
C ILE B 585 -8.66 -2.97 3.01
N HIS B 586 -8.68 -4.22 3.54
CA HIS B 586 -9.76 -5.16 3.30
C HIS B 586 -10.20 -5.80 4.60
N GLY B 587 -11.47 -6.22 4.62
CA GLY B 587 -11.97 -6.98 5.77
C GLY B 587 -13.14 -7.84 5.38
N THR B 588 -13.29 -9.00 6.05
CA THR B 588 -14.49 -9.79 5.80
C THR B 588 -15.74 -9.10 6.35
N HIS B 589 -15.58 -8.31 7.40
CA HIS B 589 -16.64 -7.45 7.93
C HIS B 589 -16.00 -6.07 7.94
N GLY B 590 -16.20 -5.33 6.86
CA GLY B 590 -15.39 -4.15 6.61
C GLY B 590 -15.65 -3.05 7.62
N GLU B 591 -14.56 -2.53 8.19
CA GLU B 591 -14.55 -1.44 9.13
C GLU B 591 -14.17 -0.16 8.42
N MET B 592 -14.41 0.98 9.09
CA MET B 592 -14.05 2.29 8.52
C MET B 592 -12.61 2.30 8.01
N PHE B 593 -12.47 2.77 6.76
CA PHE B 593 -11.26 2.91 5.91
C PHE B 593 -11.04 1.69 5.01
N SER B 594 -11.79 0.61 5.19
CA SER B 594 -11.65 -0.54 4.30
C SER B 594 -12.47 -0.33 3.02
N GLU B 595 -12.06 -1.03 1.95
CA GLU B 595 -12.82 -0.98 0.72
C GLU B 595 -14.22 -1.53 0.90
N GLU B 596 -14.35 -2.60 1.71
CA GLU B 596 -15.65 -3.22 1.91
C GLU B 596 -16.61 -2.27 2.63
N PHE B 597 -16.11 -1.53 3.64
CA PHE B 597 -17.00 -0.60 4.34
C PHE B 597 -17.55 0.45 3.40
N GLN B 598 -16.70 0.99 2.51
CA GLN B 598 -17.19 2.00 1.57
C GLN B 598 -18.28 1.41 0.67
N ARG B 599 -18.07 0.19 0.20
CA ARG B 599 -19.08 -0.48 -0.62
C ARG B 599 -20.37 -0.72 0.19
N ASP B 600 -20.22 -1.21 1.42
CA ASP B 600 -21.40 -1.47 2.28
C ASP B 600 -22.14 -0.17 2.57
N TYR B 601 -21.38 0.90 2.79
CA TYR B 601 -21.97 2.21 3.07
C TYR B 601 -22.94 2.60 1.97
N TYR B 602 -22.48 2.59 0.72
CA TYR B 602 -23.37 2.97 -0.38
C TYR B 602 -24.51 1.97 -0.57
N ALA B 603 -24.23 0.66 -0.43
CA ALA B 603 -25.31 -0.31 -0.62
C ALA B 603 -26.43 -0.07 0.40
N ARG B 604 -26.07 0.23 1.65
CA ARG B 604 -27.12 0.41 2.67
C ARG B 604 -27.85 1.73 2.46
N ILE B 605 -27.12 2.82 2.26
CA ILE B 605 -27.78 4.11 2.15
C ILE B 605 -28.64 4.15 0.91
N ASN B 606 -28.15 3.62 -0.22
CA ASN B 606 -28.92 3.73 -1.46
C ASN B 606 -30.19 2.89 -1.40
N ALA B 607 -30.17 1.80 -0.64
CA ALA B 607 -31.40 1.03 -0.47
C ALA B 607 -32.47 1.87 0.20
N GLU B 608 -32.06 2.78 1.10
CA GLU B 608 -33.06 3.61 1.78
C GLU B 608 -33.63 4.71 0.89
N ILE B 609 -32.78 5.43 0.13
CA ILE B 609 -33.33 6.50 -0.70
C ILE B 609 -34.15 5.94 -1.86
N ASP B 610 -33.93 4.67 -2.23
CA ASP B 610 -34.71 4.07 -3.31
C ASP B 610 -36.18 3.96 -2.94
N LYS B 611 -36.48 4.01 -1.66
CA LYS B 611 -37.85 3.90 -1.19
C LYS B 611 -38.59 5.22 -1.22
N ARG B 612 -37.92 6.32 -1.55
CA ARG B 612 -38.52 7.67 -1.50
C ARG B 612 -38.72 8.19 -2.90
N PRO B 613 -39.94 8.38 -3.37
CA PRO B 613 -40.13 8.79 -4.77
C PRO B 613 -39.69 10.20 -5.04
N TRP B 614 -39.61 11.03 -4.01
CA TRP B 614 -39.25 12.45 -4.13
C TRP B 614 -37.75 12.71 -4.04
N PHE B 615 -36.96 11.64 -3.93
CA PHE B 615 -35.52 11.74 -3.79
C PHE B 615 -34.99 11.51 -5.19
N ILE B 616 -34.50 12.58 -5.84
CA ILE B 616 -34.31 12.61 -7.28
C ILE B 616 -32.84 12.54 -7.68
N GLY B 617 -31.93 12.31 -6.75
CA GLY B 617 -30.55 12.18 -7.22
C GLY B 617 -29.61 11.69 -6.14
N GLU B 618 -28.53 11.07 -6.58
CA GLU B 618 -27.48 10.57 -5.68
C GLU B 618 -26.15 11.04 -6.26
N GLN B 619 -25.63 12.13 -5.75
CA GLN B 619 -24.25 12.53 -6.01
C GLN B 619 -23.48 12.27 -4.73
N LEU B 620 -22.47 11.44 -4.83
CA LEU B 620 -21.70 11.04 -3.66
C LEU B 620 -20.46 11.92 -3.54
N TRP B 621 -19.75 11.78 -2.41
CA TRP B 621 -18.47 12.44 -2.26
C TRP B 621 -17.44 11.34 -2.11
N ASN B 622 -16.39 11.27 -2.92
CA ASN B 622 -16.05 12.15 -4.05
C ASN B 622 -15.76 11.23 -5.23
N PHE B 623 -15.73 11.81 -6.43
CA PHE B 623 -15.23 11.09 -7.61
C PHE B 623 -13.86 10.47 -7.35
N ALA B 624 -12.91 11.23 -6.79
CA ALA B 624 -11.54 10.70 -6.64
C ALA B 624 -10.87 11.35 -5.44
N ASP B 625 -9.94 10.62 -4.83
CA ASP B 625 -9.19 11.17 -3.69
C ASP B 625 -8.47 12.43 -4.13
N PHE B 626 -8.34 13.41 -3.20
CA PHE B 626 -7.77 14.70 -3.55
C PHE B 626 -7.00 15.30 -2.38
N ALA B 627 -6.22 16.38 -2.68
CA ALA B 627 -5.30 16.92 -1.67
C ALA B 627 -6.01 17.87 -0.73
N THR B 628 -5.59 17.85 0.55
CA THR B 628 -6.10 18.80 1.55
C THR B 628 -4.93 19.38 2.34
N PHE B 629 -5.21 20.43 3.13
CA PHE B 629 -4.29 20.83 4.19
C PHE B 629 -4.05 19.63 5.11
N GLN B 630 -2.84 19.52 5.65
CA GLN B 630 -2.53 18.33 6.43
C GLN B 630 -3.22 18.38 7.80
N GLY B 631 -3.58 17.21 8.31
CA GLY B 631 -4.23 17.17 9.63
C GLY B 631 -4.50 15.72 10.01
N ILE B 632 -4.97 15.54 11.26
CA ILE B 632 -5.06 14.18 11.78
C ILE B 632 -6.19 13.37 11.16
N ILE B 633 -7.14 13.98 10.41
CA ILE B 633 -8.14 13.12 9.78
C ILE B 633 -7.95 13.01 8.27
N ARG B 634 -6.84 13.50 7.70
CA ARG B 634 -6.64 13.43 6.25
C ARG B 634 -5.40 12.59 5.94
N VAL B 635 -5.61 11.36 5.46
CA VAL B 635 -4.48 10.44 5.20
C VAL B 635 -4.01 10.71 3.79
N GLU B 636 -3.02 11.60 3.64
CA GLU B 636 -2.58 12.05 2.33
C GLU B 636 -3.74 12.71 1.58
N GLY B 637 -4.48 13.53 2.29
CA GLY B 637 -5.64 14.21 1.71
C GLY B 637 -6.94 13.50 2.04
N ASN B 638 -7.97 13.83 1.26
CA ASN B 638 -9.30 13.26 1.49
C ASN B 638 -9.42 11.97 0.69
N ARG B 639 -9.78 10.88 1.36
CA ARG B 639 -9.78 9.57 0.73
C ARG B 639 -11.19 9.03 0.56
N LYS B 640 -12.19 9.96 0.43
CA LYS B 640 -13.55 9.50 0.14
C LYS B 640 -13.78 9.23 -1.34
N GLY B 641 -12.75 9.34 -2.19
CA GLY B 641 -12.95 9.02 -3.59
C GLY B 641 -13.40 7.58 -3.74
N ILE B 642 -14.28 7.37 -4.73
CA ILE B 642 -14.55 6.00 -5.17
C ILE B 642 -13.46 5.55 -6.14
N LEU B 643 -12.73 6.51 -6.71
CA LEU B 643 -11.47 6.31 -7.38
C LEU B 643 -10.32 6.82 -6.55
N THR B 644 -9.15 6.21 -6.74
CA THR B 644 -7.96 6.77 -6.13
C THR B 644 -7.55 8.06 -6.86
N ARG B 645 -6.54 8.75 -6.33
CA ARG B 645 -6.14 10.00 -6.96
C ARG B 645 -5.59 9.75 -8.37
N ASP B 646 -5.06 8.56 -8.65
CA ASP B 646 -4.62 8.18 -9.97
C ASP B 646 -5.74 7.52 -10.77
N ARG B 647 -6.99 7.70 -10.31
CA ARG B 647 -8.21 7.36 -11.07
C ARG B 647 -8.40 5.85 -11.20
N GLN B 648 -7.92 5.09 -10.18
CA GLN B 648 -8.11 3.64 -10.20
C GLN B 648 -9.32 3.29 -9.34
N PRO B 649 -10.11 2.29 -9.73
CA PRO B 649 -11.41 2.06 -9.06
C PRO B 649 -11.27 1.22 -7.80
N LYS B 650 -11.80 1.74 -6.69
CA LYS B 650 -11.95 0.93 -5.48
C LYS B 650 -13.15 0.00 -5.61
N MET B 651 -13.28 -0.93 -4.64
CA MET B 651 -14.40 -1.88 -4.67
C MET B 651 -15.74 -1.17 -4.84
N ALA B 652 -15.94 -0.06 -4.11
CA ALA B 652 -17.22 0.65 -4.22
C ALA B 652 -17.47 1.13 -5.64
N ALA B 653 -16.42 1.56 -6.37
CA ALA B 653 -16.67 2.04 -7.73
C ALA B 653 -17.24 0.94 -8.62
N HIS B 654 -16.77 -0.30 -8.45
CA HIS B 654 -17.34 -1.39 -9.23
C HIS B 654 -18.79 -1.66 -8.84
N TRP B 655 -19.09 -1.57 -7.55
CA TRP B 655 -20.46 -1.81 -7.07
C TRP B 655 -21.37 -0.73 -7.59
N LEU B 656 -20.90 0.51 -7.54
CA LEU B 656 -21.70 1.61 -8.05
C LEU B 656 -21.92 1.50 -9.56
N ARG B 657 -20.87 1.11 -10.31
CA ARG B 657 -21.01 0.93 -11.74
C ARG B 657 -22.15 -0.04 -12.04
N GLU B 658 -22.19 -1.16 -11.32
CA GLU B 658 -23.25 -2.13 -11.53
C GLU B 658 -24.63 -1.55 -11.17
N ARG B 659 -24.73 -0.83 -10.04
CA ARG B 659 -26.01 -0.20 -9.71
C ARG B 659 -26.44 0.79 -10.77
N TRP B 660 -25.52 1.69 -11.16
CA TRP B 660 -25.90 2.76 -12.05
C TRP B 660 -26.20 2.25 -13.45
N ALA B 661 -25.62 1.11 -13.82
CA ALA B 661 -25.94 0.52 -15.12
C ALA B 661 -27.41 0.19 -15.26
N GLY B 662 -28.10 -0.08 -14.14
CA GLY B 662 -29.49 -0.47 -14.17
C GLY B 662 -30.44 0.66 -13.85
N ILE B 663 -29.95 1.89 -13.73
CA ILE B 663 -30.81 3.02 -13.39
C ILE B 663 -30.87 3.93 -14.60
N PRO B 664 -32.03 4.20 -15.15
CA PRO B 664 -32.12 5.06 -16.31
C PRO B 664 -32.03 6.54 -15.94
N ASP B 665 -31.55 7.33 -16.90
CA ASP B 665 -31.51 8.77 -16.71
C ASP B 665 -32.91 9.32 -16.46
N TYR B 666 -33.91 8.80 -17.19
CA TYR B 666 -35.30 9.26 -17.12
C TYR B 666 -36.21 8.15 -16.66
N GLY B 667 -37.17 8.51 -15.79
CA GLY B 667 -38.24 7.60 -15.38
C GLY B 667 -37.91 6.61 -14.27
N TYR B 668 -36.76 6.74 -13.60
CA TYR B 668 -36.45 5.86 -12.48
C TYR B 668 -37.49 5.97 -11.38
N LYS B 669 -37.91 7.19 -11.08
CA LYS B 669 -38.99 7.45 -10.13
C LYS B 669 -40.13 8.22 -10.76
N ASN C 1 -2.63 -14.19 48.50
CA ASN C 1 -2.05 -13.02 47.82
C ASN C 1 -0.88 -13.42 46.88
N GLY C 2 -0.10 -14.46 47.24
CA GLY C 2 0.91 -14.96 46.32
C GLY C 2 0.28 -15.59 45.10
N MET C 3 0.87 -15.28 43.92
CA MET C 3 0.49 -15.87 42.63
C MET C 3 1.75 -16.31 41.89
N LEU C 4 2.54 -17.19 42.51
CA LEU C 4 3.69 -17.80 41.84
C LEU C 4 3.25 -18.54 40.59
N TYR C 5 3.99 -18.37 39.48
CA TYR C 5 3.59 -19.05 38.25
C TYR C 5 3.72 -20.57 38.46
N PRO C 6 2.73 -21.37 38.01
CA PRO C 6 2.80 -22.83 38.23
C PRO C 6 4.09 -23.46 37.73
N GLN C 7 4.61 -24.40 38.51
CA GLN C 7 5.90 -25.02 38.23
C GLN C 7 5.79 -26.53 38.35
N SER C 8 6.58 -27.24 37.54
CA SER C 8 6.71 -28.68 37.61
C SER C 8 8.08 -29.04 38.18
N ASN C 9 8.09 -29.92 39.17
CA ASN C 9 9.32 -30.38 39.81
C ASN C 9 8.99 -31.70 40.50
N ASP C 10 9.86 -32.17 41.41
CA ASP C 10 9.57 -33.49 41.96
C ASP C 10 8.33 -33.51 42.84
N SER C 11 7.89 -32.34 43.33
CA SER C 11 6.78 -32.20 44.27
C SER C 11 5.51 -31.70 43.63
N ARG C 12 5.58 -31.22 42.37
CA ARG C 12 4.53 -30.44 41.74
C ARG C 12 4.45 -30.77 40.25
N ILE C 13 3.25 -30.79 39.70
CA ILE C 13 3.10 -30.95 38.27
C ILE C 13 2.07 -29.96 37.73
N VAL C 14 2.30 -29.46 36.52
CA VAL C 14 1.37 -28.57 35.85
C VAL C 14 0.77 -29.34 34.69
N PHE C 15 -0.55 -29.26 34.54
CA PHE C 15 -1.29 -29.88 33.42
C PHE C 15 -1.93 -28.76 32.61
N PRO C 16 -1.32 -28.33 31.52
CA PRO C 16 -1.89 -27.25 30.71
C PRO C 16 -3.25 -27.61 30.16
N LEU C 17 -4.15 -26.61 30.10
CA LEU C 17 -5.47 -26.80 29.49
C LEU C 17 -5.66 -25.97 28.22
N ASP C 18 -4.60 -25.43 27.64
CA ASP C 18 -4.72 -24.72 26.37
C ASP C 18 -5.10 -25.70 25.25
N GLY C 19 -5.52 -25.15 24.11
CA GLY C 19 -5.84 -25.91 22.92
C GLY C 19 -7.12 -25.38 22.31
N VAL C 20 -7.81 -26.20 21.53
CA VAL C 20 -9.02 -25.76 20.87
C VAL C 20 -10.18 -26.17 21.77
N TRP C 21 -10.84 -25.17 22.34
CA TRP C 21 -12.01 -25.36 23.19
C TRP C 21 -13.31 -25.25 22.37
N ASP C 22 -14.42 -25.59 23.03
CA ASP C 22 -15.75 -25.30 22.49
C ASP C 22 -16.16 -23.89 22.91
N PHE C 23 -17.03 -23.26 22.13
CA PHE C 23 -17.35 -21.86 22.39
C PHE C 23 -18.73 -21.52 21.82
N ARG C 24 -19.46 -20.70 22.55
CA ARG C 24 -20.74 -20.12 22.11
C ARG C 24 -20.83 -18.67 22.52
N THR C 25 -21.45 -17.84 21.68
CA THR C 25 -21.76 -16.51 22.17
C THR C 25 -23.04 -16.58 22.99
N ALA C 26 -23.22 -15.59 23.86
CA ALA C 26 -24.40 -15.59 24.73
C ALA C 26 -24.98 -14.18 24.72
N GLY C 27 -25.72 -13.82 25.78
CA GLY C 27 -26.52 -12.60 25.78
C GLY C 27 -25.77 -11.35 26.24
N GLU C 28 -26.44 -10.20 26.07
CA GLU C 28 -25.89 -8.92 26.49
C GLU C 28 -25.76 -8.83 27.98
N ASP C 29 -26.68 -9.45 28.73
CA ASP C 29 -26.63 -9.36 30.18
C ASP C 29 -26.84 -10.72 30.85
N SER C 30 -26.77 -11.82 30.11
CA SER C 30 -27.00 -13.14 30.70
C SER C 30 -26.38 -14.21 29.83
N TYR C 31 -26.20 -15.41 30.39
CA TYR C 31 -25.87 -16.60 29.63
C TYR C 31 -26.64 -17.74 30.25
N PRO C 32 -26.86 -18.85 29.52
CA PRO C 32 -27.57 -19.99 30.11
C PRO C 32 -26.72 -20.72 31.15
N ALA C 33 -27.08 -20.63 32.44
CA ALA C 33 -26.33 -21.34 33.46
C ALA C 33 -26.35 -22.85 33.26
N GLU C 34 -27.35 -23.37 32.55
CA GLU C 34 -27.41 -24.81 32.32
C GLU C 34 -26.34 -25.29 31.34
N TRP C 35 -25.66 -24.37 30.65
CA TRP C 35 -24.58 -24.79 29.79
C TRP C 35 -23.44 -25.44 30.55
N ALA C 36 -23.30 -25.16 31.85
CA ALA C 36 -22.24 -25.80 32.64
C ALA C 36 -22.54 -27.25 32.98
N ASP C 37 -23.74 -27.75 32.68
CA ASP C 37 -24.15 -29.09 33.14
C ASP C 37 -23.97 -30.16 32.08
N ALA C 38 -23.73 -29.78 30.83
CA ALA C 38 -23.69 -30.70 29.72
C ALA C 38 -22.87 -30.03 28.62
N PRO C 39 -22.36 -30.79 27.65
CA PRO C 39 -21.57 -30.17 26.58
C PRO C 39 -22.35 -29.04 25.90
N LEU C 40 -21.63 -27.99 25.49
CA LEU C 40 -22.32 -26.88 24.85
C LEU C 40 -23.06 -27.36 23.61
N PRO C 41 -24.24 -26.84 23.32
CA PRO C 41 -24.92 -27.19 22.08
C PRO C 41 -24.27 -26.47 20.91
N GLU C 42 -24.15 -27.19 19.79
CA GLU C 42 -23.63 -26.69 18.53
C GLU C 42 -22.45 -25.73 18.74
N PRO C 43 -21.35 -26.19 19.32
CA PRO C 43 -20.27 -25.28 19.67
C PRO C 43 -19.42 -24.88 18.46
N LEU C 44 -18.87 -23.65 18.52
CA LEU C 44 -17.82 -23.21 17.60
C LEU C 44 -16.48 -23.61 18.19
N PRO C 45 -15.45 -23.77 17.36
CA PRO C 45 -14.11 -23.98 17.90
C PRO C 45 -13.50 -22.64 18.28
N MET C 46 -12.68 -22.66 19.33
CA MET C 46 -12.05 -21.43 19.79
C MET C 46 -10.72 -21.77 20.45
N ALA C 47 -9.61 -21.29 19.88
CA ALA C 47 -8.33 -21.61 20.49
C ALA C 47 -8.07 -20.78 21.74
N VAL C 48 -7.44 -21.44 22.72
CA VAL C 48 -7.05 -20.83 23.98
C VAL C 48 -5.58 -21.08 24.22
N PRO C 49 -4.79 -20.06 24.58
CA PRO C 49 -5.15 -18.66 24.79
C PRO C 49 -5.34 -17.90 23.47
N GLY C 50 -6.13 -16.84 23.55
CA GLY C 50 -6.32 -15.97 22.40
C GLY C 50 -7.51 -15.08 22.69
N SER C 51 -7.58 -13.90 22.08
CA SER C 51 -8.87 -13.21 22.09
C SER C 51 -9.82 -13.99 21.19
N TYR C 52 -11.13 -13.92 21.50
CA TYR C 52 -12.03 -14.60 20.58
C TYR C 52 -12.39 -13.75 19.38
N ASN C 53 -12.14 -12.45 19.43
CA ASN C 53 -12.82 -11.57 18.50
C ASN C 53 -12.41 -11.80 17.06
N ASP C 54 -11.15 -12.16 16.82
CA ASP C 54 -10.69 -12.33 15.44
C ASP C 54 -10.57 -13.81 15.06
N GLN C 55 -11.16 -14.71 15.82
CA GLN C 55 -11.07 -16.12 15.50
C GLN C 55 -12.26 -16.69 14.73
N ASN C 56 -13.17 -15.85 14.23
CA ASN C 56 -14.27 -16.40 13.43
C ASN C 56 -14.75 -15.33 12.45
N ASP C 57 -14.58 -15.58 11.17
CA ASP C 57 -14.97 -14.59 10.17
C ASP C 57 -16.37 -14.81 9.65
N GLU C 58 -17.06 -15.85 10.07
CA GLU C 58 -18.48 -15.92 9.75
C GLU C 58 -19.32 -15.03 10.65
N LEU C 59 -18.89 -14.86 11.90
CA LEU C 59 -19.56 -14.02 12.86
C LEU C 59 -18.80 -12.70 12.95
N ASN C 60 -19.44 -11.66 13.44
CA ASN C 60 -18.70 -10.41 13.65
C ASN C 60 -18.45 -10.28 15.15
N LEU C 61 -17.47 -11.07 15.67
CA LEU C 61 -17.24 -11.07 17.11
C LEU C 61 -16.60 -9.78 17.61
N ARG C 62 -15.99 -8.96 16.74
CA ARG C 62 -15.57 -7.65 17.20
C ARG C 62 -16.73 -6.80 17.67
N ALA C 63 -17.94 -7.06 17.16
CA ALA C 63 -19.12 -6.31 17.55
C ALA C 63 -19.84 -6.91 18.77
N HIS C 64 -19.38 -8.04 19.29
CA HIS C 64 -20.12 -8.69 20.36
C HIS C 64 -20.16 -7.85 21.61
N TYR C 65 -21.34 -7.83 22.28
CA TYR C 65 -21.51 -7.11 23.54
C TYR C 65 -22.10 -8.09 24.56
N GLY C 66 -21.39 -8.32 25.67
CA GLY C 66 -21.91 -9.15 26.76
C GLY C 66 -21.09 -10.42 26.91
N TRP C 67 -21.78 -11.55 27.09
CA TRP C 67 -21.15 -12.79 27.52
C TRP C 67 -20.86 -13.74 26.37
N VAL C 68 -19.83 -14.56 26.56
CA VAL C 68 -19.58 -15.74 25.76
C VAL C 68 -19.31 -16.89 26.74
N VAL C 69 -19.38 -18.11 26.23
CA VAL C 69 -19.13 -19.27 27.09
C VAL C 69 -18.14 -20.19 26.41
N TYR C 70 -17.05 -20.47 27.10
CA TYR C 70 -16.04 -21.43 26.71
C TYR C 70 -16.31 -22.76 27.41
N GLN C 71 -15.88 -23.85 26.80
CA GLN C 71 -15.97 -25.12 27.52
C GLN C 71 -14.99 -26.14 26.96
N ARG C 72 -14.45 -27.00 27.84
CA ARG C 72 -13.71 -28.14 27.33
C ARG C 72 -13.81 -29.21 28.38
N SER C 73 -13.40 -30.41 27.99
CA SER C 73 -13.24 -31.55 28.89
C SER C 73 -11.76 -31.86 29.10
N PHE C 74 -11.45 -32.53 30.22
CA PHE C 74 -10.10 -33.03 30.42
C PHE C 74 -10.16 -34.23 31.37
N ALA C 75 -9.12 -35.05 31.32
CA ALA C 75 -8.96 -36.17 32.24
C ALA C 75 -7.51 -36.24 32.69
N VAL C 76 -7.28 -36.62 33.94
CA VAL C 76 -5.91 -36.89 34.41
C VAL C 76 -5.91 -38.14 35.27
N PRO C 77 -4.79 -38.87 35.28
CA PRO C 77 -4.75 -40.13 36.04
C PRO C 77 -4.97 -39.90 37.52
N SER C 78 -5.69 -40.85 38.14
CA SER C 78 -5.91 -40.81 39.57
C SER C 78 -4.61 -40.67 40.34
N ARG C 79 -3.53 -41.30 39.86
CA ARG C 79 -2.24 -41.18 40.52
C ARG C 79 -1.78 -39.73 40.61
N LEU C 80 -2.07 -38.91 39.58
CA LEU C 80 -1.65 -37.52 39.61
C LEU C 80 -2.32 -36.76 40.74
N VAL C 81 -3.63 -36.98 40.92
CA VAL C 81 -4.37 -36.16 41.88
C VAL C 81 -4.29 -36.69 43.29
N ALA C 82 -3.97 -37.97 43.47
CA ALA C 82 -4.09 -38.59 44.80
C ALA C 82 -3.24 -37.88 45.83
N GLY C 83 -3.88 -37.42 46.89
CA GLY C 83 -3.20 -36.81 48.01
C GLY C 83 -2.78 -35.38 47.80
N GLN C 84 -2.98 -34.81 46.60
CA GLN C 84 -2.48 -33.50 46.24
C GLN C 84 -3.56 -32.44 46.36
N ARG C 85 -3.09 -31.21 46.52
CA ARG C 85 -3.93 -30.02 46.45
C ARG C 85 -3.97 -29.59 44.97
N MET C 86 -5.17 -29.50 44.39
CA MET C 86 -5.35 -29.26 42.97
C MET C 86 -5.86 -27.83 42.76
N ILE C 87 -5.16 -27.06 41.92
CA ILE C 87 -5.49 -25.65 41.73
C ILE C 87 -5.73 -25.43 40.24
N LEU C 88 -6.80 -24.73 39.89
CA LEU C 88 -7.07 -24.40 38.49
C LEU C 88 -6.75 -22.92 38.34
N ARG C 89 -5.80 -22.56 37.43
CA ARG C 89 -5.32 -21.19 37.33
C ARG C 89 -5.70 -20.63 35.97
N PHE C 90 -6.28 -19.44 35.99
CA PHE C 90 -6.54 -18.63 34.80
C PHE C 90 -5.55 -17.49 34.76
N ASP C 91 -4.62 -17.52 33.79
CA ASP C 91 -3.66 -16.43 33.71
C ASP C 91 -4.33 -15.10 33.40
N ALA C 92 -5.38 -15.12 32.56
CA ALA C 92 -6.18 -13.91 32.34
C ALA C 92 -7.46 -14.28 31.60
N ALA C 93 -8.57 -13.73 32.09
CA ALA C 93 -9.87 -13.84 31.45
C ALA C 93 -10.41 -12.42 31.38
N THR C 94 -10.57 -11.91 30.15
CA THR C 94 -10.86 -10.50 29.95
C THR C 94 -12.33 -10.26 29.60
N HIS C 95 -13.14 -9.54 30.42
CA HIS C 95 -12.76 -8.82 31.63
C HIS C 95 -13.19 -9.48 32.93
N ALA C 96 -14.25 -10.26 32.84
CA ALA C 96 -14.81 -10.88 34.05
C ALA C 96 -15.24 -12.29 33.69
N ALA C 97 -15.24 -13.21 34.67
CA ALA C 97 -15.50 -14.58 34.30
C ALA C 97 -16.20 -15.27 35.46
N ASP C 98 -17.09 -16.20 35.13
CA ASP C 98 -17.70 -17.15 36.06
C ASP C 98 -17.19 -18.53 35.66
N VAL C 99 -16.65 -19.30 36.63
CA VAL C 99 -16.02 -20.57 36.28
C VAL C 99 -16.79 -21.72 36.94
N TYR C 100 -17.10 -22.74 36.16
CA TYR C 100 -17.82 -23.93 36.62
C TYR C 100 -16.99 -25.17 36.33
N LEU C 101 -17.00 -26.14 37.26
CA LEU C 101 -16.31 -27.41 37.05
C LEU C 101 -17.32 -28.50 37.40
N ASN C 102 -17.65 -29.34 36.43
CA ASN C 102 -18.65 -30.40 36.60
C ASN C 102 -19.97 -29.87 37.16
N GLY C 103 -20.36 -28.69 36.68
CA GLY C 103 -21.61 -28.06 37.06
C GLY C 103 -21.55 -27.21 38.31
N GLN C 104 -20.48 -27.32 39.09
CA GLN C 104 -20.31 -26.55 40.33
C GLN C 104 -19.69 -25.19 40.04
N LEU C 105 -20.35 -24.11 40.49
CA LEU C 105 -19.75 -22.79 40.36
C LEU C 105 -18.59 -22.65 41.34
N LEU C 106 -17.37 -22.51 40.80
CA LEU C 106 -16.19 -22.28 41.61
C LEU C 106 -16.12 -20.86 42.14
N GLY C 107 -16.56 -19.88 41.36
CA GLY C 107 -16.37 -18.50 41.75
C GLY C 107 -16.29 -17.62 40.51
N SER C 108 -16.02 -16.35 40.78
CA SER C 108 -16.02 -15.32 39.74
C SER C 108 -14.82 -14.41 39.91
N HIS C 109 -14.47 -13.69 38.84
CA HIS C 109 -13.34 -12.80 38.93
C HIS C 109 -13.66 -11.59 38.07
N PHE C 110 -13.31 -10.40 38.56
CA PHE C 110 -13.27 -9.20 37.73
C PHE C 110 -11.83 -8.69 37.64
N GLY C 111 -11.45 -8.29 36.42
CA GLY C 111 -10.15 -7.71 36.20
C GLY C 111 -9.51 -8.52 35.08
N GLY C 112 -9.32 -7.90 33.90
CA GLY C 112 -9.10 -8.76 32.76
C GLY C 112 -7.66 -9.04 32.44
N PHE C 113 -6.72 -8.62 33.31
CA PHE C 113 -5.31 -8.66 32.94
C PHE C 113 -4.43 -9.25 34.01
N LEU C 114 -5.04 -9.88 35.03
CA LEU C 114 -4.27 -10.45 36.14
C LEU C 114 -4.85 -11.82 36.47
N PRO C 115 -4.02 -12.71 37.01
CA PRO C 115 -4.42 -14.12 37.15
C PRO C 115 -5.25 -14.37 38.40
N PHE C 116 -6.01 -15.44 38.32
CA PHE C 116 -6.83 -15.85 39.47
C PHE C 116 -6.92 -17.36 39.47
N GLU C 117 -7.22 -17.96 40.65
CA GLU C 117 -7.19 -19.40 40.68
C GLU C 117 -8.21 -19.91 41.71
N PHE C 118 -8.54 -21.18 41.57
CA PHE C 118 -9.50 -21.85 42.45
C PHE C 118 -8.93 -23.17 42.94
N ASP C 119 -9.23 -23.52 44.19
CA ASP C 119 -8.90 -24.85 44.69
C ASP C 119 -10.01 -25.80 44.22
N VAL C 120 -9.66 -26.77 43.37
CA VAL C 120 -10.65 -27.66 42.77
C VAL C 120 -10.52 -29.09 43.31
N THR C 121 -9.77 -29.25 44.39
CA THR C 121 -9.51 -30.58 44.91
C THR C 121 -10.81 -31.36 45.11
N SER C 122 -11.81 -30.74 45.70
CA SER C 122 -13.04 -31.49 45.92
C SER C 122 -13.97 -31.50 44.72
N ALA C 123 -13.79 -30.58 43.75
CA ALA C 123 -14.72 -30.57 42.63
C ALA C 123 -14.31 -31.51 41.50
N LEU C 124 -13.02 -31.84 41.39
CA LEU C 124 -12.57 -32.80 40.39
C LEU C 124 -13.12 -34.18 40.68
N HIS C 125 -13.27 -34.98 39.63
CA HIS C 125 -13.52 -36.39 39.84
C HIS C 125 -12.75 -37.18 38.78
N ALA C 126 -12.78 -38.50 38.94
CA ALA C 126 -12.10 -39.39 38.00
C ALA C 126 -12.76 -39.32 36.64
N GLY C 127 -11.99 -39.67 35.62
CA GLY C 127 -12.51 -39.64 34.27
C GLY C 127 -12.60 -38.21 33.76
N GLU C 128 -13.47 -38.02 32.77
CA GLU C 128 -13.62 -36.71 32.14
C GLU C 128 -14.27 -35.73 33.11
N ASN C 129 -13.69 -34.54 33.17
CA ASN C 129 -14.23 -33.40 33.87
C ASN C 129 -14.66 -32.37 32.82
N LEU C 130 -15.68 -31.58 33.16
CA LEU C 130 -16.27 -30.59 32.23
C LEU C 130 -16.06 -29.21 32.83
N LEU C 131 -15.26 -28.39 32.14
CA LEU C 131 -14.88 -27.07 32.61
C LEU C 131 -15.57 -26.01 31.73
N THR C 132 -16.39 -25.18 32.35
CA THR C 132 -17.19 -24.18 31.65
C THR C 132 -16.82 -22.81 32.17
N VAL C 133 -16.49 -21.87 31.27
CA VAL C 133 -16.03 -20.56 31.68
C VAL C 133 -16.84 -19.54 30.91
N ALA C 134 -17.66 -18.79 31.62
CA ALA C 134 -18.39 -17.69 31.00
C ALA C 134 -17.54 -16.44 31.12
N VAL C 135 -17.40 -15.68 30.03
CA VAL C 135 -16.53 -14.50 30.05
C VAL C 135 -17.32 -13.30 29.56
N ASP C 136 -17.24 -12.20 30.30
CA ASP C 136 -18.01 -10.98 30.09
C ASP C 136 -17.06 -9.92 29.55
N ASN C 137 -17.38 -9.32 28.39
CA ASN C 137 -16.49 -8.31 27.83
C ASN C 137 -16.91 -6.88 28.14
N ARG C 138 -17.96 -6.69 28.94
CA ARG C 138 -18.54 -5.35 29.02
C ARG C 138 -17.68 -4.36 29.81
N ILE C 139 -17.60 -3.13 29.29
CA ILE C 139 -16.91 -2.03 29.95
C ILE C 139 -17.85 -0.83 30.06
N GLY C 140 -17.55 0.04 31.00
CA GLY C 140 -18.44 1.17 31.26
C GLY C 140 -17.85 2.05 32.34
N SER C 141 -18.68 2.88 32.93
CA SER C 141 -18.16 3.92 33.80
C SER C 141 -17.62 3.37 35.11
N SER C 142 -17.86 2.12 35.46
CA SER C 142 -17.28 1.60 36.68
C SER C 142 -16.23 0.52 36.44
N THR C 143 -15.82 0.27 35.19
CA THR C 143 -14.79 -0.74 34.96
C THR C 143 -13.40 -0.08 34.82
N LEU C 144 -12.35 -0.89 35.06
CA LEU C 144 -11.00 -0.56 34.66
C LEU C 144 -10.54 -1.65 33.73
N PRO C 145 -10.23 -1.30 32.47
CA PRO C 145 -10.24 0.03 31.86
C PRO C 145 -11.65 0.56 31.67
N VAL C 146 -11.78 1.88 31.54
CA VAL C 146 -13.07 2.58 31.56
C VAL C 146 -13.72 2.54 30.19
N GLY C 147 -15.02 2.21 30.18
CA GLY C 147 -15.87 2.39 29.03
C GLY C 147 -16.81 3.56 29.20
N ASN C 148 -17.32 4.08 28.08
CA ASN C 148 -18.28 5.17 28.16
C ASN C 148 -19.66 4.57 28.11
N ASP C 149 -20.56 5.11 28.94
CA ASP C 149 -21.88 4.52 28.99
C ASP C 149 -22.76 4.99 27.83
N ALA C 150 -22.40 6.08 27.18
CA ALA C 150 -23.15 6.58 26.04
C ALA C 150 -22.22 7.49 25.25
N GLY C 151 -22.71 8.00 24.15
CA GLY C 151 -21.91 8.90 23.33
C GLY C 151 -21.06 8.13 22.35
N THR C 152 -19.76 8.35 22.38
CA THR C 152 -18.84 7.76 21.43
C THR C 152 -17.70 7.09 22.17
N ALA C 153 -16.95 6.26 21.46
CA ALA C 153 -15.66 5.82 21.97
C ALA C 153 -14.65 6.98 21.99
N PHE C 154 -13.50 6.68 22.56
CA PHE C 154 -12.44 7.66 22.66
C PHE C 154 -12.06 8.22 21.28
N MET C 155 -12.00 9.56 21.21
CA MET C 155 -11.77 10.36 19.98
C MET C 155 -12.65 9.92 18.80
N GLY C 156 -13.87 9.49 19.13
CA GLY C 156 -14.87 9.31 18.09
C GLY C 156 -15.49 10.63 17.64
N SER C 157 -16.02 10.60 16.42
CA SER C 157 -16.72 11.71 15.80
C SER C 157 -18.19 11.66 16.17
N ASP C 158 -18.80 12.84 16.29
CA ASP C 158 -20.24 12.87 16.51
C ASP C 158 -20.82 14.11 15.87
N ASN C 159 -22.17 14.08 15.62
CA ASN C 159 -22.92 15.29 15.27
C ASN C 159 -24.11 15.33 16.23
N ALA C 160 -23.83 15.61 17.51
CA ALA C 160 -24.81 15.29 18.54
C ALA C 160 -26.03 16.21 18.50
N ASN C 161 -25.92 17.36 17.82
CA ASN C 161 -27.01 18.33 17.70
C ASN C 161 -27.99 18.01 16.58
N VAL C 162 -27.73 17.00 15.76
CA VAL C 162 -28.69 16.58 14.73
C VAL C 162 -29.78 15.73 15.37
N PRO C 163 -31.07 16.14 15.31
CA PRO C 163 -32.12 15.36 16.00
C PRO C 163 -32.17 13.91 15.59
N ALA C 164 -31.95 13.60 14.31
CA ALA C 164 -32.00 12.21 13.87
C ALA C 164 -30.90 11.39 14.52
N VAL C 165 -29.74 12.00 14.75
CA VAL C 165 -28.66 11.29 15.43
C VAL C 165 -29.04 10.99 16.87
N ALA C 166 -29.53 11.99 17.58
CA ALA C 166 -29.96 11.79 18.97
C ALA C 166 -31.00 10.69 19.07
N GLU C 167 -31.92 10.64 18.13
CA GLU C 167 -32.95 9.62 18.18
C GLU C 167 -32.39 8.23 17.84
N ALA C 168 -31.60 8.13 16.77
CA ALA C 168 -31.04 6.81 16.46
C ALA C 168 -30.16 6.27 17.58
N LYS C 169 -29.45 7.13 18.31
CA LYS C 169 -28.61 6.62 19.40
C LYS C 169 -29.44 5.84 20.42
N LYS C 170 -30.71 6.26 20.63
CA LYS C 170 -31.54 5.62 21.66
C LYS C 170 -31.85 4.16 21.34
N HIS C 171 -31.86 3.79 20.06
CA HIS C 171 -32.24 2.46 19.63
C HIS C 171 -31.09 1.69 18.99
N ALA C 172 -29.89 2.24 19.00
CA ALA C 172 -28.73 1.56 18.41
C ALA C 172 -28.37 0.32 19.20
N ARG C 173 -27.86 -0.68 18.49
CA ARG C 173 -27.36 -1.88 19.14
C ARG C 173 -26.33 -1.50 20.21
N ARG C 174 -26.45 -2.13 21.39
CA ARG C 174 -25.47 -1.89 22.44
C ARG C 174 -24.09 -2.34 21.98
N GLN C 175 -23.08 -1.51 22.24
CA GLN C 175 -21.71 -1.86 21.93
C GLN C 175 -20.82 -1.22 22.97
N ASN C 176 -19.73 -1.89 23.32
CA ASN C 176 -18.78 -1.30 24.25
C ASN C 176 -18.12 -0.10 23.59
N LEU C 177 -18.02 1.00 24.33
CA LEU C 177 -17.40 2.23 23.81
C LEU C 177 -16.17 2.53 24.65
N PRO C 178 -14.99 2.04 24.23
CA PRO C 178 -13.79 2.26 25.04
C PRO C 178 -13.55 3.73 25.27
N ASN C 179 -13.25 4.09 26.53
CA ASN C 179 -12.67 5.41 26.77
C ASN C 179 -11.15 5.35 26.74
N PHE C 180 -10.62 4.45 25.92
CA PHE C 180 -9.19 4.24 25.75
C PHE C 180 -8.95 3.89 24.29
N ASP C 181 -7.72 4.14 23.83
CA ASP C 181 -7.38 4.07 22.40
C ASP C 181 -6.82 2.70 22.02
N PHE C 182 -7.50 1.64 22.41
CA PHE C 182 -7.14 0.32 21.93
C PHE C 182 -8.39 -0.56 21.91
N PHE C 183 -8.35 -1.58 21.05
CA PHE C 183 -9.55 -2.39 20.84
C PHE C 183 -9.82 -3.22 22.09
N ASN C 184 -11.09 -3.38 22.44
CA ASN C 184 -11.51 -4.13 23.63
C ASN C 184 -11.51 -5.65 23.39
N PHE C 185 -10.33 -6.23 23.08
CA PHE C 185 -10.22 -7.65 22.81
C PHE C 185 -10.53 -8.45 24.08
N ALA C 186 -11.31 -9.48 23.96
CA ALA C 186 -11.81 -10.15 25.15
C ALA C 186 -11.64 -11.66 25.03
N GLY C 187 -11.90 -12.37 26.14
CA GLY C 187 -11.83 -13.82 26.10
C GLY C 187 -10.74 -14.39 26.99
N LEU C 188 -10.39 -15.65 26.77
CA LEU C 188 -9.30 -16.31 27.52
C LEU C 188 -7.98 -15.94 26.84
N ASN C 189 -7.51 -14.73 27.15
CA ASN C 189 -6.37 -14.12 26.48
C ASN C 189 -5.07 -14.79 26.90
N ARG C 190 -5.05 -15.45 28.06
CA ARG C 190 -3.80 -16.07 28.53
C ARG C 190 -4.10 -17.50 28.99
N HIS C 191 -3.04 -18.20 29.36
CA HIS C 191 -3.08 -19.64 29.51
C HIS C 191 -4.02 -20.04 30.65
N VAL C 192 -4.50 -21.25 30.53
CA VAL C 192 -5.28 -21.93 31.58
C VAL C 192 -4.54 -23.21 31.94
N GLU C 193 -4.41 -23.49 33.24
CA GLU C 193 -3.71 -24.72 33.60
C GLU C 193 -4.19 -25.24 34.95
N LEU C 194 -4.19 -26.56 35.08
CA LEU C 194 -4.39 -27.22 36.38
C LEU C 194 -3.02 -27.53 36.96
N TYR C 195 -2.79 -27.21 38.24
CA TYR C 195 -1.51 -27.58 38.82
C TYR C 195 -1.70 -28.21 40.20
N THR C 196 -0.67 -28.89 40.67
CA THR C 196 -0.73 -29.59 41.96
C THR C 196 0.31 -29.01 42.90
N THR C 197 0.00 -29.04 44.19
CA THR C 197 1.00 -28.82 45.23
C THR C 197 0.73 -29.90 46.28
N PRO C 198 1.68 -30.13 47.18
CA PRO C 198 1.36 -30.91 48.37
C PRO C 198 0.21 -30.28 49.14
N ALA C 199 -0.54 -31.14 49.84
CA ALA C 199 -1.74 -30.69 50.53
C ALA C 199 -1.49 -30.31 51.98
N ASP C 200 -0.63 -31.06 52.68
CA ASP C 200 -0.47 -30.81 54.12
C ASP C 200 0.23 -29.48 54.39
N ALA C 201 1.28 -29.18 53.62
CA ALA C 201 2.02 -27.94 53.76
C ALA C 201 2.63 -27.66 52.40
N TYR C 202 2.63 -26.38 52.00
CA TYR C 202 3.13 -26.06 50.66
C TYR C 202 3.63 -24.63 50.62
N ILE C 203 4.46 -24.33 49.63
CA ILE C 203 4.99 -22.98 49.46
C ILE C 203 3.94 -22.14 48.73
N ALA C 204 3.54 -21.03 49.33
CA ALA C 204 2.46 -20.22 48.79
C ALA C 204 2.92 -18.93 48.12
N ASP C 205 4.01 -18.31 48.59
CA ASP C 205 4.54 -17.08 48.00
C ASP C 205 6.01 -16.95 48.36
N ILE C 206 6.77 -16.30 47.47
CA ILE C 206 8.17 -15.99 47.72
C ILE C 206 8.38 -14.55 47.30
N ALA C 207 9.04 -13.76 48.15
CA ALA C 207 9.55 -12.45 47.73
C ALA C 207 11.06 -12.41 47.93
N ILE C 208 11.79 -11.99 46.91
CA ILE C 208 13.23 -11.74 47.00
C ILE C 208 13.47 -10.26 46.80
N THR C 209 14.30 -9.65 47.64
CA THR C 209 14.63 -8.24 47.50
C THR C 209 16.14 -8.01 47.55
N THR C 210 16.60 -6.98 46.83
CA THR C 210 17.98 -6.52 46.91
C THR C 210 18.05 -5.43 47.98
N GLU C 211 18.61 -5.76 49.14
CA GLU C 211 18.61 -4.82 50.25
C GLU C 211 19.74 -3.80 50.18
N ARG C 212 20.94 -4.24 49.79
CA ARG C 212 22.09 -3.35 49.87
C ARG C 212 23.17 -3.90 48.97
N LEU C 213 23.91 -3.00 48.31
CA LEU C 213 25.09 -3.34 47.54
C LEU C 213 26.27 -2.57 48.13
N ASP C 214 27.38 -3.28 48.34
CA ASP C 214 28.60 -2.70 48.88
C ASP C 214 29.68 -2.76 47.82
N HIS C 215 30.35 -1.63 47.59
CA HIS C 215 31.47 -1.55 46.65
C HIS C 215 31.08 -2.09 45.27
N ILE C 216 30.20 -1.35 44.60
CA ILE C 216 29.80 -1.71 43.25
C ILE C 216 30.92 -1.36 42.28
N ALA C 217 31.26 -2.29 41.39
CA ALA C 217 32.31 -2.06 40.40
C ALA C 217 32.00 -0.83 39.54
N GLY C 218 33.05 -0.23 39.00
CA GLY C 218 32.87 0.95 38.17
C GLY C 218 31.95 0.71 36.98
N ASP C 219 32.01 -0.50 36.40
CA ASP C 219 31.13 -0.83 35.29
C ASP C 219 29.80 -1.44 35.74
N ALA C 220 29.56 -1.51 37.05
CA ALA C 220 28.34 -2.06 37.63
C ALA C 220 28.12 -3.55 37.36
N CYS C 221 29.12 -4.27 36.86
CA CYS C 221 28.88 -5.69 36.59
C CYS C 221 28.81 -6.52 37.87
N THR C 222 29.44 -6.05 38.94
CA THR C 222 29.50 -6.80 40.19
C THR C 222 29.52 -5.84 41.35
N ALA C 223 29.29 -6.41 42.54
CA ALA C 223 29.46 -5.71 43.80
C ALA C 223 30.26 -6.63 44.71
N ALA C 224 31.16 -6.05 45.51
CA ALA C 224 31.92 -6.85 46.48
C ALA C 224 31.00 -7.68 47.34
N ASN C 225 29.89 -7.09 47.78
CA ASN C 225 28.91 -7.76 48.61
C ASN C 225 27.51 -7.26 48.25
N ALA C 226 26.58 -8.20 48.18
CA ALA C 226 25.16 -7.89 48.02
C ALA C 226 24.39 -8.57 49.13
N LEU C 227 23.57 -7.80 49.80
CA LEU C 227 22.70 -8.32 50.84
C LEU C 227 21.31 -8.46 50.24
N ILE C 228 20.84 -9.70 50.12
CA ILE C 228 19.51 -9.97 49.64
C ILE C 228 18.69 -10.51 50.79
N ALA C 229 17.38 -10.32 50.68
CA ALA C 229 16.44 -10.81 51.69
C ALA C 229 15.41 -11.71 51.01
N TYR C 230 14.95 -12.72 51.74
CA TYR C 230 13.89 -13.61 51.28
C TYR C 230 12.74 -13.59 52.26
N ASP C 231 11.56 -13.89 51.72
CA ASP C 231 10.34 -13.93 52.51
C ASP C 231 9.47 -15.00 51.88
N VAL C 232 9.32 -16.15 52.54
CA VAL C 232 8.54 -17.26 52.01
C VAL C 232 7.28 -17.39 52.85
N THR C 233 6.14 -17.55 52.19
CA THR C 233 4.86 -17.75 52.83
C THR C 233 4.41 -19.18 52.55
N PHE C 234 3.80 -19.84 53.54
CA PHE C 234 3.37 -21.22 53.36
C PHE C 234 1.87 -21.35 53.61
N GLY C 235 1.26 -22.36 52.99
CA GLY C 235 -0.13 -22.68 53.23
C GLY C 235 -0.22 -24.09 53.78
N GLY C 236 -1.40 -24.43 54.29
CA GLY C 236 -1.65 -25.76 54.80
C GLY C 236 -1.71 -25.80 56.32
N ASP C 237 -1.99 -27.00 56.81
CA ASP C 237 -2.30 -27.30 58.22
C ASP C 237 -3.56 -26.56 58.68
N GLY C 276 7.76 -26.53 64.67
CA GLY C 276 9.19 -26.65 64.44
C GLY C 276 9.57 -27.12 63.04
N ARG C 277 9.13 -26.38 62.02
CA ARG C 277 9.34 -26.75 60.63
C ARG C 277 10.33 -25.79 59.98
N GLN C 278 11.01 -26.27 58.94
CA GLN C 278 12.10 -25.51 58.32
C GLN C 278 12.01 -25.48 56.79
N VAL C 279 12.59 -24.45 56.19
CA VAL C 279 12.72 -24.37 54.75
C VAL C 279 14.19 -24.13 54.41
N ARG C 280 14.71 -24.90 53.45
CA ARG C 280 16.05 -24.70 52.94
C ARG C 280 15.99 -23.76 51.74
N ILE C 281 16.77 -22.70 51.79
CA ILE C 281 16.84 -21.74 50.70
C ILE C 281 18.24 -21.81 50.09
N SER C 282 18.32 -22.22 48.82
CA SER C 282 19.59 -22.29 48.10
C SER C 282 19.59 -21.24 46.99
N ILE C 283 20.72 -20.55 46.84
CA ILE C 283 20.90 -19.53 45.81
C ILE C 283 21.82 -20.11 44.75
N LEU C 284 21.31 -20.22 43.53
CA LEU C 284 22.03 -20.76 42.38
C LEU C 284 22.43 -19.62 41.45
N ASP C 285 23.68 -19.64 40.97
CA ASP C 285 24.12 -18.59 40.08
C ASP C 285 23.74 -18.94 38.65
N GLY C 286 24.27 -18.18 37.69
CA GLY C 286 23.88 -18.35 36.30
C GLY C 286 24.16 -19.74 35.75
N GLU C 287 25.16 -20.44 36.30
CA GLU C 287 25.52 -21.77 35.82
C GLU C 287 24.89 -22.89 36.62
N GLY C 288 24.00 -22.58 37.56
CA GLY C 288 23.38 -23.61 38.37
C GLY C 288 24.16 -23.96 39.62
N THR C 289 25.29 -23.29 39.86
CA THR C 289 26.11 -23.57 41.03
C THR C 289 25.47 -22.99 42.28
N VAL C 290 25.29 -23.83 43.30
CA VAL C 290 24.80 -23.33 44.58
C VAL C 290 25.91 -22.49 45.19
N VAL C 291 25.69 -21.19 45.29
CA VAL C 291 26.68 -20.28 45.86
C VAL C 291 26.38 -19.87 47.30
N ALA C 292 25.20 -20.18 47.81
CA ALA C 292 24.83 -19.81 49.17
C ALA C 292 23.64 -20.64 49.57
N GLY C 293 23.51 -20.87 50.88
CA GLY C 293 22.46 -21.73 51.38
C GLY C 293 22.22 -21.40 52.83
N VAL C 294 20.96 -21.43 53.24
CA VAL C 294 20.59 -21.21 54.63
C VAL C 294 19.34 -22.02 54.91
N THR C 295 19.16 -22.39 56.17
CA THR C 295 17.94 -23.05 56.61
C THR C 295 17.21 -22.10 57.53
N ALA C 296 15.92 -21.89 57.28
CA ALA C 296 15.14 -20.92 58.02
C ALA C 296 14.01 -21.62 58.76
N ASP C 297 13.66 -21.06 59.92
CA ASP C 297 12.54 -21.55 60.70
C ASP C 297 11.24 -20.95 60.18
N ILE C 298 10.22 -21.80 60.10
CA ILE C 298 8.88 -21.36 59.72
C ILE C 298 8.11 -21.01 61.00
N GLU C 299 7.65 -19.77 61.10
CA GLU C 299 6.91 -19.27 62.25
C GLU C 299 5.51 -18.82 61.86
N ARG C 300 4.57 -19.00 62.78
CA ARG C 300 3.20 -18.62 62.49
C ARG C 300 2.87 -17.22 63.03
N THR C 305 -0.66 -17.78 59.93
CA THR C 305 0.01 -17.38 58.68
C THR C 305 1.51 -17.72 58.65
N ALA C 306 1.87 -18.84 58.02
CA ALA C 306 3.22 -19.39 58.19
C ALA C 306 4.22 -18.68 57.27
N LYS C 307 5.31 -18.18 57.85
CA LYS C 307 6.33 -17.43 57.13
C LYS C 307 7.73 -17.82 57.58
N ALA C 308 8.67 -17.81 56.63
CA ALA C 308 10.10 -17.87 56.90
C ALA C 308 10.76 -16.66 56.26
N SER C 309 11.69 -16.05 56.97
CA SER C 309 12.23 -14.78 56.51
C SER C 309 13.69 -14.65 56.93
N GLY C 310 14.44 -13.86 56.19
CA GLY C 310 15.83 -13.62 56.53
C GLY C 310 16.59 -12.99 55.39
N GLU C 311 17.93 -12.94 55.57
CA GLU C 311 18.83 -12.28 54.63
C GLU C 311 20.00 -13.19 54.31
N ILE C 312 20.61 -12.95 53.15
CA ILE C 312 21.78 -13.68 52.69
C ILE C 312 22.76 -12.70 52.06
N ALA C 313 24.02 -12.81 52.44
CA ALA C 313 25.07 -12.01 51.81
C ALA C 313 25.71 -12.81 50.69
N ILE C 314 25.82 -12.19 49.53
CA ILE C 314 26.40 -12.81 48.35
C ILE C 314 27.67 -12.05 47.99
N ARG C 315 28.82 -12.73 48.11
CA ARG C 315 30.11 -12.12 47.80
C ARG C 315 30.34 -12.05 46.30
N ASP C 316 30.92 -10.94 45.84
CA ASP C 316 31.23 -10.76 44.42
C ASP C 316 30.00 -11.05 43.57
N ALA C 317 28.89 -10.48 43.99
CA ALA C 317 27.60 -10.74 43.36
C ALA C 317 27.59 -10.15 41.96
N LYS C 318 27.05 -10.91 41.02
CA LYS C 318 26.92 -10.42 39.65
C LYS C 318 25.58 -9.71 39.54
N LEU C 319 25.63 -8.44 39.16
CA LEU C 319 24.45 -7.58 39.21
C LEU C 319 23.70 -7.66 37.88
N TRP C 320 22.39 -7.44 37.98
CA TRP C 320 21.51 -7.30 36.81
C TRP C 320 21.54 -5.85 36.32
N ASN C 321 21.82 -5.64 35.03
CA ASN C 321 21.83 -4.30 34.46
C ASN C 321 21.09 -4.31 33.13
N PRO C 322 20.52 -3.17 32.74
CA PRO C 322 20.03 -3.03 31.37
C PRO C 322 21.16 -3.30 30.41
N GLY C 323 20.89 -4.12 29.40
CA GLY C 323 21.89 -4.48 28.44
C GLY C 323 22.85 -5.55 28.91
N ALA C 324 22.75 -5.98 30.15
CA ALA C 324 23.70 -6.96 30.69
C ALA C 324 23.01 -7.70 31.82
N ALA C 325 22.05 -8.55 31.47
CA ALA C 325 21.28 -9.26 32.47
C ALA C 325 22.11 -10.33 33.15
N TYR C 326 21.81 -10.55 34.43
CA TYR C 326 22.37 -11.70 35.14
C TYR C 326 21.32 -12.13 36.15
N LEU C 327 20.98 -13.42 36.14
CA LEU C 327 19.92 -13.97 36.98
C LEU C 327 20.41 -15.11 37.87
N TYR C 328 20.00 -15.04 39.14
CA TYR C 328 20.15 -16.12 40.11
C TYR C 328 18.82 -16.87 40.26
N THR C 329 18.87 -18.04 40.91
CA THR C 329 17.65 -18.75 41.25
C THR C 329 17.63 -18.97 42.74
N ALA C 330 16.53 -18.63 43.39
CA ALA C 330 16.36 -19.01 44.80
C ALA C 330 15.51 -20.24 44.84
N VAL C 331 16.06 -21.34 45.36
CA VAL C 331 15.33 -22.60 45.44
C VAL C 331 14.89 -22.74 46.89
N ALA C 332 13.57 -22.79 47.11
CA ALA C 332 13.01 -22.98 48.45
C ALA C 332 12.53 -24.41 48.55
N GLU C 333 13.00 -25.14 49.56
CA GLU C 333 12.63 -26.55 49.71
C GLU C 333 12.05 -26.72 51.10
N LEU C 334 10.81 -27.15 51.16
CA LEU C 334 10.18 -27.37 52.44
C LEU C 334 10.70 -28.67 53.02
N LEU C 335 11.27 -28.60 54.27
CA LEU C 335 11.92 -29.79 54.81
C LEU C 335 10.97 -30.61 55.67
N PRO C 336 11.17 -31.95 55.75
CA PRO C 336 10.35 -32.72 56.68
C PRO C 336 10.72 -32.46 58.15
N SER C 344 16.72 -36.43 54.46
CA SER C 344 16.55 -37.20 53.25
C SER C 344 15.65 -36.50 52.17
N ARG C 345 14.33 -36.52 52.41
CA ARG C 345 13.29 -36.12 51.49
C ARG C 345 13.11 -34.61 51.43
N ILE C 346 12.39 -34.16 50.40
CA ILE C 346 11.86 -32.81 50.31
C ILE C 346 10.35 -32.90 50.26
N ILE C 347 9.66 -32.02 51.01
CA ILE C 347 8.19 -32.02 51.01
C ILE C 347 7.66 -31.20 49.85
N ASP C 348 8.21 -30.01 49.65
CA ASP C 348 7.76 -29.12 48.57
C ASP C 348 8.94 -28.28 48.10
N ALA C 349 8.85 -27.77 46.88
CA ALA C 349 9.95 -27.01 46.31
C ALA C 349 9.40 -26.01 45.31
N TYR C 350 10.06 -24.85 45.23
CA TYR C 350 9.77 -23.86 44.18
C TYR C 350 11.05 -23.13 43.82
N ARG C 351 11.28 -22.87 42.51
CA ARG C 351 12.50 -22.21 42.04
C ARG C 351 12.13 -20.81 41.55
N GLN C 352 12.60 -19.78 42.24
CA GLN C 352 12.23 -18.40 41.93
C GLN C 352 13.43 -17.67 41.35
N THR C 353 13.31 -17.24 40.10
CA THR C 353 14.36 -16.42 39.50
C THR C 353 14.38 -15.03 40.11
N PHE C 354 15.57 -14.44 40.18
CA PHE C 354 15.67 -13.05 40.63
C PHE C 354 16.97 -12.48 40.09
N GLY C 355 17.08 -11.17 40.19
CA GLY C 355 18.29 -10.48 39.77
C GLY C 355 18.64 -9.50 40.86
N ILE C 356 19.95 -9.32 41.04
CA ILE C 356 20.45 -8.47 42.10
C ILE C 356 20.70 -7.09 41.51
N ARG C 357 19.93 -6.10 41.96
CA ARG C 357 20.11 -4.71 41.52
C ARG C 357 19.29 -3.79 42.41
N THR C 358 19.74 -2.55 42.54
CA THR C 358 19.03 -1.51 43.25
C THR C 358 18.50 -0.46 42.29
N VAL C 359 17.42 0.21 42.71
CA VAL C 359 16.78 1.28 41.95
C VAL C 359 16.56 2.42 42.92
N GLU C 360 17.04 3.61 42.57
CA GLU C 360 16.86 4.75 43.46
C GLU C 360 16.73 6.02 42.65
N VAL C 361 15.67 6.78 42.90
CA VAL C 361 15.59 8.16 42.41
C VAL C 361 16.31 9.07 43.37
N SER C 362 17.22 9.87 42.84
CA SER C 362 18.03 10.80 43.62
C SER C 362 18.03 12.13 42.88
N GLY C 363 17.34 13.13 43.43
CA GLY C 363 17.35 14.42 42.76
C GLY C 363 16.69 14.32 41.39
N THR C 364 17.41 14.72 40.35
CA THR C 364 16.90 14.55 38.99
C THR C 364 17.52 13.35 38.27
N THR C 365 18.06 12.38 39.00
CA THR C 365 18.61 11.21 38.35
C THR C 365 17.83 9.97 38.74
N PHE C 366 17.97 8.92 37.93
CA PHE C 366 17.32 7.62 38.11
C PHE C 366 18.43 6.59 38.15
N LEU C 367 18.73 6.07 39.34
CA LEU C 367 19.98 5.33 39.53
C LEU C 367 19.70 3.84 39.54
N ILE C 368 20.33 3.12 38.63
CA ILE C 368 20.27 1.67 38.70
C ILE C 368 21.67 1.20 39.10
N ASN C 369 21.74 0.40 40.16
CA ASN C 369 23.04 0.01 40.72
C ASN C 369 23.94 1.23 40.88
N GLY C 370 23.35 2.35 41.30
CA GLY C 370 24.03 3.59 41.58
C GLY C 370 24.43 4.41 40.36
N LYS C 371 24.07 3.94 39.12
CA LYS C 371 24.49 4.64 37.91
C LYS C 371 23.32 5.41 37.28
N PRO C 372 23.57 6.59 36.75
CA PRO C 372 22.47 7.39 36.17
C PRO C 372 21.97 6.81 34.86
N PHE C 373 20.76 6.26 34.90
CA PHE C 373 20.16 5.56 33.77
C PHE C 373 19.41 6.55 32.88
N TYR C 374 19.35 6.24 31.58
CA TYR C 374 18.54 6.98 30.60
C TYR C 374 17.66 5.97 29.86
N PHE C 375 16.33 6.16 29.91
CA PHE C 375 15.40 5.25 29.25
C PHE C 375 15.40 5.49 27.73
N LYS C 376 15.50 4.43 26.94
CA LYS C 376 15.31 4.48 25.49
C LYS C 376 14.26 3.45 25.14
N GLY C 377 13.13 3.88 24.56
CA GLY C 377 12.15 2.85 24.31
C GLY C 377 10.81 3.42 23.92
N PHE C 378 9.75 2.78 24.41
CA PHE C 378 8.43 3.06 23.87
C PHE C 378 7.39 2.42 24.77
N GLY C 379 6.15 2.88 24.64
CA GLY C 379 5.04 2.04 25.07
C GLY C 379 4.79 0.97 24.04
N LYS C 380 4.31 -0.17 24.51
CA LYS C 380 4.00 -1.32 23.69
C LYS C 380 2.48 -1.57 23.82
N HIS C 381 2.03 -2.65 23.18
CA HIS C 381 0.73 -3.25 23.43
C HIS C 381 0.89 -4.74 23.27
N GLU C 382 0.06 -5.51 23.95
CA GLU C 382 -0.13 -6.90 23.55
C GLU C 382 -1.18 -6.90 22.46
N ASP C 383 -0.74 -7.00 21.21
CA ASP C 383 -1.64 -6.85 20.08
C ASP C 383 -0.98 -7.49 18.87
N SER C 384 -1.73 -8.32 18.15
CA SER C 384 -1.23 -8.91 16.90
C SER C 384 -2.40 -9.45 16.11
N TYR C 385 -2.15 -9.68 14.82
CA TYR C 385 -3.26 -10.02 13.94
C TYR C 385 -4.33 -10.99 14.47
N PHE C 386 -4.11 -12.23 14.48
CA PHE C 386 -5.18 -13.20 14.76
C PHE C 386 -5.42 -13.39 16.24
N HIS C 387 -4.38 -13.16 17.02
CA HIS C 387 -4.44 -13.40 18.46
C HIS C 387 -5.15 -12.31 19.22
N GLY C 388 -5.17 -11.10 18.69
CA GLY C 388 -5.74 -9.97 19.38
C GLY C 388 -4.83 -9.59 20.53
N ARG C 389 -5.37 -9.63 21.77
CA ARG C 389 -4.60 -9.44 23.00
C ARG C 389 -4.07 -10.77 23.52
N GLY C 390 -4.28 -11.85 22.78
CA GLY C 390 -3.84 -13.17 23.25
C GLY C 390 -2.33 -13.26 23.30
N THR C 391 -1.83 -13.93 24.36
CA THR C 391 -0.41 -14.05 24.53
C THR C 391 0.19 -14.95 23.46
N ASP C 392 1.38 -14.56 22.98
CA ASP C 392 2.02 -15.29 21.89
C ASP C 392 3.52 -15.20 22.16
N ASP C 393 4.13 -16.30 22.59
CA ASP C 393 5.54 -16.16 22.97
C ASP C 393 6.48 -16.05 21.76
N VAL C 394 6.10 -16.59 20.60
CA VAL C 394 6.89 -16.37 19.39
C VAL C 394 7.00 -14.87 19.16
N LEU C 395 5.88 -14.17 19.27
CA LEU C 395 5.92 -12.72 19.05
C LEU C 395 6.65 -12.00 20.18
N ASN C 396 6.54 -12.49 21.43
CA ASN C 396 7.30 -11.84 22.50
C ASN C 396 8.80 -11.99 22.25
N VAL C 397 9.22 -13.20 21.87
CA VAL C 397 10.65 -13.42 21.56
C VAL C 397 11.08 -12.50 20.43
N LYS C 398 10.26 -12.42 19.38
CA LYS C 398 10.64 -11.56 18.26
C LYS C 398 10.72 -10.10 18.70
N ASP C 399 9.74 -9.64 19.47
CA ASP C 399 9.74 -8.26 19.91
C ASP C 399 10.96 -7.92 20.77
N VAL C 400 11.38 -8.84 21.65
CA VAL C 400 12.55 -8.53 22.44
C VAL C 400 13.79 -8.41 21.56
N SER C 401 13.88 -9.26 20.52
CA SER C 401 14.99 -9.11 19.55
C SER C 401 14.92 -7.78 18.80
N LEU C 402 13.71 -7.29 18.48
CA LEU C 402 13.59 -6.00 17.81
C LEU C 402 13.99 -4.88 18.74
N ILE C 403 13.71 -5.05 20.04
CA ILE C 403 14.12 -4.05 21.00
C ILE C 403 15.64 -3.94 20.97
N HIS C 404 16.33 -5.09 20.93
CA HIS C 404 17.79 -5.07 20.79
C HIS C 404 18.22 -4.47 19.45
N TRP C 405 17.56 -4.88 18.35
CA TRP C 405 17.93 -4.34 17.02
C TRP C 405 17.90 -2.82 17.03
N LEU C 406 16.85 -2.26 17.64
CA LEU C 406 16.69 -0.82 17.78
C LEU C 406 17.67 -0.15 18.72
N HIS C 407 18.40 -0.92 19.56
CA HIS C 407 19.24 -0.36 20.63
C HIS C 407 18.42 0.37 21.69
N ALA C 408 17.16 -0.03 21.85
CA ALA C 408 16.37 0.47 22.95
C ALA C 408 16.70 -0.35 24.19
N ASN C 409 16.33 0.17 25.35
CA ASN C 409 16.59 -0.58 26.58
C ASN C 409 15.38 -0.77 27.48
N SER C 410 14.18 -0.32 27.07
CA SER C 410 13.07 -0.29 28.02
C SER C 410 11.74 -0.20 27.30
N PHE C 411 10.67 -0.56 28.01
CA PHE C 411 9.33 -0.19 27.55
C PHE C 411 8.40 -0.12 28.76
N ARG C 412 7.19 0.38 28.51
CA ARG C 412 6.13 0.41 29.51
C ARG C 412 5.04 -0.58 29.09
N THR C 413 4.43 -1.26 30.07
CA THR C 413 3.30 -2.15 29.76
C THR C 413 2.01 -1.35 29.61
N SER C 414 2.02 -0.44 28.65
CA SER C 414 0.79 0.27 28.30
C SER C 414 -0.25 -0.73 27.77
N HIS C 415 -1.49 -0.75 28.28
CA HIS C 415 -1.97 0.00 29.44
C HIS C 415 -2.60 -0.98 30.40
N TYR C 416 -1.88 -2.04 30.69
CA TYR C 416 -2.38 -3.16 31.50
C TYR C 416 -1.17 -4.05 31.76
N PRO C 417 -1.20 -4.81 32.83
CA PRO C 417 -0.14 -5.80 33.04
C PRO C 417 -0.08 -6.77 31.89
N TYR C 418 1.15 -7.09 31.46
CA TYR C 418 1.34 -8.02 30.35
C TYR C 418 1.40 -9.46 30.84
N ALA C 419 1.48 -10.40 29.89
CA ALA C 419 1.60 -11.81 30.24
C ALA C 419 2.90 -12.07 31.01
N GLU C 420 2.84 -13.01 31.97
CA GLU C 420 3.98 -13.21 32.85
C GLU C 420 5.23 -13.59 32.08
N SER C 421 5.07 -14.35 31.01
CA SER C 421 6.24 -14.80 30.26
C SER C 421 7.04 -13.63 29.68
N MET C 422 6.40 -12.49 29.41
CA MET C 422 7.17 -11.38 28.83
C MET C 422 8.14 -10.80 29.84
N TYR C 423 7.76 -10.79 31.12
CA TYR C 423 8.67 -10.27 32.14
C TYR C 423 9.83 -11.22 32.35
N ASP C 424 9.58 -12.54 32.28
CA ASP C 424 10.69 -13.49 32.37
C ASP C 424 11.66 -13.29 31.22
N LEU C 425 11.12 -13.03 30.03
CA LEU C 425 11.96 -12.78 28.88
C LEU C 425 12.80 -11.52 29.09
N CYS C 426 12.19 -10.44 29.59
CA CYS C 426 12.96 -9.20 29.76
C CYS C 426 13.95 -9.32 30.90
N ASP C 427 13.65 -10.20 31.86
CA ASP C 427 14.64 -10.54 32.89
C ASP C 427 15.90 -11.11 32.27
N ARG C 428 15.75 -12.10 31.37
CA ARG C 428 16.94 -12.73 30.80
C ARG C 428 17.59 -11.90 29.72
N GLU C 429 16.87 -10.94 29.15
CA GLU C 429 17.39 -10.16 28.03
C GLU C 429 17.82 -8.76 28.41
N GLY C 430 17.70 -8.38 29.68
CA GLY C 430 18.23 -7.11 30.13
C GLY C 430 17.45 -5.90 29.66
N ILE C 431 16.12 -6.00 29.62
CA ILE C 431 15.26 -4.91 29.14
C ILE C 431 14.43 -4.44 30.34
N VAL C 432 14.49 -3.15 30.62
CA VAL C 432 13.81 -2.54 31.76
C VAL C 432 12.33 -2.33 31.45
N ILE C 433 11.48 -2.53 32.46
CA ILE C 433 10.03 -2.39 32.30
C ILE C 433 9.47 -1.38 33.30
N ILE C 434 8.56 -0.52 32.84
CA ILE C 434 7.63 0.22 33.71
C ILE C 434 6.31 -0.56 33.71
N ASP C 435 5.85 -1.07 34.87
CA ASP C 435 4.69 -1.96 34.96
C ASP C 435 3.45 -1.16 35.33
N GLU C 436 2.39 -1.22 34.47
CA GLU C 436 1.22 -0.33 34.56
C GLU C 436 -0.08 -1.10 34.73
N VAL C 437 -0.97 -0.62 35.63
CA VAL C 437 -2.29 -1.22 35.87
C VAL C 437 -3.28 -0.71 34.83
N PRO C 438 -4.42 -1.38 34.63
CA PRO C 438 -5.34 -0.98 33.55
C PRO C 438 -6.22 0.23 33.88
N ALA C 439 -5.69 1.20 34.61
CA ALA C 439 -6.48 2.36 35.02
C ALA C 439 -6.33 3.45 33.97
N VAL C 440 -6.95 3.18 32.81
CA VAL C 440 -6.92 4.10 31.68
C VAL C 440 -8.35 4.50 31.38
N GLY C 441 -8.52 5.75 30.98
CA GLY C 441 -9.85 6.27 30.71
C GLY C 441 -10.52 6.97 31.88
N MET C 442 -9.79 7.25 32.96
CA MET C 442 -10.39 7.73 34.21
C MET C 442 -10.58 9.23 34.23
N SER C 443 -11.66 9.65 34.87
CA SER C 443 -11.84 11.07 35.16
C SER C 443 -12.69 11.19 36.43
N TRP C 444 -13.19 12.41 36.66
CA TRP C 444 -13.86 12.73 37.94
C TRP C 444 -15.07 11.86 38.23
N LEU C 445 -15.75 11.39 37.19
CA LEU C 445 -16.85 10.44 37.38
C LEU C 445 -16.38 9.16 38.09
N GLN C 446 -15.17 8.68 37.78
CA GLN C 446 -14.65 7.50 38.44
C GLN C 446 -14.16 7.78 39.87
N TYR C 447 -13.57 8.95 40.12
CA TYR C 447 -12.95 9.18 41.42
C TYR C 447 -14.00 9.22 42.50
N ALA C 448 -15.22 9.58 42.13
CA ALA C 448 -16.35 9.62 43.05
C ALA C 448 -17.02 8.26 43.22
N ASN C 449 -16.56 7.22 42.55
CA ASN C 449 -17.20 5.91 42.56
C ASN C 449 -16.40 4.93 43.42
N PRO C 450 -16.88 4.52 44.59
CA PRO C 450 -16.05 3.61 45.41
C PRO C 450 -15.77 2.27 44.78
N LEU C 451 -16.66 1.76 43.93
CA LEU C 451 -16.38 0.50 43.27
C LEU C 451 -15.15 0.61 42.37
N VAL C 452 -14.97 1.78 41.75
CA VAL C 452 -13.78 1.98 40.92
C VAL C 452 -12.53 2.02 41.78
N ALA C 453 -12.56 2.79 42.88
CA ALA C 453 -11.41 2.80 43.80
C ALA C 453 -11.07 1.40 44.27
N GLU C 454 -12.08 0.58 44.61
CA GLU C 454 -11.72 -0.77 45.06
C GLU C 454 -11.09 -1.57 43.92
N ARG C 455 -11.62 -1.44 42.70
CA ARG C 455 -11.04 -2.16 41.58
C ARG C 455 -9.63 -1.66 41.28
N HIS C 456 -9.38 -0.39 41.53
CA HIS C 456 -8.07 0.20 41.31
C HIS C 456 -7.07 -0.29 42.34
N ARG C 457 -7.47 -0.34 43.61
CA ARG C 457 -6.59 -0.93 44.62
C ARG C 457 -6.32 -2.39 44.33
N GLU C 458 -7.34 -3.12 43.90
CA GLU C 458 -7.17 -4.54 43.55
C GLU C 458 -6.11 -4.73 42.46
N ALA C 459 -6.20 -3.92 41.41
CA ALA C 459 -5.25 -4.00 40.30
C ALA C 459 -3.82 -3.69 40.74
N ILE C 460 -3.64 -2.66 41.56
CA ILE C 460 -2.31 -2.32 42.04
C ILE C 460 -1.75 -3.45 42.93
N ARG C 461 -2.53 -3.91 43.90
CA ARG C 461 -2.04 -5.02 44.74
C ARG C 461 -1.77 -6.27 43.92
N GLY C 462 -2.67 -6.58 42.99
CA GLY C 462 -2.51 -7.78 42.19
C GLY C 462 -1.30 -7.73 41.28
N MET C 463 -1.08 -6.57 40.64
CA MET C 463 0.10 -6.40 39.76
C MET C 463 1.38 -6.57 40.56
N ILE C 464 1.47 -5.92 41.73
CA ILE C 464 2.73 -5.94 42.46
C ILE C 464 2.94 -7.29 43.10
N ALA C 465 1.88 -7.94 43.56
CA ALA C 465 2.02 -9.29 44.10
C ALA C 465 2.49 -10.29 43.04
N ARG C 466 2.05 -10.10 41.80
CA ARG C 466 2.43 -11.00 40.71
C ARG C 466 3.86 -10.77 40.27
N ASP C 467 4.26 -9.50 40.21
CA ASP C 467 5.46 -9.07 39.48
C ASP C 467 6.62 -8.62 40.36
N LYS C 468 6.51 -8.69 41.70
CA LYS C 468 7.51 -8.06 42.56
C LYS C 468 8.92 -8.62 42.39
N ASN C 469 9.07 -9.88 41.98
CA ASN C 469 10.37 -10.53 41.94
C ASN C 469 11.16 -10.23 40.66
N HIS C 470 10.58 -9.52 39.70
CA HIS C 470 11.28 -9.33 38.45
C HIS C 470 12.32 -8.23 38.59
N PRO C 471 13.60 -8.50 38.33
CA PRO C 471 14.57 -7.42 38.31
C PRO C 471 14.32 -6.41 37.19
N CYS C 472 13.70 -6.84 36.09
CA CYS C 472 13.54 -5.90 34.97
C CYS C 472 12.59 -4.76 35.31
N ILE C 473 11.67 -4.94 36.27
CA ILE C 473 10.72 -3.87 36.62
C ILE C 473 11.41 -2.87 37.53
N VAL C 474 11.47 -1.61 37.11
CA VAL C 474 12.15 -0.57 37.88
C VAL C 474 11.19 0.50 38.38
N MET C 475 9.93 0.48 37.94
CA MET C 475 8.99 1.55 38.26
C MET C 475 7.59 1.06 38.00
N TRP C 476 6.65 1.53 38.86
CA TRP C 476 5.22 1.21 38.77
C TRP C 476 4.47 2.43 38.23
N SER C 477 3.51 2.16 37.34
CA SER C 477 2.60 3.22 36.87
C SER C 477 1.18 2.96 37.37
N ILE C 478 0.62 3.92 38.08
CA ILE C 478 -0.68 3.66 38.69
C ILE C 478 -1.84 4.10 37.80
N ALA C 479 -1.58 4.78 36.68
CA ALA C 479 -2.66 5.15 35.77
C ALA C 479 -2.05 5.69 34.50
N ASN C 480 -2.82 5.65 33.40
CA ASN C 480 -2.45 6.32 32.15
C ASN C 480 -3.53 7.35 31.83
N GLU C 481 -3.10 8.62 31.77
CA GLU C 481 -3.89 9.75 31.30
C GLU C 481 -5.24 9.92 32.02
N PRO C 482 -5.25 9.87 33.34
CA PRO C 482 -6.48 10.28 34.02
C PRO C 482 -6.60 11.78 34.00
N GLY C 483 -7.83 12.25 34.22
CA GLY C 483 -8.06 13.68 34.30
C GLY C 483 -7.43 14.24 35.57
N LEU C 484 -6.56 15.24 35.44
CA LEU C 484 -5.85 15.84 36.57
C LEU C 484 -5.97 17.36 36.67
N ASP C 485 -6.33 18.06 35.60
CA ASP C 485 -6.18 19.51 35.59
C ASP C 485 -7.55 20.18 35.68
N GLY C 486 -7.57 21.50 35.49
CA GLY C 486 -8.87 22.18 35.49
C GLY C 486 -9.00 23.22 36.58
N ASP C 487 -10.22 23.65 36.86
CA ASP C 487 -10.41 24.69 37.87
C ASP C 487 -11.34 24.19 38.98
N GLY C 488 -11.66 25.12 39.88
CA GLY C 488 -12.41 24.74 41.07
C GLY C 488 -11.71 23.66 41.85
N GLU C 489 -12.45 22.66 42.27
CA GLU C 489 -11.93 21.60 43.11
C GLU C 489 -11.45 20.40 42.32
N ARG C 490 -11.56 20.42 40.98
CA ARG C 490 -11.15 19.24 40.23
C ARG C 490 -9.70 18.82 40.47
N PRO C 491 -8.71 19.72 40.42
CA PRO C 491 -7.33 19.26 40.59
C PRO C 491 -7.10 18.61 41.95
N ARG C 492 -7.72 19.18 42.99
CA ARG C 492 -7.59 18.61 44.34
C ARG C 492 -8.32 17.29 44.46
N GLN C 493 -9.48 17.17 43.81
CA GLN C 493 -10.18 15.89 43.84
C GLN C 493 -9.34 14.80 43.20
N ALA C 494 -8.67 15.11 42.08
CA ALA C 494 -7.81 14.13 41.45
C ALA C 494 -6.66 13.78 42.38
N TYR C 495 -6.07 14.78 43.03
CA TYR C 495 -4.96 14.53 43.93
C TYR C 495 -5.38 13.62 45.09
N ASP C 496 -6.54 13.87 45.67
CA ASP C 496 -6.98 13.07 46.81
C ASP C 496 -7.32 11.65 46.39
N TYR C 497 -7.68 11.45 45.11
CA TYR C 497 -7.90 10.10 44.62
C TYR C 497 -6.58 9.35 44.44
N PHE C 498 -5.57 10.01 43.87
CA PHE C 498 -4.36 9.30 43.48
C PHE C 498 -3.33 9.19 44.59
N ARG C 499 -3.30 10.15 45.52
CA ARG C 499 -2.24 10.08 46.54
C ARG C 499 -2.29 8.79 47.33
N PRO C 500 -3.45 8.32 47.82
CA PRO C 500 -3.47 7.02 48.52
C PRO C 500 -3.02 5.85 47.68
N LEU C 501 -3.26 5.88 46.35
CA LEU C 501 -2.83 4.81 45.49
C LEU C 501 -1.31 4.83 45.29
N TYR C 502 -0.73 6.03 45.21
CA TYR C 502 0.72 6.16 45.20
C TYR C 502 1.30 5.54 46.47
N GLU C 503 0.68 5.82 47.61
CA GLU C 503 1.15 5.25 48.87
C GLU C 503 0.96 3.74 48.89
N LEU C 504 -0.18 3.28 48.35
CA LEU C 504 -0.44 1.84 48.23
C LEU C 504 0.63 1.12 47.41
N ALA C 505 0.99 1.67 46.23
CA ALA C 505 2.03 1.03 45.42
C ALA C 505 3.33 0.93 46.20
N HIS C 506 3.67 1.98 46.95
CA HIS C 506 4.90 1.92 47.74
C HIS C 506 4.79 0.88 48.85
N ALA C 507 3.64 0.84 49.53
CA ALA C 507 3.53 -0.11 50.65
C ALA C 507 3.54 -1.55 50.18
N SER C 508 3.11 -1.81 48.93
CA SER C 508 2.91 -3.18 48.45
C SER C 508 4.20 -3.81 47.94
N ASP C 509 5.13 -3.00 47.47
CA ASP C 509 6.33 -3.49 46.82
C ASP C 509 7.44 -3.65 47.85
N PRO C 510 7.89 -4.87 48.16
CA PRO C 510 8.98 -5.02 49.13
C PRO C 510 10.29 -4.39 48.68
N GLN C 511 10.47 -4.15 47.37
CA GLN C 511 11.64 -3.48 46.88
C GLN C 511 11.53 -1.97 46.91
N ASN C 512 10.32 -1.44 47.13
CA ASN C 512 10.09 -0.01 47.24
C ASN C 512 10.57 0.76 45.99
N ARG C 513 10.19 0.28 44.82
CA ARG C 513 10.57 0.97 43.58
C ARG C 513 9.80 2.29 43.41
N PRO C 514 10.30 3.19 42.54
CA PRO C 514 9.60 4.44 42.29
C PRO C 514 8.23 4.19 41.69
N VAL C 515 7.36 5.17 41.88
CA VAL C 515 5.96 5.09 41.48
C VAL C 515 5.63 6.34 40.66
N THR C 516 5.01 6.13 39.50
CA THR C 516 4.65 7.26 38.64
C THR C 516 3.18 7.15 38.27
N LEU C 517 2.73 8.17 37.58
CA LEU C 517 1.40 8.23 36.97
C LEU C 517 1.63 8.84 35.60
N VAL C 518 1.21 8.17 34.53
CA VAL C 518 1.49 8.69 33.19
C VAL C 518 0.45 9.75 32.85
N CYS C 519 0.92 10.96 32.54
CA CYS C 519 0.12 12.18 32.42
C CYS C 519 -0.27 12.50 30.98
N CYS C 520 -1.56 12.69 30.72
N CYS C 520 -1.57 12.74 30.77
CA CYS C 520 -1.93 13.09 29.38
CA CYS C 520 -2.09 13.21 29.49
C CYS C 520 -1.55 14.55 29.12
C CYS C 520 -1.53 14.60 29.14
N GLN C 521 -1.48 14.91 27.84
CA GLN C 521 -1.28 16.30 27.50
C GLN C 521 -2.38 17.14 28.11
N ASN C 522 -2.01 18.11 28.95
CA ASN C 522 -3.01 18.83 29.72
C ASN C 522 -2.47 20.20 30.08
N ASP C 523 -3.28 20.92 30.85
CA ASP C 523 -2.83 22.21 31.36
C ASP C 523 -1.98 21.88 32.58
N TYR C 524 -0.67 21.82 32.37
CA TYR C 524 0.25 21.39 33.42
C TYR C 524 0.28 22.39 34.56
N THR C 525 -0.20 23.63 34.35
CA THR C 525 -0.15 24.62 35.42
C THR C 525 -1.28 24.43 36.44
N THR C 526 -2.36 23.70 36.11
CA THR C 526 -3.41 23.45 37.09
C THR C 526 -3.46 22.02 37.61
N ASP C 527 -2.81 21.09 36.91
CA ASP C 527 -2.58 19.73 37.42
C ASP C 527 -1.65 19.85 38.64
N ILE C 528 -2.11 19.39 39.81
CA ILE C 528 -1.25 19.41 41.00
C ILE C 528 -0.75 18.03 41.39
N THR C 529 -1.11 16.98 40.64
CA THR C 529 -0.83 15.58 40.99
C THR C 529 0.43 15.04 40.33
N GLU C 530 0.62 15.30 39.02
CA GLU C 530 1.76 14.69 38.34
C GLU C 530 3.09 15.07 38.99
N ARG C 531 3.24 16.35 39.37
CA ARG C 531 4.49 16.82 39.92
C ARG C 531 4.84 16.19 41.27
N THR C 532 3.92 15.48 41.91
CA THR C 532 4.24 14.79 43.16
C THR C 532 4.66 13.34 42.98
N MET C 533 4.74 12.85 41.73
CA MET C 533 5.19 11.48 41.47
C MET C 533 6.71 11.40 41.65
N ASP C 534 7.21 10.17 41.74
CA ASP C 534 8.65 9.95 41.94
C ASP C 534 9.45 10.27 40.67
N VAL C 535 8.91 9.88 39.51
CA VAL C 535 9.38 10.31 38.21
C VAL C 535 8.17 10.90 37.51
N VAL C 536 8.36 12.05 36.87
CA VAL C 536 7.32 12.69 36.08
C VAL C 536 7.34 12.06 34.68
N CYS C 537 6.24 11.40 34.30
CA CYS C 537 6.11 10.70 33.02
C CYS C 537 5.05 11.41 32.21
N ILE C 538 5.44 12.00 31.08
CA ILE C 538 4.51 12.85 30.35
C ILE C 538 4.30 12.30 28.94
N ASN C 539 3.04 12.39 28.50
CA ASN C 539 2.65 12.10 27.11
C ASN C 539 2.40 13.43 26.46
N ARG C 540 3.10 13.70 25.35
CA ARG C 540 2.95 15.01 24.73
C ARG C 540 2.94 14.81 23.22
N TYR C 541 2.03 15.51 22.55
CA TYR C 541 1.84 15.39 21.10
C TYR C 541 1.87 16.74 20.43
N TYR C 542 2.76 17.61 20.90
CA TYR C 542 3.00 18.88 20.21
C TYR C 542 3.35 18.61 18.76
N GLY C 543 2.67 19.29 17.85
CA GLY C 543 2.90 19.12 16.41
C GLY C 543 2.08 18.03 15.75
N TRP C 544 1.36 17.22 16.54
CA TRP C 544 0.47 16.19 16.01
C TRP C 544 -0.96 16.60 16.35
N TYR C 545 -1.37 16.52 17.62
CA TYR C 545 -2.74 16.89 17.98
C TYR C 545 -2.91 18.39 18.19
N ASN C 546 -1.84 19.16 18.20
CA ASN C 546 -1.90 20.60 18.26
C ASN C 546 -0.76 21.10 17.39
N LEU C 547 -0.82 22.38 17.01
CA LEU C 547 0.22 22.98 16.16
C LEU C 547 0.56 22.04 15.00
N SER C 548 -0.49 21.47 14.41
CA SER C 548 -0.35 20.27 13.60
C SER C 548 0.57 20.51 12.41
N GLY C 549 1.60 19.68 12.30
CA GLY C 549 2.49 19.73 11.18
C GLY C 549 3.55 20.81 11.28
N ASP C 550 3.50 21.69 12.28
CA ASP C 550 4.41 22.84 12.38
C ASP C 550 5.47 22.49 13.43
N LEU C 551 6.60 21.93 12.99
CA LEU C 551 7.56 21.42 13.97
C LEU C 551 8.30 22.53 14.68
N ASP C 552 8.48 23.69 14.02
CA ASP C 552 9.08 24.84 14.71
C ASP C 552 8.20 25.27 15.88
N ALA C 553 6.90 25.48 15.61
CA ALA C 553 6.02 25.85 16.71
C ALA C 553 5.94 24.74 17.75
N ALA C 554 5.97 23.47 17.30
CA ALA C 554 5.86 22.38 18.27
C ALA C 554 7.04 22.39 19.22
N CYS C 555 8.22 22.67 18.70
CA CYS C 555 9.42 22.67 19.54
C CYS C 555 9.42 23.87 20.48
N HIS C 556 8.88 25.00 20.01
CA HIS C 556 8.75 26.19 20.85
C HIS C 556 7.80 25.92 22.01
N ALA C 557 6.61 25.36 21.72
CA ALA C 557 5.68 24.93 22.76
C ALA C 557 6.31 23.96 23.74
N LEU C 558 6.97 22.92 23.22
CA LEU C 558 7.60 21.95 24.12
C LEU C 558 8.61 22.64 25.04
N ASN C 559 9.40 23.57 24.50
CA ASN C 559 10.40 24.23 25.34
C ASN C 559 9.76 25.08 26.44
N ILE C 560 8.62 25.72 26.14
CA ILE C 560 7.87 26.44 27.15
C ILE C 560 7.46 25.50 28.28
N GLU C 561 6.92 24.32 27.95
CA GLU C 561 6.57 23.40 29.02
C GLU C 561 7.81 22.82 29.71
N LEU C 562 8.90 22.59 28.96
CA LEU C 562 10.11 22.08 29.62
C LEU C 562 10.66 23.09 30.62
N ASP C 563 10.55 24.38 30.30
CA ASP C 563 10.91 25.41 31.28
C ASP C 563 10.09 25.26 32.56
N PHE C 564 8.80 24.92 32.43
CA PHE C 564 7.99 24.67 33.62
C PHE C 564 8.56 23.51 34.45
N TRP C 565 8.85 22.39 33.79
CA TRP C 565 9.31 21.24 34.54
C TRP C 565 10.72 21.44 35.09
N GLU C 566 11.51 22.29 34.46
CA GLU C 566 12.84 22.59 34.96
C GLU C 566 12.76 23.14 36.37
N ASN C 567 11.78 24.01 36.63
CA ASN C 567 11.60 24.60 37.94
C ASN C 567 11.00 23.64 38.94
N ILE C 568 10.30 22.59 38.49
CA ILE C 568 9.70 21.65 39.45
C ILE C 568 10.78 20.83 40.15
N GLY C 569 11.87 20.50 39.45
CA GLY C 569 12.98 19.78 40.06
C GLY C 569 12.87 18.28 40.10
N LYS C 570 11.93 17.67 39.40
CA LYS C 570 11.88 16.22 39.41
C LYS C 570 12.53 15.66 38.15
N PRO C 571 12.98 14.40 38.18
CA PRO C 571 13.38 13.76 36.92
C PRO C 571 12.14 13.63 36.05
N VAL C 572 12.28 13.88 34.74
CA VAL C 572 11.16 13.88 33.81
C VAL C 572 11.50 12.97 32.63
N MET C 573 10.51 12.24 32.12
CA MET C 573 10.75 11.50 30.88
C MET C 573 9.48 11.55 30.02
N PHE C 574 9.65 11.41 28.71
CA PHE C 574 8.51 11.06 27.88
C PHE C 574 8.12 9.62 28.12
N THR C 575 6.82 9.36 28.27
CA THR C 575 6.31 8.02 28.08
C THR C 575 5.51 7.89 26.76
N GLU C 576 5.14 9.01 26.12
CA GLU C 576 4.55 8.95 24.79
C GLU C 576 4.83 10.23 24.03
N TYR C 577 5.05 10.08 22.71
CA TYR C 577 5.07 11.18 21.75
C TYR C 577 5.23 10.51 20.37
N GLY C 578 4.57 11.03 19.34
CA GLY C 578 4.58 10.29 18.09
C GLY C 578 3.58 10.88 17.10
N ALA C 579 3.45 10.18 15.97
CA ALA C 579 2.73 10.70 14.80
C ALA C 579 2.23 9.53 14.00
N ASP C 580 0.94 9.51 13.66
CA ASP C 580 0.46 8.37 12.86
C ASP C 580 1.16 8.39 11.50
N THR C 581 1.53 7.21 11.03
CA THR C 581 2.41 7.10 9.87
C THR C 581 2.00 5.87 9.08
N ILE C 582 1.65 6.03 7.79
CA ILE C 582 1.28 4.89 6.96
C ILE C 582 2.50 4.49 6.16
N GLU C 583 2.98 3.26 6.33
CA GLU C 583 4.17 2.90 5.60
C GLU C 583 3.91 3.03 4.10
N GLY C 584 4.89 3.56 3.40
CA GLY C 584 4.78 3.75 1.96
C GLY C 584 4.28 5.13 1.57
N ILE C 585 3.81 5.94 2.51
CA ILE C 585 3.49 7.33 2.21
C ILE C 585 4.75 8.16 2.37
N HIS C 586 5.16 8.82 1.27
CA HIS C 586 6.42 9.54 1.23
C HIS C 586 6.23 10.96 0.71
N GLY C 587 7.14 11.86 1.12
CA GLY C 587 7.19 13.19 0.53
C GLY C 587 8.55 13.81 0.69
N THR C 588 8.89 14.72 -0.24
CA THR C 588 10.17 15.41 -0.06
C THR C 588 10.15 16.37 1.11
N HIS C 589 8.99 16.96 1.41
CA HIS C 589 8.81 17.75 2.62
C HIS C 589 7.66 17.04 3.34
N GLY C 590 8.01 16.11 4.22
CA GLY C 590 7.03 15.17 4.74
C GLY C 590 5.88 15.80 5.49
N GLU C 591 4.66 15.47 5.10
CA GLU C 591 3.48 15.96 5.79
C GLU C 591 2.96 14.87 6.72
N MET C 592 2.01 15.25 7.57
CA MET C 592 1.42 14.29 8.50
C MET C 592 0.89 13.06 7.79
N PHE C 593 1.28 11.89 8.32
CA PHE C 593 1.04 10.50 7.90
C PHE C 593 2.18 9.96 7.01
N SER C 594 3.09 10.80 6.52
CA SER C 594 4.22 10.26 5.75
C SER C 594 5.31 9.71 6.67
N GLU C 595 6.14 8.82 6.09
CA GLU C 595 7.28 8.28 6.82
C GLU C 595 8.27 9.37 7.17
N GLU C 596 8.45 10.33 6.27
CA GLU C 596 9.39 11.42 6.51
C GLU C 596 8.94 12.30 7.67
N PHE C 597 7.64 12.65 7.73
CA PHE C 597 7.20 13.46 8.86
C PHE C 597 7.49 12.76 10.20
N GLN C 598 7.24 11.46 10.29
CA GLN C 598 7.48 10.75 11.55
C GLN C 598 8.95 10.85 11.93
N ARG C 599 9.83 10.64 10.96
CA ARG C 599 11.27 10.76 11.21
C ARG C 599 11.63 12.18 11.65
N ASP C 600 11.14 13.19 10.93
CA ASP C 600 11.42 14.58 11.28
C ASP C 600 10.89 14.91 12.68
N TYR C 601 9.73 14.34 13.03
CA TYR C 601 9.12 14.60 14.33
C TYR C 601 10.09 14.21 15.46
N TYR C 602 10.58 12.99 15.39
CA TYR C 602 11.50 12.53 16.43
C TYR C 602 12.83 13.28 16.35
N ALA C 603 13.31 13.60 15.14
CA ALA C 603 14.58 14.31 15.05
C ALA C 603 14.50 15.68 15.70
N ARG C 604 13.40 16.40 15.45
CA ARG C 604 13.25 17.73 16.03
C ARG C 604 13.02 17.67 17.54
N ILE C 605 12.09 16.81 17.98
CA ILE C 605 11.74 16.79 19.39
C ILE C 605 12.92 16.33 20.21
N ASN C 606 13.65 15.31 19.72
CA ASN C 606 14.73 14.74 20.51
C ASN C 606 15.88 15.73 20.66
N ALA C 607 16.10 16.57 19.64
CA ALA C 607 17.11 17.62 19.76
C ALA C 607 16.81 18.54 20.92
N GLU C 608 15.53 18.79 21.21
CA GLU C 608 15.22 19.71 22.32
C GLU C 608 15.40 19.04 23.68
N ILE C 609 15.00 17.78 23.86
CA ILE C 609 15.14 17.21 25.20
C ILE C 609 16.60 16.91 25.50
N ASP C 610 17.45 16.77 24.46
CA ASP C 610 18.89 16.55 24.68
C ASP C 610 19.53 17.73 25.40
N LYS C 611 18.95 18.92 25.31
CA LYS C 611 19.47 20.10 26.00
C LYS C 611 19.11 20.17 27.48
N ARG C 612 18.31 19.23 27.98
CA ARG C 612 17.86 19.27 29.37
C ARG C 612 18.48 18.16 30.19
N PRO C 613 19.35 18.48 31.14
CA PRO C 613 20.05 17.43 31.89
C PRO C 613 19.13 16.61 32.79
N TRP C 614 18.00 17.17 33.19
CA TRP C 614 17.03 16.54 34.09
C TRP C 614 15.99 15.68 33.37
N PHE C 615 16.04 15.64 32.04
CA PHE C 615 15.12 14.82 31.26
C PHE C 615 15.80 13.46 31.06
N ILE C 616 15.28 12.40 31.72
CA ILE C 616 16.02 11.16 31.95
C ILE C 616 15.52 10.01 31.07
N GLY C 617 14.63 10.29 30.13
CA GLY C 617 14.26 9.20 29.25
C GLY C 617 13.36 9.63 28.13
N GLU C 618 13.35 8.79 27.08
CA GLU C 618 12.48 9.00 25.92
C GLU C 618 11.81 7.67 25.61
N GLN C 619 10.56 7.53 26.00
CA GLN C 619 9.76 6.40 25.55
C GLN C 619 8.71 6.98 24.61
N LEU C 620 8.72 6.52 23.38
CA LEU C 620 7.81 7.07 22.36
C LEU C 620 6.54 6.24 22.28
N TRP C 621 5.55 6.74 21.52
CA TRP C 621 4.34 5.97 21.23
C TRP C 621 4.36 5.79 19.71
N ASN C 622 4.32 4.55 19.18
CA ASN C 622 4.28 3.28 19.92
C ASN C 622 5.38 2.38 19.28
N PHE C 623 5.75 1.30 19.95
CA PHE C 623 6.56 0.26 19.32
C PHE C 623 6.00 -0.16 17.96
N ALA C 624 4.71 -0.48 17.90
CA ALA C 624 4.16 -1.03 16.67
C ALA C 624 2.69 -0.65 16.51
N ASP C 625 2.27 -0.44 15.24
CA ASP C 625 0.82 -0.19 15.00
C ASP C 625 -0.06 -1.26 15.65
N PHE C 626 -1.25 -0.87 16.12
CA PHE C 626 -2.10 -1.81 16.87
C PHE C 626 -3.57 -1.47 16.65
N ALA C 627 -4.46 -2.41 17.00
CA ALA C 627 -5.90 -2.26 16.73
C ALA C 627 -6.61 -1.35 17.72
N THR C 628 -7.63 -0.66 17.21
CA THR C 628 -8.47 0.22 18.01
C THR C 628 -9.90 0.03 17.56
N PHE C 629 -10.82 0.55 18.37
CA PHE C 629 -12.20 0.74 17.93
C PHE C 629 -12.17 1.58 16.65
N GLN C 630 -13.07 1.29 15.73
CA GLN C 630 -13.02 2.02 14.47
C GLN C 630 -13.46 3.47 14.65
N GLY C 631 -12.87 4.35 13.87
CA GLY C 631 -13.23 5.77 13.97
C GLY C 631 -12.49 6.57 12.90
N ILE C 632 -12.87 7.84 12.79
CA ILE C 632 -12.34 8.64 11.67
C ILE C 632 -10.88 9.02 11.83
N ILE C 633 -10.24 8.81 13.01
CA ILE C 633 -8.82 9.13 13.10
C ILE C 633 -7.97 7.91 13.20
N ARG C 634 -8.53 6.72 13.01
CA ARG C 634 -7.77 5.48 13.13
C ARG C 634 -7.82 4.69 11.83
N VAL C 635 -6.71 4.70 11.10
CA VAL C 635 -6.62 4.03 9.79
C VAL C 635 -6.21 2.58 10.02
N GLU C 636 -7.18 1.68 10.12
CA GLU C 636 -6.90 0.32 10.48
C GLU C 636 -6.16 0.31 11.82
N GLY C 637 -6.67 1.09 12.75
CA GLY C 637 -6.09 1.19 14.09
C GLY C 637 -5.20 2.40 14.28
N ASN C 638 -4.40 2.32 15.34
CA ASN C 638 -3.42 3.37 15.65
C ASN C 638 -2.12 3.12 14.85
N ARG C 639 -1.65 4.15 14.13
CA ARG C 639 -0.53 3.98 13.22
C ARG C 639 0.68 4.76 13.69
N LYS C 640 0.75 5.03 15.01
CA LYS C 640 1.93 5.70 15.54
C LYS C 640 3.10 4.74 15.78
N GLY C 641 2.98 3.47 15.39
CA GLY C 641 4.10 2.56 15.54
C GLY C 641 5.31 3.05 14.75
N ILE C 642 6.49 2.89 15.33
CA ILE C 642 7.69 3.00 14.48
C ILE C 642 7.90 1.72 13.68
N LEU C 643 7.28 0.62 14.08
CA LEU C 643 7.13 -0.59 13.28
C LEU C 643 5.68 -0.73 12.84
N THR C 644 5.47 -1.41 11.70
CA THR C 644 4.13 -1.81 11.31
C THR C 644 3.59 -2.88 12.25
N ARG C 645 2.30 -3.21 12.08
CA ARG C 645 1.73 -4.28 12.90
C ARG C 645 2.44 -5.61 12.68
N ASP C 646 3.01 -5.83 11.47
CA ASP C 646 3.79 -7.03 11.19
C ASP C 646 5.27 -6.84 11.53
N ARG C 647 5.58 -5.81 12.34
CA ARG C 647 6.91 -5.59 12.93
C ARG C 647 7.95 -5.23 11.88
N GLN C 648 7.55 -4.54 10.86
CA GLN C 648 8.54 -4.09 9.87
C GLN C 648 8.91 -2.63 10.11
N PRO C 649 10.16 -2.22 9.93
CA PRO C 649 10.57 -0.88 10.38
C PRO C 649 10.19 0.22 9.37
N LYS C 650 9.54 1.26 9.85
CA LYS C 650 9.34 2.48 9.06
C LYS C 650 10.64 3.32 9.08
N MET C 651 10.70 4.35 8.23
CA MET C 651 11.88 5.23 8.17
C MET C 651 12.32 5.71 9.56
N ALA C 652 11.36 6.14 10.39
CA ALA C 652 11.69 6.62 11.74
C ALA C 652 12.40 5.56 12.57
N ALA C 653 12.02 4.28 12.42
CA ALA C 653 12.68 3.24 13.20
C ALA C 653 14.17 3.18 12.87
N HIS C 654 14.52 3.30 11.58
CA HIS C 654 15.94 3.28 11.23
C HIS C 654 16.67 4.48 11.83
N TRP C 655 16.04 5.66 11.76
CA TRP C 655 16.64 6.86 12.34
C TRP C 655 16.83 6.67 13.84
N LEU C 656 15.82 6.13 14.52
CA LEU C 656 15.93 6.01 15.97
C LEU C 656 16.99 4.99 16.33
N ARG C 657 17.09 3.92 15.54
CA ARG C 657 18.11 2.91 15.76
C ARG C 657 19.50 3.53 15.73
N GLU C 658 19.77 4.39 14.75
CA GLU C 658 21.06 5.06 14.69
C GLU C 658 21.26 6.00 15.87
N ARG C 659 20.20 6.72 16.28
CA ARG C 659 20.30 7.60 17.44
C ARG C 659 20.60 6.78 18.69
N TRP C 660 19.80 5.73 18.92
CA TRP C 660 19.93 4.99 20.16
C TRP C 660 21.22 4.20 20.22
N ALA C 661 21.79 3.84 19.05
CA ALA C 661 23.08 3.14 19.07
C ALA C 661 24.15 3.99 19.74
N GLY C 662 24.00 5.31 19.68
CA GLY C 662 24.99 6.22 20.24
C GLY C 662 24.72 6.74 21.64
N ILE C 663 23.67 6.27 22.30
CA ILE C 663 23.29 6.76 23.62
C ILE C 663 23.53 5.63 24.62
N PRO C 664 24.39 5.83 25.62
CA PRO C 664 24.66 4.75 26.58
C PRO C 664 23.51 4.57 27.56
N ASP C 665 23.37 3.34 28.07
CA ASP C 665 22.38 3.10 29.12
C ASP C 665 22.69 3.93 30.35
N TYR C 666 23.98 4.09 30.70
CA TYR C 666 24.37 4.88 31.87
C TYR C 666 25.22 6.09 31.47
N GLY C 667 25.01 7.24 32.12
CA GLY C 667 25.89 8.38 31.99
C GLY C 667 25.66 9.29 30.80
N TYR C 668 24.60 9.06 30.03
CA TYR C 668 24.29 9.96 28.92
C TYR C 668 24.12 11.38 29.41
N LYS C 669 23.47 11.55 30.56
CA LYS C 669 23.29 12.87 31.16
C LYS C 669 23.91 13.00 32.55
N ASN D 1 5.26 -48.36 14.20
CA ASN D 1 4.59 -47.71 13.06
C ASN D 1 3.41 -46.80 13.51
N GLY D 2 2.78 -47.10 14.66
CA GLY D 2 1.71 -46.24 15.14
C GLY D 2 2.25 -44.96 15.76
N MET D 3 1.59 -43.84 15.44
CA MET D 3 1.92 -42.53 16.03
C MET D 3 0.63 -41.87 16.56
N LEU D 4 -0.07 -42.54 17.48
CA LEU D 4 -1.25 -41.94 18.10
C LEU D 4 -0.91 -40.65 18.82
N TYR D 5 -1.75 -39.63 18.65
CA TYR D 5 -1.42 -38.37 19.30
C TYR D 5 -1.54 -38.54 20.81
N PRO D 6 -0.59 -38.02 21.59
CA PRO D 6 -0.56 -38.25 23.03
C PRO D 6 -1.85 -37.84 23.71
N GLN D 7 -2.35 -38.70 24.60
CA GLN D 7 -3.63 -38.46 25.22
C GLN D 7 -3.45 -38.56 26.72
N SER D 8 -4.23 -37.78 27.47
CA SER D 8 -4.28 -37.88 28.91
C SER D 8 -5.60 -38.53 29.33
N ASN D 9 -5.52 -39.50 30.22
CA ASN D 9 -6.70 -40.21 30.73
C ASN D 9 -6.32 -40.85 32.06
N ASP D 10 -7.13 -41.83 32.53
CA ASP D 10 -6.81 -42.35 33.84
C ASP D 10 -5.53 -43.18 33.85
N SER D 11 -5.10 -43.67 32.68
CA SER D 11 -3.93 -44.53 32.54
C SER D 11 -2.71 -43.84 31.94
N ARG D 12 -2.82 -42.59 31.51
CA ARG D 12 -1.86 -41.93 30.64
C ARG D 12 -1.81 -40.45 31.00
N ILE D 13 -0.61 -39.86 31.02
CA ILE D 13 -0.53 -38.40 31.17
C ILE D 13 0.40 -37.81 30.09
N VAL D 14 0.08 -36.60 29.65
CA VAL D 14 0.93 -35.86 28.71
C VAL D 14 1.56 -34.69 29.45
N PHE D 15 2.87 -34.52 29.30
CA PHE D 15 3.59 -33.38 29.88
C PHE D 15 4.18 -32.49 28.78
N PRO D 16 3.55 -31.36 28.47
CA PRO D 16 4.05 -30.54 27.36
C PRO D 16 5.40 -29.93 27.69
N LEU D 17 6.23 -29.79 26.66
CA LEU D 17 7.55 -29.19 26.78
C LEU D 17 7.68 -27.91 25.95
N ASP D 18 6.56 -27.36 25.50
CA ASP D 18 6.59 -26.11 24.76
C ASP D 18 6.92 -24.96 25.71
N GLY D 19 7.33 -23.82 25.15
CA GLY D 19 7.70 -22.65 25.92
C GLY D 19 8.87 -21.93 25.31
N VAL D 20 9.55 -21.12 26.11
CA VAL D 20 10.70 -20.37 25.63
C VAL D 20 11.96 -21.17 25.97
N TRP D 21 12.58 -21.74 24.96
CA TRP D 21 13.78 -22.54 25.14
C TRP D 21 15.02 -21.68 24.98
N ASP D 22 16.16 -22.30 25.27
CA ASP D 22 17.46 -21.74 24.96
C ASP D 22 17.89 -22.15 23.55
N PHE D 23 18.68 -21.30 22.90
CA PHE D 23 18.99 -21.55 21.50
C PHE D 23 20.33 -20.93 21.13
N ARG D 24 21.08 -21.61 20.26
CA ARG D 24 22.28 -21.05 19.65
C ARG D 24 22.36 -21.48 18.20
N THR D 25 22.86 -20.61 17.33
CA THR D 25 23.19 -21.06 15.98
C THR D 25 24.50 -21.82 16.03
N ALA D 26 24.69 -22.73 15.09
CA ALA D 26 25.92 -23.51 15.03
C ALA D 26 26.46 -23.45 13.61
N GLY D 27 27.26 -24.45 13.23
CA GLY D 27 28.02 -24.38 12.01
C GLY D 27 27.25 -24.86 10.75
N GLU D 28 27.91 -24.66 9.60
CA GLU D 28 27.31 -25.08 8.34
C GLU D 28 27.21 -26.58 8.25
N ASP D 29 28.16 -27.27 8.87
CA ASP D 29 28.24 -28.71 8.71
C ASP D 29 28.44 -29.41 10.04
N SER D 30 28.46 -28.67 11.14
CA SER D 30 28.73 -29.28 12.44
C SER D 30 28.12 -28.43 13.53
N TYR D 31 27.98 -29.04 14.70
CA TYR D 31 27.68 -28.33 15.94
C TYR D 31 28.50 -28.95 17.04
N PRO D 32 28.75 -28.20 18.15
CA PRO D 32 29.52 -28.77 19.27
C PRO D 32 28.74 -29.82 20.04
N ALA D 33 29.14 -31.08 19.98
CA ALA D 33 28.36 -32.09 20.67
C ALA D 33 28.43 -31.92 22.19
N GLU D 34 29.44 -31.25 22.71
CA GLU D 34 29.52 -31.06 24.16
C GLU D 34 28.44 -30.12 24.68
N TRP D 35 27.78 -29.37 23.81
CA TRP D 35 26.64 -28.57 24.25
C TRP D 35 25.55 -29.42 24.89
N ALA D 36 25.48 -30.73 24.60
CA ALA D 36 24.48 -31.56 25.26
C ALA D 36 24.83 -31.90 26.72
N ASP D 37 26.04 -31.63 27.18
CA ASP D 37 26.47 -32.02 28.52
C ASP D 37 26.26 -30.94 29.57
N ALA D 38 25.98 -29.71 29.16
CA ALA D 38 25.86 -28.58 30.07
C ALA D 38 24.95 -27.54 29.43
N PRO D 39 24.44 -26.58 30.20
CA PRO D 39 23.60 -25.53 29.60
C PRO D 39 24.31 -24.81 28.46
N LEU D 40 23.55 -24.49 27.40
CA LEU D 40 24.17 -23.79 26.28
C LEU D 40 24.82 -22.51 26.77
N PRO D 41 26.02 -22.19 26.29
CA PRO D 41 26.62 -20.90 26.64
C PRO D 41 25.95 -19.75 25.89
N GLU D 42 25.84 -18.61 26.58
CA GLU D 42 25.27 -17.37 26.04
C GLU D 42 24.05 -17.59 25.13
N PRO D 43 23.01 -18.27 25.61
CA PRO D 43 21.90 -18.67 24.74
C PRO D 43 21.00 -17.49 24.39
N LEU D 44 20.33 -17.62 23.26
CA LEU D 44 19.23 -16.74 22.91
C LEU D 44 17.95 -17.40 23.31
N PRO D 45 16.87 -16.64 23.47
CA PRO D 45 15.55 -17.25 23.67
C PRO D 45 14.96 -17.65 22.33
N MET D 46 14.16 -18.72 22.37
CA MET D 46 13.51 -19.21 21.14
C MET D 46 12.23 -19.91 21.52
N ALA D 47 11.11 -19.40 21.01
CA ALA D 47 9.84 -19.99 21.42
C ALA D 47 9.59 -21.29 20.64
N VAL D 48 9.02 -22.27 21.33
CA VAL D 48 8.69 -23.56 20.74
C VAL D 48 7.23 -23.88 21.02
N PRO D 49 6.43 -24.23 19.99
CA PRO D 49 6.75 -24.45 18.60
C PRO D 49 6.85 -23.15 17.84
N GLY D 50 7.59 -23.21 16.74
CA GLY D 50 7.71 -22.05 15.88
C GLY D 50 8.92 -22.22 15.01
N SER D 51 8.91 -21.61 13.83
CA SER D 51 10.17 -21.57 13.10
C SER D 51 11.11 -20.65 13.84
N TYR D 52 12.42 -20.89 13.70
CA TYR D 52 13.32 -19.94 14.34
C TYR D 52 13.63 -18.73 13.48
N ASN D 53 13.34 -18.78 12.19
CA ASN D 53 13.95 -17.81 11.27
C ASN D 53 13.47 -16.38 11.51
N ASP D 54 12.19 -16.20 11.87
CA ASP D 54 11.66 -14.87 12.09
C ASP D 54 11.56 -14.51 13.55
N GLN D 55 12.22 -15.28 14.44
CA GLN D 55 12.22 -14.94 15.85
C GLN D 55 13.45 -14.16 16.32
N ASN D 56 14.32 -13.66 15.42
CA ASN D 56 15.41 -12.83 15.90
C ASN D 56 15.83 -11.86 14.80
N ASP D 57 15.50 -10.60 14.96
CA ASP D 57 15.86 -9.61 13.96
C ASP D 57 17.26 -9.04 14.13
N GLU D 58 17.93 -9.31 15.27
CA GLU D 58 19.35 -8.93 15.38
C GLU D 58 20.23 -9.79 14.51
N LEU D 59 19.93 -11.07 14.42
CA LEU D 59 20.66 -11.98 13.56
C LEU D 59 19.87 -12.10 12.26
N ASN D 60 20.48 -12.62 11.24
CA ASN D 60 19.71 -12.78 10.01
C ASN D 60 19.46 -14.28 9.87
N LEU D 61 18.51 -14.77 10.68
CA LEU D 61 18.31 -16.22 10.71
C LEU D 61 17.61 -16.72 9.47
N ARG D 62 16.99 -15.83 8.65
CA ARG D 62 16.55 -16.33 7.36
C ARG D 62 17.70 -16.76 6.49
N ALA D 63 18.88 -16.18 6.68
CA ALA D 63 20.07 -16.51 5.89
C ALA D 63 20.84 -17.72 6.42
N HIS D 64 20.43 -18.25 7.56
CA HIS D 64 21.25 -19.28 8.20
C HIS D 64 21.30 -20.56 7.37
N TYR D 65 22.50 -21.17 7.31
CA TYR D 65 22.72 -22.43 6.60
C TYR D 65 23.36 -23.42 7.57
N GLY D 66 22.69 -24.55 7.81
CA GLY D 66 23.28 -25.59 8.65
C GLY D 66 22.53 -25.85 9.94
N TRP D 67 23.28 -25.95 11.03
CA TRP D 67 22.74 -26.42 12.30
C TRP D 67 22.41 -25.28 13.26
N VAL D 68 21.40 -25.52 14.08
CA VAL D 68 21.18 -24.74 15.28
C VAL D 68 20.96 -25.75 16.39
N VAL D 69 21.02 -25.26 17.62
CA VAL D 69 20.87 -26.12 18.77
C VAL D 69 19.87 -25.50 19.73
N TYR D 70 18.82 -26.27 20.04
CA TYR D 70 17.83 -25.92 21.04
C TYR D 70 18.14 -26.63 22.35
N GLN D 71 17.76 -26.01 23.46
CA GLN D 71 17.88 -26.72 24.75
C GLN D 71 16.88 -26.24 25.80
N ARG D 72 16.39 -27.16 26.64
CA ARG D 72 15.68 -26.72 27.83
C ARG D 72 15.84 -27.76 28.92
N SER D 73 15.46 -27.36 30.12
CA SER D 73 15.40 -28.25 31.27
C SER D 73 13.95 -28.53 31.64
N PHE D 74 13.74 -29.65 32.32
CA PHE D 74 12.40 -29.93 32.80
C PHE D 74 12.52 -30.92 33.94
N ALA D 75 11.47 -31.01 34.75
CA ALA D 75 11.41 -31.89 35.91
C ALA D 75 9.97 -32.33 36.11
N VAL D 76 9.75 -33.61 36.44
CA VAL D 76 8.40 -34.10 36.69
C VAL D 76 8.43 -34.87 38.00
N PRO D 77 7.28 -35.02 38.67
CA PRO D 77 7.26 -35.81 39.91
C PRO D 77 7.73 -37.24 39.66
N SER D 78 8.59 -37.71 40.55
CA SER D 78 8.95 -39.13 40.51
C SER D 78 7.73 -40.03 40.66
N ARG D 79 6.73 -39.58 41.40
CA ARG D 79 5.50 -40.34 41.61
C ARG D 79 4.81 -40.69 40.30
N LEU D 80 4.99 -39.92 39.24
CA LEU D 80 4.26 -40.20 38.02
C LEU D 80 5.09 -40.85 36.92
N VAL D 81 6.42 -40.79 36.98
CA VAL D 81 7.19 -41.62 36.05
C VAL D 81 7.32 -43.06 36.58
N ALA D 82 7.23 -43.26 37.89
CA ALA D 82 7.43 -44.57 38.51
C ALA D 82 6.56 -45.64 37.88
N GLY D 83 7.20 -46.69 37.36
CA GLY D 83 6.50 -47.79 36.75
C GLY D 83 6.02 -47.59 35.34
N GLN D 84 6.16 -46.38 34.78
CA GLN D 84 5.53 -46.05 33.50
C GLN D 84 6.53 -46.11 32.36
N ARG D 85 6.01 -46.33 31.17
CA ARG D 85 6.80 -46.18 29.96
C ARG D 85 6.81 -44.69 29.56
N MET D 86 8.00 -44.11 29.38
CA MET D 86 8.18 -42.67 29.17
C MET D 86 8.62 -42.40 27.73
N ILE D 87 7.80 -41.65 26.97
CA ILE D 87 8.02 -41.42 25.55
C ILE D 87 8.15 -39.92 25.34
N LEU D 88 9.18 -39.52 24.62
CA LEU D 88 9.39 -38.12 24.24
C LEU D 88 9.04 -37.97 22.76
N ARG D 89 8.07 -37.11 22.45
CA ARG D 89 7.54 -37.00 21.11
C ARG D 89 7.85 -35.62 20.55
N PHE D 90 8.40 -35.59 19.34
CA PHE D 90 8.59 -34.37 18.55
C PHE D 90 7.54 -34.38 17.44
N ASP D 91 6.56 -33.46 17.49
CA ASP D 91 5.56 -33.47 16.44
C ASP D 91 6.19 -33.08 15.10
N ALA D 92 7.23 -32.22 15.11
CA ALA D 92 8.02 -31.95 13.89
C ALA D 92 9.26 -31.13 14.20
N ALA D 93 10.41 -31.62 13.73
CA ALA D 93 11.68 -30.91 13.74
C ALA D 93 12.16 -30.81 12.30
N THR D 94 12.29 -29.58 11.78
CA THR D 94 12.46 -29.37 10.36
C THR D 94 13.90 -28.91 10.05
N HIS D 95 14.71 -29.67 9.29
CA HIS D 95 14.37 -30.91 8.61
C HIS D 95 14.90 -32.16 9.28
N ALA D 96 16.00 -32.03 9.97
CA ALA D 96 16.64 -33.21 10.57
C ALA D 96 17.06 -32.87 11.97
N ALA D 97 17.08 -33.88 12.85
CA ALA D 97 17.39 -33.54 14.23
C ALA D 97 18.21 -34.66 14.86
N ASP D 98 19.13 -34.25 15.75
CA ASP D 98 19.75 -35.13 16.75
C ASP D 98 19.24 -34.73 18.13
N VAL D 99 18.82 -35.72 18.91
CA VAL D 99 18.17 -35.46 20.20
C VAL D 99 19.00 -36.09 21.31
N TYR D 100 19.36 -35.27 22.29
CA TYR D 100 20.11 -35.72 23.48
C TYR D 100 19.29 -35.48 24.73
N LEU D 101 19.36 -36.39 25.69
CA LEU D 101 18.69 -36.19 26.97
C LEU D 101 19.73 -36.53 28.02
N ASN D 102 20.07 -35.55 28.88
CA ASN D 102 21.12 -35.73 29.90
C ASN D 102 22.42 -36.26 29.30
N GLY D 103 22.82 -35.66 28.18
CA GLY D 103 24.06 -36.02 27.50
C GLY D 103 23.99 -37.23 26.61
N GLN D 104 22.95 -38.05 26.70
CA GLN D 104 22.90 -39.29 25.95
C GLN D 104 22.19 -39.06 24.63
N LEU D 105 22.82 -39.47 23.54
CA LEU D 105 22.22 -39.36 22.22
C LEU D 105 21.07 -40.34 22.14
N LEU D 106 19.85 -39.83 22.09
CA LEU D 106 18.70 -40.70 21.93
C LEU D 106 18.58 -41.24 20.51
N GLY D 107 18.95 -40.44 19.49
CA GLY D 107 18.82 -40.88 18.13
C GLY D 107 18.61 -39.65 17.24
N SER D 108 18.31 -39.90 15.99
CA SER D 108 18.23 -38.85 14.96
C SER D 108 17.02 -39.12 14.10
N HIS D 109 16.59 -38.10 13.33
CA HIS D 109 15.43 -38.25 12.47
C HIS D 109 15.62 -37.34 11.27
N PHE D 110 15.10 -37.74 10.09
CA PHE D 110 15.13 -36.82 8.95
C PHE D 110 13.82 -36.17 8.48
N GLY D 111 12.62 -36.71 8.38
CA GLY D 111 11.59 -35.90 7.68
C GLY D 111 11.12 -34.65 8.45
N GLY D 112 11.02 -33.49 7.75
CA GLY D 112 10.76 -32.33 8.58
C GLY D 112 9.31 -32.04 8.95
N PHE D 113 8.37 -32.90 8.57
CA PHE D 113 6.95 -32.55 8.66
C PHE D 113 6.15 -33.67 9.29
N LEU D 114 6.82 -34.66 9.85
CA LEU D 114 6.12 -35.78 10.46
C LEU D 114 6.73 -36.09 11.82
N PRO D 115 5.94 -36.66 12.72
CA PRO D 115 6.38 -36.78 14.13
C PRO D 115 7.29 -37.98 14.34
N PHE D 116 8.10 -37.90 15.39
CA PHE D 116 8.96 -39.02 15.77
C PHE D 116 9.11 -39.04 17.30
N GLU D 117 9.47 -40.20 17.85
CA GLU D 117 9.48 -40.27 19.30
C GLU D 117 10.57 -41.26 19.74
N PHE D 118 10.97 -41.13 21.01
CA PHE D 118 12.03 -41.94 21.62
C PHE D 118 11.51 -42.48 22.94
N ASP D 119 11.88 -43.72 23.27
CA ASP D 119 11.63 -44.24 24.63
C ASP D 119 12.74 -43.75 25.53
N VAL D 120 12.40 -42.91 26.51
CA VAL D 120 13.39 -42.30 27.39
C VAL D 120 13.24 -42.81 28.82
N THR D 121 12.51 -43.91 28.98
CA THR D 121 12.28 -44.48 30.30
C THR D 121 13.59 -44.60 31.06
N SER D 122 14.64 -45.03 30.38
CA SER D 122 15.93 -45.27 31.03
C SER D 122 16.87 -44.06 31.05
N ALA D 123 16.65 -43.05 30.20
CA ALA D 123 17.51 -41.88 30.24
C ALA D 123 17.02 -40.80 31.20
N LEU D 124 15.73 -40.79 31.53
CA LEU D 124 15.23 -39.83 32.50
C LEU D 124 15.87 -40.06 33.87
N HIS D 125 15.90 -39.00 34.67
CA HIS D 125 16.18 -39.19 36.09
C HIS D 125 15.45 -38.12 36.90
N ALA D 126 15.52 -38.27 38.21
CA ALA D 126 14.81 -37.36 39.10
C ALA D 126 15.42 -35.96 39.04
N GLY D 127 14.60 -34.97 39.39
CA GLY D 127 15.06 -33.59 39.32
C GLY D 127 15.13 -33.08 37.88
N GLU D 128 15.95 -32.06 37.69
CA GLU D 128 16.06 -31.43 36.38
C GLU D 128 16.73 -32.35 35.36
N ASN D 129 16.11 -32.50 34.19
CA ASN D 129 16.66 -33.16 33.03
C ASN D 129 16.99 -32.09 32.00
N LEU D 130 18.02 -32.34 31.19
CA LEU D 130 18.53 -31.38 30.20
C LEU D 130 18.30 -31.95 28.81
N LEU D 131 17.40 -31.31 28.04
CA LEU D 131 17.03 -31.79 26.72
C LEU D 131 17.68 -30.90 25.67
N THR D 132 18.52 -31.49 24.80
CA THR D 132 19.27 -30.73 23.78
C THR D 132 18.89 -31.27 22.41
N VAL D 133 18.51 -30.39 21.49
CA VAL D 133 18.03 -30.83 20.19
C VAL D 133 18.75 -30.02 19.12
N ALA D 134 19.62 -30.67 18.37
CA ALA D 134 20.27 -30.05 17.22
C ALA D 134 19.39 -30.24 15.99
N VAL D 135 19.14 -29.14 15.28
CA VAL D 135 18.25 -29.15 14.13
C VAL D 135 19.00 -28.64 12.92
N ASP D 136 18.90 -29.39 11.82
CA ASP D 136 19.62 -29.15 10.57
C ASP D 136 18.63 -28.68 9.52
N ASN D 137 18.88 -27.50 8.94
CA ASN D 137 17.95 -26.94 7.96
C ASN D 137 18.35 -27.24 6.52
N ARG D 138 19.46 -27.95 6.30
CA ARG D 138 20.02 -27.99 4.97
C ARG D 138 19.16 -28.81 4.04
N ILE D 139 19.01 -28.32 2.81
CA ILE D 139 18.32 -29.01 1.74
C ILE D 139 19.21 -29.09 0.51
N GLY D 140 18.93 -30.07 -0.34
CA GLY D 140 19.81 -30.34 -1.46
C GLY D 140 19.24 -31.42 -2.35
N SER D 141 20.10 -31.97 -3.21
CA SER D 141 19.55 -32.88 -4.20
C SER D 141 19.12 -34.20 -3.60
N SER D 142 19.43 -34.45 -2.32
CA SER D 142 19.00 -35.69 -1.65
C SER D 142 17.90 -35.51 -0.62
N THR D 143 17.40 -34.30 -0.41
CA THR D 143 16.35 -34.13 0.58
C THR D 143 14.98 -34.07 -0.08
N LEU D 144 13.96 -34.35 0.73
CA LEU D 144 12.57 -34.02 0.43
C LEU D 144 12.13 -33.11 1.55
N PRO D 145 11.73 -31.86 1.23
CA PRO D 145 11.66 -31.23 -0.09
C PRO D 145 13.04 -30.98 -0.67
N VAL D 146 13.09 -30.91 -1.98
CA VAL D 146 14.36 -30.87 -2.73
C VAL D 146 14.96 -29.46 -2.72
N GLY D 147 16.28 -29.38 -2.45
CA GLY D 147 17.05 -28.19 -2.70
C GLY D 147 17.95 -28.32 -3.91
N ASN D 148 18.39 -27.19 -4.45
CA ASN D 148 19.39 -27.20 -5.52
C ASN D 148 20.79 -27.07 -4.96
N ASP D 149 21.71 -27.91 -5.48
CA ASP D 149 23.08 -27.89 -4.95
C ASP D 149 23.88 -26.71 -5.47
N ALA D 150 23.48 -26.14 -6.61
CA ALA D 150 24.13 -24.94 -7.15
C ALA D 150 23.13 -24.19 -8.00
N GLY D 151 23.51 -22.98 -8.39
CA GLY D 151 22.71 -22.19 -9.31
C GLY D 151 21.78 -21.23 -8.56
N THR D 152 20.49 -21.33 -8.84
CA THR D 152 19.48 -20.49 -8.23
C THR D 152 18.45 -21.33 -7.52
N ALA D 153 17.66 -20.66 -6.70
CA ALA D 153 16.41 -21.19 -6.18
C ALA D 153 15.37 -21.30 -7.31
N PHE D 154 14.25 -21.94 -6.96
CA PHE D 154 13.05 -22.03 -7.81
C PHE D 154 12.73 -20.68 -8.44
N MET D 155 12.60 -20.66 -9.76
CA MET D 155 12.26 -19.46 -10.54
C MET D 155 13.14 -18.26 -10.15
N GLY D 156 14.41 -18.52 -9.91
CA GLY D 156 15.38 -17.45 -9.74
C GLY D 156 15.96 -16.95 -11.05
N SER D 157 16.40 -15.69 -11.02
CA SER D 157 17.05 -15.04 -12.16
C SER D 157 18.54 -15.36 -12.20
N ASP D 158 19.11 -15.46 -13.40
CA ASP D 158 20.55 -15.61 -13.49
C ASP D 158 21.04 -14.95 -14.76
N ASN D 159 22.37 -14.69 -14.81
CA ASN D 159 23.11 -14.29 -16.02
C ASN D 159 24.33 -15.19 -16.07
N ALA D 160 24.08 -16.49 -16.27
CA ALA D 160 25.11 -17.49 -16.01
C ALA D 160 26.30 -17.33 -16.96
N ASN D 161 26.09 -16.69 -18.12
CA ASN D 161 27.12 -16.53 -19.14
C ASN D 161 28.08 -15.38 -18.87
N VAL D 162 27.87 -14.60 -17.83
CA VAL D 162 28.75 -13.48 -17.49
C VAL D 162 29.90 -14.06 -16.68
N PRO D 163 31.14 -13.96 -17.15
CA PRO D 163 32.24 -14.60 -16.39
C PRO D 163 32.34 -14.16 -14.94
N ALA D 164 32.09 -12.87 -14.65
CA ALA D 164 32.17 -12.42 -13.26
C ALA D 164 31.14 -13.11 -12.39
N VAL D 165 29.96 -13.42 -12.95
CA VAL D 165 28.94 -14.12 -12.16
C VAL D 165 29.40 -15.54 -11.86
N ALA D 166 29.90 -16.23 -12.88
CA ALA D 166 30.37 -17.60 -12.68
C ALA D 166 31.45 -17.66 -11.60
N GLU D 167 32.35 -16.68 -11.60
CA GLU D 167 33.43 -16.69 -10.62
C GLU D 167 32.92 -16.33 -9.23
N ALA D 168 32.02 -15.34 -9.14
CA ALA D 168 31.47 -14.98 -7.84
C ALA D 168 30.68 -16.12 -7.22
N LYS D 169 30.03 -16.95 -8.04
CA LYS D 169 29.25 -18.05 -7.49
C LYS D 169 30.14 -19.01 -6.74
N LYS D 170 31.37 -19.17 -7.21
CA LYS D 170 32.25 -20.17 -6.61
C LYS D 170 32.63 -19.82 -5.18
N HIS D 171 32.54 -18.55 -4.81
CA HIS D 171 32.96 -18.07 -3.51
C HIS D 171 31.82 -17.53 -2.68
N ALA D 172 30.60 -17.58 -3.18
CA ALA D 172 29.50 -16.94 -2.46
C ALA D 172 29.17 -17.75 -1.20
N ARG D 173 28.65 -17.06 -0.20
CA ARG D 173 28.22 -17.72 1.03
C ARG D 173 27.24 -18.85 0.72
N ARG D 174 27.43 -19.97 1.40
CA ARG D 174 26.54 -21.11 1.20
C ARG D 174 25.15 -20.75 1.69
N GLN D 175 24.16 -21.07 0.87
CA GLN D 175 22.77 -20.75 1.17
C GLN D 175 21.87 -21.90 0.69
N ASN D 176 20.85 -22.27 1.48
CA ASN D 176 19.89 -23.23 0.93
C ASN D 176 19.17 -22.64 -0.25
N LEU D 177 19.06 -23.40 -1.34
CA LEU D 177 18.37 -22.97 -2.56
C LEU D 177 17.16 -23.86 -2.78
N PRO D 178 16.00 -23.47 -2.29
CA PRO D 178 14.82 -24.30 -2.47
C PRO D 178 14.52 -24.52 -3.94
N ASN D 179 14.27 -25.79 -4.30
CA ASN D 179 13.67 -26.08 -5.59
C ASN D 179 12.17 -26.15 -5.49
N PHE D 180 11.60 -25.34 -4.61
CA PHE D 180 10.18 -25.27 -4.33
C PHE D 180 9.90 -23.83 -3.99
N ASP D 181 8.66 -23.40 -4.21
CA ASP D 181 8.28 -21.99 -4.12
C ASP D 181 7.72 -21.64 -2.76
N PHE D 182 8.42 -21.97 -1.69
CA PHE D 182 8.05 -21.48 -0.36
C PHE D 182 9.32 -21.39 0.47
N PHE D 183 9.29 -20.53 1.48
CA PHE D 183 10.50 -20.30 2.26
C PHE D 183 10.85 -21.54 3.08
N ASN D 184 12.16 -21.77 3.25
CA ASN D 184 12.66 -22.96 3.95
C ASN D 184 12.73 -22.73 5.47
N PHE D 185 11.55 -22.52 6.08
CA PHE D 185 11.44 -22.26 7.50
C PHE D 185 11.86 -23.50 8.28
N ALA D 186 12.72 -23.32 9.25
CA ALA D 186 13.24 -24.50 9.98
C ALA D 186 13.07 -24.35 11.48
N GLY D 187 13.34 -25.46 12.19
CA GLY D 187 13.31 -25.45 13.63
C GLY D 187 12.27 -26.39 14.21
N LEU D 188 11.96 -26.22 15.51
CA LEU D 188 10.94 -27.03 16.19
C LEU D 188 9.58 -26.40 15.84
N ASN D 189 9.13 -26.70 14.61
CA ASN D 189 7.91 -26.12 14.06
C ASN D 189 6.66 -26.58 14.76
N ARG D 190 6.69 -27.73 15.46
CA ARG D 190 5.48 -28.23 16.11
C ARG D 190 5.83 -28.68 17.53
N HIS D 191 4.82 -29.10 18.28
CA HIS D 191 4.91 -29.25 19.72
C HIS D 191 5.89 -30.35 20.09
N VAL D 192 6.44 -30.22 21.30
CA VAL D 192 7.28 -31.25 21.92
C VAL D 192 6.60 -31.67 23.20
N GLU D 193 6.56 -32.99 23.49
CA GLU D 193 5.90 -33.38 24.73
C GLU D 193 6.43 -34.73 25.17
N LEU D 194 6.48 -34.89 26.49
CA LEU D 194 6.75 -36.16 27.14
C LEU D 194 5.43 -36.76 27.57
N TYR D 195 5.25 -38.06 27.32
CA TYR D 195 3.99 -38.69 27.69
C TYR D 195 4.26 -40.07 28.25
N THR D 196 3.27 -40.60 28.98
CA THR D 196 3.40 -41.88 29.66
C THR D 196 2.35 -42.86 29.14
N THR D 197 2.72 -44.15 29.10
CA THR D 197 1.78 -45.25 28.96
C THR D 197 2.10 -46.29 30.02
N PRO D 198 1.19 -47.21 30.28
CA PRO D 198 1.57 -48.38 31.09
C PRO D 198 2.70 -49.13 30.39
N ALA D 199 3.58 -49.76 31.18
CA ALA D 199 4.78 -50.39 30.64
C ALA D 199 4.59 -51.86 30.25
N ASP D 200 3.76 -52.61 30.97
CA ASP D 200 3.67 -54.04 30.70
C ASP D 200 2.90 -54.36 29.42
N ALA D 201 1.86 -53.57 29.14
CA ALA D 201 0.99 -53.80 28.00
C ALA D 201 0.28 -52.49 27.72
N TYR D 202 0.26 -52.07 26.46
CA TYR D 202 -0.27 -50.75 26.13
C TYR D 202 -0.80 -50.76 24.71
N ILE D 203 -1.73 -49.84 24.45
CA ILE D 203 -2.26 -49.65 23.11
C ILE D 203 -1.22 -48.88 22.28
N ALA D 204 -0.82 -49.45 21.15
CA ALA D 204 0.22 -48.84 20.32
C ALA D 204 -0.35 -48.17 19.09
N ASP D 205 -1.46 -48.67 18.54
CA ASP D 205 -2.01 -48.14 17.30
C ASP D 205 -3.47 -48.53 17.22
N ILE D 206 -4.26 -47.69 16.55
CA ILE D 206 -5.66 -47.95 16.29
C ILE D 206 -5.96 -47.54 14.86
N ALA D 207 -6.61 -48.41 14.09
CA ALA D 207 -7.12 -48.05 12.77
C ALA D 207 -8.60 -48.37 12.68
N ILE D 208 -9.42 -47.36 12.39
CA ILE D 208 -10.85 -47.49 12.16
C ILE D 208 -11.12 -47.29 10.66
N THR D 209 -11.91 -48.19 10.07
CA THR D 209 -12.28 -48.06 8.67
C THR D 209 -13.78 -48.18 8.49
N THR D 210 -14.32 -47.48 7.48
CA THR D 210 -15.72 -47.65 7.08
C THR D 210 -15.72 -48.69 5.97
N GLU D 211 -16.22 -49.89 6.29
CA GLU D 211 -16.16 -51.03 5.39
C GLU D 211 -17.33 -51.05 4.41
N ARG D 212 -18.56 -50.74 4.86
CA ARG D 212 -19.69 -50.81 3.94
C ARG D 212 -20.84 -49.99 4.52
N LEU D 213 -21.62 -49.38 3.63
CA LEU D 213 -22.83 -48.65 4.00
C LEU D 213 -24.02 -49.25 3.27
N ASP D 214 -25.08 -49.54 4.03
CA ASP D 214 -26.30 -50.12 3.51
C ASP D 214 -27.41 -49.08 3.54
N HIS D 215 -28.09 -48.90 2.40
CA HIS D 215 -29.28 -48.06 2.32
C HIS D 215 -28.99 -46.64 2.84
N ILE D 216 -28.12 -45.96 2.09
CA ILE D 216 -27.82 -44.58 2.43
C ILE D 216 -29.04 -43.72 2.15
N ALA D 217 -29.33 -42.81 3.09
CA ALA D 217 -30.43 -41.85 2.92
C ALA D 217 -30.21 -40.98 1.69
N GLY D 218 -31.32 -40.47 1.14
CA GLY D 218 -31.22 -39.59 -0.01
C GLY D 218 -30.35 -38.37 0.23
N ASP D 219 -30.37 -37.85 1.46
CA ASP D 219 -29.57 -36.67 1.79
C ASP D 219 -28.20 -37.04 2.35
N ALA D 220 -27.85 -38.33 2.34
CA ALA D 220 -26.60 -38.85 2.86
C ALA D 220 -26.38 -38.56 4.33
N CYS D 221 -27.41 -38.12 5.08
CA CYS D 221 -27.14 -37.86 6.50
C CYS D 221 -27.02 -39.14 7.32
N THR D 222 -27.68 -40.22 6.90
CA THR D 222 -27.61 -41.49 7.60
C THR D 222 -27.55 -42.64 6.60
N ALA D 223 -27.22 -43.82 7.11
CA ALA D 223 -27.39 -45.09 6.40
C ALA D 223 -28.17 -46.02 7.32
N ALA D 224 -28.99 -46.88 6.73
CA ALA D 224 -29.71 -47.84 7.56
C ALA D 224 -28.75 -48.71 8.38
N ASN D 225 -27.59 -49.05 7.80
CA ASN D 225 -26.59 -49.80 8.53
C ASN D 225 -25.21 -49.43 7.99
N ALA D 226 -24.26 -49.31 8.89
CA ALA D 226 -22.88 -49.09 8.54
C ALA D 226 -22.04 -50.18 9.17
N LEU D 227 -21.16 -50.77 8.39
CA LEU D 227 -20.19 -51.73 8.88
C LEU D 227 -18.85 -51.03 9.02
N ILE D 228 -18.34 -50.94 10.24
CA ILE D 228 -17.01 -50.39 10.45
C ILE D 228 -16.09 -51.52 10.91
N ALA D 229 -14.79 -51.29 10.76
CA ALA D 229 -13.80 -52.26 11.20
C ALA D 229 -12.76 -51.57 12.06
N TYR D 230 -12.25 -52.31 13.05
CA TYR D 230 -11.20 -51.83 13.93
C TYR D 230 -10.03 -52.78 13.88
N ASP D 231 -8.84 -52.21 14.11
CA ASP D 231 -7.59 -52.94 14.16
C ASP D 231 -6.75 -52.27 15.23
N VAL D 232 -6.55 -52.93 16.36
CA VAL D 232 -5.82 -52.34 17.48
C VAL D 232 -4.52 -53.09 17.66
N THR D 233 -3.42 -52.34 17.77
CA THR D 233 -2.08 -52.89 17.96
C THR D 233 -1.60 -52.58 19.37
N PHE D 234 -0.95 -53.56 20.00
CA PHE D 234 -0.50 -53.42 21.38
C PHE D 234 1.01 -53.59 21.42
N GLY D 235 1.64 -52.98 22.42
CA GLY D 235 3.03 -53.21 22.71
C GLY D 235 3.15 -53.75 24.13
N GLY D 236 4.35 -54.22 24.48
CA GLY D 236 4.63 -54.66 25.83
C GLY D 236 4.88 -56.16 25.93
N ASP D 237 5.02 -56.61 27.18
CA ASP D 237 5.42 -57.98 27.54
C ASP D 237 6.79 -58.34 26.96
N GLY D 276 -4.51 -64.90 26.15
CA GLY D 276 -5.79 -64.79 26.82
C GLY D 276 -6.16 -63.38 27.26
N ARG D 277 -5.72 -62.38 26.50
CA ARG D 277 -5.97 -60.99 26.81
C ARG D 277 -7.07 -60.42 25.92
N GLN D 278 -7.75 -59.40 26.44
CA GLN D 278 -8.92 -58.84 25.75
C GLN D 278 -8.92 -57.31 25.75
N VAL D 279 -9.55 -56.75 24.74
CA VAL D 279 -9.77 -55.30 24.66
C VAL D 279 -11.26 -55.07 24.42
N ARG D 280 -11.85 -54.15 25.18
CA ARG D 280 -13.22 -53.73 24.93
C ARG D 280 -13.20 -52.51 24.01
N ILE D 281 -13.98 -52.57 22.94
CA ILE D 281 -14.18 -51.47 21.99
C ILE D 281 -15.60 -50.92 22.22
N SER D 282 -15.69 -49.64 22.56
CA SER D 282 -16.97 -48.96 22.69
C SER D 282 -17.04 -47.87 21.63
N ILE D 283 -18.17 -47.81 20.92
CA ILE D 283 -18.42 -46.76 19.94
C ILE D 283 -19.38 -45.74 20.56
N LEU D 284 -18.92 -44.49 20.71
CA LEU D 284 -19.69 -43.41 21.32
C LEU D 284 -20.19 -42.49 20.21
N ASP D 285 -21.45 -42.08 20.27
CA ASP D 285 -21.91 -41.16 19.24
C ASP D 285 -21.61 -39.73 19.69
N GLY D 286 -22.14 -38.77 18.94
CA GLY D 286 -21.78 -37.38 19.18
C GLY D 286 -22.18 -36.89 20.55
N GLU D 287 -23.13 -37.55 21.21
CA GLU D 287 -23.54 -37.17 22.54
C GLU D 287 -22.84 -37.97 23.61
N GLY D 288 -21.95 -38.88 23.25
CA GLY D 288 -21.31 -39.71 24.25
C GLY D 288 -22.05 -40.99 24.58
N THR D 289 -23.22 -41.22 23.97
CA THR D 289 -23.95 -42.47 24.20
C THR D 289 -23.21 -43.62 23.55
N VAL D 290 -23.03 -44.71 24.30
CA VAL D 290 -22.41 -45.92 23.74
C VAL D 290 -23.45 -46.60 22.87
N VAL D 291 -23.24 -46.60 21.57
CA VAL D 291 -24.23 -47.14 20.64
C VAL D 291 -23.87 -48.55 20.20
N ALA D 292 -22.63 -48.98 20.39
CA ALA D 292 -22.19 -50.28 19.94
C ALA D 292 -20.93 -50.60 20.73
N GLY D 293 -20.62 -51.88 20.82
CA GLY D 293 -19.51 -52.28 21.65
C GLY D 293 -19.22 -53.75 21.54
N VAL D 294 -17.96 -54.13 21.67
CA VAL D 294 -17.51 -55.49 21.41
C VAL D 294 -16.30 -55.75 22.28
N THR D 295 -16.11 -57.00 22.72
CA THR D 295 -14.89 -57.40 23.38
C THR D 295 -14.16 -58.36 22.46
N ALA D 296 -12.94 -58.01 22.09
CA ALA D 296 -12.18 -58.78 21.13
C ALA D 296 -10.97 -59.42 21.81
N ASP D 297 -10.60 -60.59 21.30
CA ASP D 297 -9.42 -61.31 21.78
C ASP D 297 -8.16 -60.70 21.18
N ILE D 298 -7.12 -60.57 22.02
CA ILE D 298 -5.81 -60.09 21.59
C ILE D 298 -4.95 -61.29 21.20
N GLU D 299 -4.32 -61.23 20.03
CA GLU D 299 -3.58 -62.36 19.48
C GLU D 299 -2.20 -61.94 18.99
N ARG D 300 -1.24 -62.86 19.06
CA ARG D 300 0.14 -62.62 18.65
C ARG D 300 0.43 -62.98 17.20
N THR D 305 2.01 -60.10 16.02
CA THR D 305 2.31 -58.88 16.78
C THR D 305 1.01 -58.70 17.50
N ALA D 306 1.03 -58.24 18.75
CA ALA D 306 -0.20 -58.29 19.53
C ALA D 306 -1.25 -57.43 18.89
N LYS D 307 -2.33 -58.03 18.36
CA LYS D 307 -3.38 -57.29 17.65
C LYS D 307 -4.75 -57.84 18.01
N ALA D 308 -5.74 -56.96 17.92
CA ALA D 308 -7.15 -57.31 17.99
C ALA D 308 -7.85 -56.63 16.82
N SER D 309 -8.72 -57.37 16.13
CA SER D 309 -9.41 -56.76 15.00
C SER D 309 -10.77 -57.40 14.80
N GLY D 310 -11.68 -56.64 14.23
CA GLY D 310 -13.01 -57.15 13.94
C GLY D 310 -13.86 -56.11 13.25
N GLU D 311 -15.15 -56.39 13.23
CA GLU D 311 -16.13 -55.51 12.62
C GLU D 311 -17.24 -55.19 13.59
N ILE D 312 -17.89 -54.06 13.36
CA ILE D 312 -18.98 -53.61 14.22
C ILE D 312 -20.04 -53.02 13.33
N ALA D 313 -21.28 -53.49 13.51
CA ALA D 313 -22.42 -52.95 12.81
C ALA D 313 -23.04 -51.82 13.61
N ILE D 314 -23.37 -50.73 12.93
CA ILE D 314 -23.95 -49.55 13.55
C ILE D 314 -25.23 -49.23 12.79
N ARG D 315 -26.37 -49.42 13.44
CA ARG D 315 -27.64 -49.17 12.80
C ARG D 315 -27.96 -47.69 12.78
N ASP D 316 -28.59 -47.23 11.70
CA ASP D 316 -28.99 -45.84 11.54
C ASP D 316 -27.79 -44.90 11.73
N ALA D 317 -26.65 -45.32 11.22
CA ALA D 317 -25.40 -44.59 11.42
C ALA D 317 -25.50 -43.18 10.86
N LYS D 318 -24.94 -42.24 11.58
CA LYS D 318 -24.90 -40.84 11.12
C LYS D 318 -23.58 -40.64 10.39
N LEU D 319 -23.66 -40.19 9.15
CA LEU D 319 -22.53 -40.20 8.24
C LEU D 319 -21.82 -38.86 8.31
N TRP D 320 -20.51 -38.90 8.13
CA TRP D 320 -19.71 -37.68 7.99
C TRP D 320 -19.82 -37.19 6.54
N ASN D 321 -20.13 -35.90 6.36
CA ASN D 321 -20.17 -35.34 5.02
C ASN D 321 -19.47 -33.99 5.02
N PRO D 322 -18.94 -33.57 3.88
CA PRO D 322 -18.53 -32.17 3.73
C PRO D 322 -19.71 -31.27 4.08
N GLY D 323 -19.44 -30.23 4.88
CA GLY D 323 -20.48 -29.30 5.29
C GLY D 323 -21.43 -29.81 6.35
N ALA D 324 -21.26 -31.03 6.78
CA ALA D 324 -22.18 -31.64 7.75
C ALA D 324 -21.42 -32.76 8.45
N ALA D 325 -20.44 -32.38 9.27
CA ALA D 325 -19.60 -33.33 9.95
C ALA D 325 -20.41 -34.07 11.03
N TYR D 326 -20.03 -35.32 11.28
CA TYR D 326 -20.51 -36.06 12.43
C TYR D 326 -19.40 -37.01 12.85
N LEU D 327 -19.03 -36.97 14.13
CA LEU D 327 -17.92 -37.75 14.62
C LEU D 327 -18.40 -38.74 15.69
N TYR D 328 -17.90 -39.97 15.61
CA TYR D 328 -18.00 -40.95 16.69
C TYR D 328 -16.67 -41.04 17.42
N THR D 329 -16.66 -41.73 18.56
CA THR D 329 -15.41 -42.02 19.25
C THR D 329 -15.28 -43.52 19.46
N ALA D 330 -14.14 -44.07 19.09
CA ALA D 330 -13.85 -45.47 19.37
C ALA D 330 -12.99 -45.49 20.63
N VAL D 331 -13.56 -45.97 21.72
CA VAL D 331 -12.83 -46.10 22.98
C VAL D 331 -12.34 -47.54 23.07
N ALA D 332 -11.02 -47.70 23.10
CA ALA D 332 -10.38 -49.00 23.29
C ALA D 332 -9.87 -49.09 24.71
N GLU D 333 -10.28 -50.15 25.43
CA GLU D 333 -9.85 -50.32 26.82
C GLU D 333 -9.25 -51.71 26.98
N LEU D 334 -7.97 -51.75 27.34
CA LEU D 334 -7.25 -52.99 27.56
C LEU D 334 -7.69 -53.56 28.91
N LEU D 335 -8.19 -54.78 28.89
CA LEU D 335 -8.73 -55.37 30.10
C LEU D 335 -7.67 -56.22 30.81
N PRO D 336 -7.73 -56.29 32.15
CA PRO D 336 -6.92 -57.28 32.86
C PRO D 336 -7.58 -58.66 32.83
N SER D 344 -12.75 -55.64 36.85
CA SER D 344 -13.34 -54.30 36.92
C SER D 344 -12.38 -53.18 36.49
N ARG D 345 -11.08 -53.32 36.77
CA ARG D 345 -10.11 -52.29 36.43
C ARG D 345 -9.88 -52.22 34.92
N ILE D 346 -9.23 -51.13 34.51
CA ILE D 346 -8.80 -50.91 33.13
C ILE D 346 -7.30 -50.75 33.15
N ILE D 347 -6.60 -51.50 32.29
CA ILE D 347 -5.15 -51.41 32.25
C ILE D 347 -4.70 -50.18 31.45
N ASP D 348 -5.34 -49.93 30.33
CA ASP D 348 -4.95 -48.85 29.43
C ASP D 348 -6.17 -48.46 28.60
N ALA D 349 -6.14 -47.25 28.06
CA ALA D 349 -7.27 -46.77 27.29
C ALA D 349 -6.78 -45.73 26.29
N TYR D 350 -7.49 -45.63 25.18
CA TYR D 350 -7.23 -44.58 24.19
C TYR D 350 -8.56 -44.28 23.50
N ARG D 351 -8.85 -42.99 23.24
CA ARG D 351 -10.10 -42.61 22.62
C ARG D 351 -9.78 -42.07 21.23
N GLN D 352 -10.28 -42.75 20.20
CA GLN D 352 -9.95 -42.42 18.81
C GLN D 352 -11.18 -41.84 18.10
N THR D 353 -11.10 -40.57 17.67
CA THR D 353 -12.22 -40.03 16.92
C THR D 353 -12.25 -40.63 15.53
N PHE D 354 -13.44 -40.73 14.96
CA PHE D 354 -13.56 -41.17 13.57
C PHE D 354 -14.91 -40.73 13.02
N GLY D 355 -15.06 -40.86 11.73
CA GLY D 355 -16.30 -40.54 11.08
C GLY D 355 -16.61 -41.62 10.07
N ILE D 356 -17.90 -41.86 9.87
CA ILE D 356 -18.35 -42.97 9.04
C ILE D 356 -18.69 -42.40 7.67
N ARG D 357 -17.88 -42.74 6.67
CA ARG D 357 -18.13 -42.34 5.29
C ARG D 357 -17.30 -43.21 4.36
N THR D 358 -17.80 -43.38 3.14
CA THR D 358 -17.07 -44.07 2.09
C THR D 358 -16.59 -43.05 1.05
N VAL D 359 -15.45 -43.37 0.43
CA VAL D 359 -14.88 -42.61 -0.68
C VAL D 359 -14.68 -43.58 -1.84
N GLU D 360 -15.18 -43.22 -3.02
CA GLU D 360 -15.02 -44.09 -4.17
C GLU D 360 -14.95 -43.29 -5.45
N VAL D 361 -13.94 -43.53 -6.28
CA VAL D 361 -13.91 -43.01 -7.64
C VAL D 361 -14.65 -43.97 -8.56
N SER D 362 -15.62 -43.45 -9.31
CA SER D 362 -16.41 -44.28 -10.20
C SER D 362 -16.52 -43.58 -11.56
N GLY D 363 -15.77 -44.08 -12.53
CA GLY D 363 -15.77 -43.44 -13.83
C GLY D 363 -15.14 -42.06 -13.68
N THR D 364 -15.91 -41.04 -14.05
CA THR D 364 -15.47 -39.66 -13.90
C THR D 364 -16.15 -38.96 -12.71
N THR D 365 -16.67 -39.72 -11.74
CA THR D 365 -17.22 -39.14 -10.53
C THR D 365 -16.37 -39.50 -9.31
N PHE D 366 -16.46 -38.66 -8.29
CA PHE D 366 -15.76 -38.85 -7.01
C PHE D 366 -16.85 -38.93 -5.96
N LEU D 367 -17.13 -40.14 -5.44
CA LEU D 367 -18.34 -40.37 -4.65
C LEU D 367 -17.98 -40.40 -3.16
N ILE D 368 -18.63 -39.55 -2.38
CA ILE D 368 -18.56 -39.62 -0.93
C ILE D 368 -19.95 -40.06 -0.48
N ASN D 369 -20.00 -41.17 0.26
CA ASN D 369 -21.27 -41.79 0.64
C ASN D 369 -22.15 -41.98 -0.57
N GLY D 370 -21.54 -42.34 -1.70
CA GLY D 370 -22.28 -42.60 -2.93
C GLY D 370 -22.82 -41.39 -3.65
N LYS D 371 -22.48 -40.15 -3.20
CA LYS D 371 -22.99 -38.96 -3.85
C LYS D 371 -21.85 -38.26 -4.62
N PRO D 372 -22.13 -37.68 -5.78
CA PRO D 372 -21.06 -37.10 -6.61
C PRO D 372 -20.58 -35.77 -6.05
N PHE D 373 -19.37 -35.76 -5.51
CA PHE D 373 -18.79 -34.63 -4.81
C PHE D 373 -18.13 -33.69 -5.82
N TYR D 374 -18.15 -32.39 -5.52
CA TYR D 374 -17.39 -31.38 -6.28
C TYR D 374 -16.51 -30.60 -5.32
N PHE D 375 -15.17 -30.59 -5.58
CA PHE D 375 -14.25 -29.88 -4.71
C PHE D 375 -14.31 -28.37 -4.97
N LYS D 376 -14.44 -27.58 -3.90
CA LYS D 376 -14.33 -26.11 -3.95
C LYS D 376 -13.26 -25.73 -2.92
N GLY D 377 -12.16 -25.13 -3.36
CA GLY D 377 -11.23 -24.74 -2.32
C GLY D 377 -9.89 -24.32 -2.89
N PHE D 378 -8.79 -24.81 -2.32
CA PHE D 378 -7.48 -24.20 -2.60
C PHE D 378 -6.38 -25.05 -2.00
N GLY D 379 -5.16 -24.85 -2.51
CA GLY D 379 -4.01 -25.17 -1.72
C GLY D 379 -3.79 -24.14 -0.65
N LYS D 380 -3.25 -24.60 0.47
CA LYS D 380 -2.91 -23.76 1.62
C LYS D 380 -1.40 -23.82 1.81
N HIS D 381 -0.93 -23.15 2.85
CA HIS D 381 0.39 -23.35 3.42
C HIS D 381 0.25 -23.18 4.93
N GLU D 382 1.13 -23.82 5.67
CA GLU D 382 1.34 -23.45 7.07
C GLU D 382 2.37 -22.32 7.03
N ASP D 383 1.88 -21.09 7.07
CA ASP D 383 2.71 -19.91 6.90
C ASP D 383 1.99 -18.74 7.57
N SER D 384 2.72 -17.98 8.39
CA SER D 384 2.18 -16.77 9.01
C SER D 384 3.35 -15.93 9.54
N TYR D 385 3.06 -14.65 9.80
CA TYR D 385 4.08 -13.63 9.99
C TYR D 385 5.30 -13.96 10.88
N PHE D 386 5.08 -14.29 12.11
CA PHE D 386 6.17 -14.46 13.08
C PHE D 386 6.48 -15.93 13.31
N HIS D 387 5.47 -16.74 13.13
CA HIS D 387 5.58 -18.17 13.40
C HIS D 387 6.29 -18.90 12.28
N GLY D 388 6.23 -18.37 11.06
CA GLY D 388 6.83 -19.06 9.95
C GLY D 388 5.98 -20.25 9.59
N ARG D 389 6.59 -21.44 9.64
CA ARG D 389 5.86 -22.70 9.45
C ARG D 389 5.39 -23.25 10.79
N GLY D 390 5.61 -22.52 11.87
CA GLY D 390 5.18 -23.00 13.19
C GLY D 390 3.67 -23.10 13.31
N THR D 391 3.23 -24.13 14.01
CA THR D 391 1.81 -24.36 14.16
C THR D 391 1.22 -23.32 15.11
N ASP D 392 0.02 -22.89 14.79
CA ASP D 392 -0.63 -21.83 15.56
C ASP D 392 -2.11 -22.15 15.55
N ASP D 393 -2.66 -22.58 16.70
CA ASP D 393 -4.04 -23.02 16.66
C ASP D 393 -5.04 -21.86 16.56
N VAL D 394 -4.68 -20.66 17.03
CA VAL D 394 -5.52 -19.49 16.74
C VAL D 394 -5.69 -19.31 15.24
N LEU D 395 -4.59 -19.43 14.49
CA LEU D 395 -4.64 -19.25 13.04
C LEU D 395 -5.39 -20.40 12.38
N ASN D 396 -5.25 -21.62 12.91
CA ASN D 396 -6.01 -22.72 12.32
C ASN D 396 -7.49 -22.50 12.51
N VAL D 397 -7.90 -22.12 13.72
CA VAL D 397 -9.31 -21.86 13.99
C VAL D 397 -9.83 -20.74 13.08
N LYS D 398 -9.07 -19.65 12.93
CA LYS D 398 -9.49 -18.56 12.05
C LYS D 398 -9.61 -19.03 10.60
N ASP D 399 -8.60 -19.77 10.13
CA ASP D 399 -8.60 -20.23 8.74
C ASP D 399 -9.80 -21.13 8.44
N VAL D 400 -10.16 -22.04 9.37
CA VAL D 400 -11.32 -22.87 9.10
C VAL D 400 -12.58 -22.03 9.05
N SER D 401 -12.67 -20.98 9.85
CA SER D 401 -13.83 -20.12 9.75
C SER D 401 -13.85 -19.40 8.42
N LEU D 402 -12.68 -19.06 7.87
CA LEU D 402 -12.63 -18.37 6.57
C LEU D 402 -12.99 -19.31 5.44
N ILE D 403 -12.62 -20.59 5.56
CA ILE D 403 -13.08 -21.58 4.58
C ILE D 403 -14.60 -21.61 4.53
N HIS D 404 -15.25 -21.54 5.69
CA HIS D 404 -16.71 -21.47 5.76
C HIS D 404 -17.24 -20.17 5.19
N TRP D 405 -16.62 -19.04 5.58
CA TRP D 405 -17.02 -17.74 5.04
C TRP D 405 -17.01 -17.77 3.51
N LEU D 406 -15.97 -18.36 2.93
CA LEU D 406 -15.84 -18.44 1.48
C LEU D 406 -16.78 -19.43 0.82
N HIS D 407 -17.44 -20.29 1.60
CA HIS D 407 -18.26 -21.35 1.07
C HIS D 407 -17.43 -22.38 0.33
N ALA D 408 -16.16 -22.51 0.71
CA ALA D 408 -15.35 -23.59 0.20
C ALA D 408 -15.63 -24.85 1.02
N ASN D 409 -15.22 -26.01 0.50
CA ASN D 409 -15.44 -27.25 1.22
C ASN D 409 -14.18 -28.09 1.36
N SER D 410 -13.02 -27.63 0.87
CA SER D 410 -11.85 -28.52 0.82
C SER D 410 -10.54 -27.73 0.72
N PHE D 411 -9.43 -28.38 1.05
CA PHE D 411 -8.11 -27.87 0.65
C PHE D 411 -7.13 -29.03 0.50
N ARG D 412 -5.95 -28.73 -0.02
CA ARG D 412 -4.83 -29.67 -0.09
C ARG D 412 -3.74 -29.23 0.89
N THR D 413 -3.06 -30.19 1.54
CA THR D 413 -1.96 -29.82 2.43
C THR D 413 -0.70 -29.58 1.60
N SER D 414 -0.75 -28.59 0.72
CA SER D 414 0.45 -28.24 -0.06
C SER D 414 1.50 -27.65 0.88
N HIS D 415 2.76 -28.08 0.84
CA HIS D 415 3.29 -29.25 0.12
C HIS D 415 3.98 -30.21 1.08
N TYR D 416 3.30 -30.54 2.19
CA TYR D 416 3.87 -31.29 3.31
C TYR D 416 2.70 -31.60 4.23
N PRO D 417 2.76 -32.67 5.04
CA PRO D 417 1.69 -32.88 6.01
C PRO D 417 1.65 -31.72 6.99
N TYR D 418 0.43 -31.28 7.31
CA TYR D 418 0.21 -30.21 8.28
C TYR D 418 0.18 -30.75 9.73
N ALA D 419 0.08 -29.82 10.69
CA ALA D 419 0.03 -30.20 12.10
C ALA D 419 -1.23 -31.02 12.37
N GLU D 420 -1.08 -32.02 13.24
CA GLU D 420 -2.18 -32.93 13.49
C GLU D 420 -3.44 -32.21 13.92
N SER D 421 -3.30 -31.11 14.66
CA SER D 421 -4.49 -30.42 15.15
C SER D 421 -5.36 -29.90 14.02
N MET D 422 -4.77 -29.59 12.86
CA MET D 422 -5.61 -29.04 11.79
C MET D 422 -6.55 -30.09 11.23
N TYR D 423 -6.11 -31.36 11.16
CA TYR D 423 -6.99 -32.40 10.65
C TYR D 423 -8.11 -32.66 11.64
N ASP D 424 -7.81 -32.59 12.95
CA ASP D 424 -8.89 -32.73 13.95
C ASP D 424 -9.91 -31.64 13.80
N LEU D 425 -9.44 -30.41 13.52
CA LEU D 425 -10.36 -29.32 13.31
C LEU D 425 -11.22 -29.55 12.07
N CYS D 426 -10.63 -30.02 10.97
CA CYS D 426 -11.39 -30.22 9.74
C CYS D 426 -12.35 -31.40 9.85
N ASP D 427 -11.99 -32.42 10.65
CA ASP D 427 -12.93 -33.49 10.99
C ASP D 427 -14.20 -32.93 11.61
N ARG D 428 -14.03 -32.04 12.59
CA ARG D 428 -15.15 -31.46 13.32
C ARG D 428 -15.92 -30.42 12.52
N GLU D 429 -15.24 -29.75 11.57
CA GLU D 429 -15.86 -28.67 10.81
C GLU D 429 -16.31 -29.08 9.42
N GLY D 430 -16.21 -30.36 9.03
CA GLY D 430 -16.73 -30.80 7.74
C GLY D 430 -16.01 -30.26 6.51
N ILE D 431 -14.69 -30.20 6.57
CA ILE D 431 -13.84 -29.71 5.49
C ILE D 431 -12.99 -30.87 5.00
N VAL D 432 -13.06 -31.14 3.70
CA VAL D 432 -12.38 -32.28 3.06
C VAL D 432 -10.91 -31.94 2.80
N ILE D 433 -10.00 -32.92 2.96
CA ILE D 433 -8.57 -32.69 2.79
C ILE D 433 -7.98 -33.66 1.76
N ILE D 434 -7.10 -33.14 0.90
CA ILE D 434 -6.14 -33.96 0.15
C ILE D 434 -4.80 -33.89 0.88
N ASP D 435 -4.29 -35.01 1.36
CA ASP D 435 -3.13 -35.06 2.24
C ASP D 435 -1.89 -35.34 1.40
N GLU D 436 -0.85 -34.48 1.51
CA GLU D 436 0.27 -34.50 0.58
C GLU D 436 1.61 -34.61 1.30
N VAL D 437 2.51 -35.45 0.78
CA VAL D 437 3.85 -35.62 1.35
C VAL D 437 4.78 -34.53 0.83
N PRO D 438 5.95 -34.28 1.50
CA PRO D 438 6.85 -33.20 1.05
C PRO D 438 7.69 -33.52 -0.18
N ALA D 439 7.18 -34.32 -1.09
CA ALA D 439 7.94 -34.67 -2.29
C ALA D 439 7.71 -33.62 -3.37
N VAL D 440 8.32 -32.45 -3.13
CA VAL D 440 8.21 -31.31 -4.03
C VAL D 440 9.61 -30.91 -4.49
N GLY D 441 9.70 -30.49 -5.74
CA GLY D 441 10.99 -30.14 -6.36
C GLY D 441 11.73 -31.29 -7.02
N MET D 442 11.06 -32.42 -7.25
CA MET D 442 11.73 -33.64 -7.76
C MET D 442 11.84 -33.64 -9.27
N SER D 443 12.94 -34.18 -9.76
CA SER D 443 13.08 -34.47 -11.17
C SER D 443 14.01 -35.67 -11.32
N TRP D 444 14.50 -35.89 -12.54
CA TRP D 444 15.22 -37.13 -12.85
C TRP D 444 16.47 -37.30 -12.01
N LEU D 445 17.12 -36.22 -11.61
CA LEU D 445 18.24 -36.34 -10.68
C LEU D 445 17.87 -37.11 -9.41
N GLN D 446 16.63 -36.97 -8.92
CA GLN D 446 16.23 -37.62 -7.68
C GLN D 446 15.80 -39.07 -7.90
N TYR D 447 15.26 -39.37 -9.07
CA TYR D 447 14.63 -40.67 -9.29
C TYR D 447 15.64 -41.81 -9.22
N ALA D 448 16.91 -41.51 -9.48
CA ALA D 448 17.97 -42.52 -9.42
C ALA D 448 18.75 -42.45 -8.11
N ASN D 449 18.25 -41.74 -7.12
CA ASN D 449 18.97 -41.56 -5.87
C ASN D 449 18.30 -42.44 -4.83
N PRO D 450 18.94 -43.50 -4.36
CA PRO D 450 18.25 -44.38 -3.41
C PRO D 450 17.94 -43.72 -2.08
N LEU D 451 18.75 -42.75 -1.63
CA LEU D 451 18.42 -42.08 -0.37
C LEU D 451 17.10 -41.32 -0.51
N VAL D 452 16.90 -40.68 -1.67
CA VAL D 452 15.65 -39.94 -1.91
C VAL D 452 14.47 -40.90 -1.92
N ALA D 453 14.60 -42.00 -2.67
CA ALA D 453 13.54 -43.00 -2.74
C ALA D 453 13.16 -43.50 -1.35
N GLU D 454 14.15 -43.73 -0.49
CA GLU D 454 13.79 -44.22 0.84
C GLU D 454 13.10 -43.13 1.67
N ARG D 455 13.55 -41.88 1.54
CA ARG D 455 12.87 -40.78 2.22
C ARG D 455 11.45 -40.57 1.72
N HIS D 456 11.22 -40.82 0.42
CA HIS D 456 9.91 -40.70 -0.18
C HIS D 456 8.98 -41.80 0.33
N ARG D 457 9.49 -43.04 0.38
CA ARG D 457 8.68 -44.10 0.99
C ARG D 457 8.41 -43.85 2.46
N GLU D 458 9.40 -43.33 3.20
CA GLU D 458 9.17 -43.05 4.61
C GLU D 458 8.07 -42.01 4.78
N ALA D 459 8.08 -40.99 3.94
CA ALA D 459 7.07 -39.95 4.10
C ALA D 459 5.67 -40.46 3.78
N ILE D 460 5.54 -41.31 2.77
CA ILE D 460 4.23 -41.84 2.41
C ILE D 460 3.70 -42.73 3.53
N ARG D 461 4.54 -43.68 3.99
CA ARG D 461 4.12 -44.55 5.07
C ARG D 461 3.84 -43.75 6.34
N GLY D 462 4.70 -42.75 6.64
CA GLY D 462 4.54 -42.00 7.88
C GLY D 462 3.30 -41.11 7.88
N MET D 463 3.03 -40.48 6.74
CA MET D 463 1.81 -39.66 6.63
C MET D 463 0.56 -40.50 6.80
N ILE D 464 0.50 -41.64 6.10
CA ILE D 464 -0.73 -42.45 6.16
C ILE D 464 -0.86 -43.10 7.55
N ALA D 465 0.26 -43.49 8.14
CA ALA D 465 0.18 -44.05 9.50
C ALA D 465 -0.31 -43.00 10.50
N ARG D 466 0.08 -41.73 10.31
CA ARG D 466 -0.36 -40.70 11.25
C ARG D 466 -1.83 -40.32 11.01
N ASP D 467 -2.27 -40.30 9.76
CA ASP D 467 -3.49 -39.62 9.36
C ASP D 467 -4.65 -40.53 8.94
N LYS D 468 -4.48 -41.85 9.00
CA LYS D 468 -5.46 -42.74 8.36
C LYS D 468 -6.85 -42.66 8.99
N ASN D 469 -6.98 -42.23 10.25
CA ASN D 469 -8.27 -42.27 10.91
C ASN D 469 -9.12 -41.04 10.65
N HIS D 470 -8.58 -40.03 9.98
CA HIS D 470 -9.37 -38.82 9.77
C HIS D 470 -10.41 -39.04 8.68
N PRO D 471 -11.69 -38.83 8.98
CA PRO D 471 -12.69 -38.89 7.91
C PRO D 471 -12.54 -37.75 6.90
N CYS D 472 -11.96 -36.62 7.32
CA CYS D 472 -11.88 -35.50 6.39
C CYS D 472 -10.92 -35.77 5.25
N ILE D 473 -9.95 -36.67 5.44
CA ILE D 473 -9.03 -36.98 4.35
C ILE D 473 -9.71 -37.92 3.36
N VAL D 474 -9.76 -37.52 2.10
CA VAL D 474 -10.42 -38.32 1.07
C VAL D 474 -9.47 -38.79 0.00
N MET D 475 -8.24 -38.30 -0.04
CA MET D 475 -7.33 -38.60 -1.15
C MET D 475 -5.91 -38.26 -0.70
N TRP D 476 -4.95 -39.09 -1.14
CA TRP D 476 -3.53 -38.90 -0.85
C TRP D 476 -2.81 -38.37 -2.08
N SER D 477 -1.87 -37.43 -1.85
CA SER D 477 -1.05 -36.93 -2.95
C SER D 477 0.39 -37.31 -2.71
N ILE D 478 1.00 -38.01 -3.69
CA ILE D 478 2.33 -38.55 -3.46
C ILE D 478 3.44 -37.61 -3.94
N ALA D 479 3.12 -36.49 -4.61
CA ALA D 479 4.17 -35.56 -4.99
C ALA D 479 3.49 -34.31 -5.51
N ASN D 480 4.22 -33.18 -5.52
CA ASN D 480 3.76 -31.95 -6.17
C ASN D 480 4.76 -31.57 -7.25
N GLU D 481 4.29 -31.56 -8.49
CA GLU D 481 5.00 -31.04 -9.66
C GLU D 481 6.37 -31.69 -9.87
N PRO D 482 6.46 -33.02 -9.81
CA PRO D 482 7.72 -33.65 -10.21
C PRO D 482 7.83 -33.60 -11.72
N GLY D 483 9.05 -33.80 -12.22
CA GLY D 483 9.25 -33.85 -13.67
C GLY D 483 8.70 -35.14 -14.25
N LEU D 484 7.78 -35.05 -15.20
CA LEU D 484 7.12 -36.25 -15.75
C LEU D 484 7.16 -36.35 -17.29
N ASP D 485 7.45 -35.27 -18.00
CA ASP D 485 7.28 -35.28 -19.45
C ASP D 485 8.66 -35.25 -20.12
N GLY D 486 8.64 -35.11 -21.43
CA GLY D 486 9.88 -34.91 -22.15
C GLY D 486 10.10 -36.02 -23.15
N ASP D 487 11.29 -36.15 -23.66
CA ASP D 487 11.44 -37.15 -24.70
C ASP D 487 12.40 -38.22 -24.25
N GLY D 488 12.66 -39.15 -25.15
CA GLY D 488 13.52 -40.26 -24.81
C GLY D 488 12.91 -41.09 -23.71
N GLU D 489 13.76 -41.50 -22.78
CA GLU D 489 13.37 -42.39 -21.68
C GLU D 489 12.81 -41.63 -20.49
N ARG D 490 12.86 -40.30 -20.49
CA ARG D 490 12.44 -39.54 -19.31
C ARG D 490 11.02 -39.85 -18.87
N PRO D 491 10.00 -39.86 -19.75
CA PRO D 491 8.66 -40.14 -19.23
C PRO D 491 8.56 -41.52 -18.59
N ARG D 492 9.24 -42.51 -19.17
CA ARG D 492 9.19 -43.86 -18.60
C ARG D 492 9.96 -43.94 -17.28
N GLN D 493 11.10 -43.25 -17.18
CA GLN D 493 11.83 -43.20 -15.92
C GLN D 493 10.96 -42.62 -14.80
N ALA D 494 10.23 -41.54 -15.08
CA ALA D 494 9.35 -40.98 -14.05
C ALA D 494 8.25 -41.98 -13.67
N TYR D 495 7.62 -42.60 -14.66
CA TYR D 495 6.57 -43.60 -14.40
C TYR D 495 7.09 -44.73 -13.53
N ASP D 496 8.25 -45.29 -13.87
CA ASP D 496 8.83 -46.37 -13.07
C ASP D 496 9.19 -45.92 -11.66
N TYR D 497 9.52 -44.64 -11.46
CA TYR D 497 9.73 -44.16 -10.09
C TYR D 497 8.39 -44.03 -9.34
N PHE D 498 7.35 -43.49 -9.99
CA PHE D 498 6.17 -43.10 -9.22
C PHE D 498 5.17 -44.25 -9.03
N ARG D 499 5.13 -45.17 -9.97
CA ARG D 499 4.14 -46.23 -9.88
C ARG D 499 4.29 -47.08 -8.63
N PRO D 500 5.47 -47.51 -8.20
CA PRO D 500 5.59 -48.22 -6.91
C PRO D 500 5.13 -47.37 -5.74
N LEU D 501 5.22 -46.04 -5.84
CA LEU D 501 4.76 -45.20 -4.75
C LEU D 501 3.24 -45.06 -4.73
N TYR D 502 2.62 -45.04 -5.92
CA TYR D 502 1.16 -45.11 -5.99
C TYR D 502 0.66 -46.38 -5.31
N GLU D 503 1.32 -47.50 -5.60
CA GLU D 503 0.92 -48.77 -4.99
C GLU D 503 1.18 -48.76 -3.50
N LEU D 504 2.29 -48.15 -3.08
CA LEU D 504 2.58 -48.10 -1.66
C LEU D 504 1.51 -47.34 -0.89
N ALA D 505 1.06 -46.20 -1.46
CA ALA D 505 0.02 -45.44 -0.80
C ALA D 505 -1.27 -46.25 -0.67
N HIS D 506 -1.63 -47.01 -1.71
CA HIS D 506 -2.84 -47.83 -1.66
C HIS D 506 -2.68 -48.97 -0.65
N ALA D 507 -1.48 -49.54 -0.55
CA ALA D 507 -1.28 -50.65 0.38
C ALA D 507 -1.20 -50.20 1.83
N SER D 508 -0.86 -48.93 2.06
CA SER D 508 -0.64 -48.41 3.40
C SER D 508 -1.94 -47.98 4.07
N ASP D 509 -2.92 -47.58 3.27
CA ASP D 509 -4.16 -46.99 3.76
C ASP D 509 -5.23 -48.06 3.96
N PRO D 510 -5.61 -48.37 5.20
CA PRO D 510 -6.67 -49.37 5.39
C PRO D 510 -7.98 -48.98 4.73
N GLN D 511 -8.23 -47.68 4.55
CA GLN D 511 -9.45 -47.27 3.86
C GLN D 511 -9.35 -47.35 2.35
N ASN D 512 -8.15 -47.56 1.81
CA ASN D 512 -7.93 -47.64 0.35
C ASN D 512 -8.52 -46.42 -0.36
N ARG D 513 -8.19 -45.22 0.13
CA ARG D 513 -8.63 -43.99 -0.55
C ARG D 513 -7.91 -43.76 -1.89
N PRO D 514 -8.48 -42.93 -2.77
CA PRO D 514 -7.82 -42.65 -4.05
C PRO D 514 -6.47 -42.00 -3.82
N VAL D 515 -5.58 -42.19 -4.79
CA VAL D 515 -4.21 -41.67 -4.73
C VAL D 515 -3.98 -40.84 -5.99
N THR D 516 -3.37 -39.67 -5.83
CA THR D 516 -3.06 -38.82 -6.97
C THR D 516 -1.63 -38.34 -6.87
N LEU D 517 -1.22 -37.62 -7.91
CA LEU D 517 0.04 -36.92 -7.93
C LEU D 517 -0.27 -35.56 -8.54
N VAL D 518 0.18 -34.49 -7.93
CA VAL D 518 -0.21 -33.17 -8.43
C VAL D 518 0.74 -32.74 -9.53
N CYS D 519 0.20 -32.50 -10.71
CA CYS D 519 0.98 -32.37 -11.95
C CYS D 519 1.29 -30.92 -12.27
N CYS D 520 2.55 -30.62 -12.56
N CYS D 520 2.55 -30.65 -12.59
CA CYS D 520 2.85 -29.26 -12.97
CA CYS D 520 2.98 -29.34 -13.07
C CYS D 520 2.42 -29.02 -14.41
C CYS D 520 2.41 -29.04 -14.45
N GLN D 521 2.29 -27.75 -14.76
CA GLN D 521 2.02 -27.37 -16.14
C GLN D 521 3.10 -27.97 -17.01
N ASN D 522 2.71 -28.82 -17.96
CA ASN D 522 3.75 -29.53 -18.71
C ASN D 522 3.21 -29.94 -20.06
N ASP D 523 4.03 -30.70 -20.79
CA ASP D 523 3.57 -31.26 -22.06
C ASP D 523 2.79 -32.51 -21.70
N TYR D 524 1.48 -32.32 -21.53
CA TYR D 524 0.63 -33.43 -21.12
C TYR D 524 0.65 -34.56 -22.16
N THR D 525 1.11 -34.32 -23.40
CA THR D 525 1.07 -35.44 -24.35
C THR D 525 2.25 -36.40 -24.19
N THR D 526 3.35 -35.99 -23.55
CA THR D 526 4.46 -36.91 -23.33
C THR D 526 4.59 -37.35 -21.88
N ASP D 527 3.83 -36.74 -20.97
CA ASP D 527 3.64 -37.25 -19.62
C ASP D 527 2.80 -38.53 -19.68
N ILE D 528 3.34 -39.65 -19.22
CA ILE D 528 2.58 -40.90 -19.20
C ILE D 528 2.18 -41.31 -17.80
N THR D 529 2.50 -40.50 -16.78
CA THR D 529 2.28 -40.88 -15.40
C THR D 529 1.00 -40.30 -14.82
N GLU D 530 0.75 -38.99 -15.04
CA GLU D 530 -0.42 -38.36 -14.42
C GLU D 530 -1.72 -39.08 -14.79
N ARG D 531 -1.87 -39.50 -16.04
CA ARG D 531 -3.12 -40.07 -16.50
C ARG D 531 -3.42 -41.42 -15.86
N THR D 532 -2.47 -42.01 -15.15
CA THR D 532 -2.69 -43.29 -14.47
C THR D 532 -3.08 -43.12 -13.01
N MET D 533 -3.16 -41.89 -12.51
CA MET D 533 -3.60 -41.68 -11.14
C MET D 533 -5.12 -41.92 -11.02
N ASP D 534 -5.60 -42.06 -9.77
CA ASP D 534 -7.04 -42.33 -9.60
C ASP D 534 -7.88 -41.09 -9.90
N VAL D 535 -7.36 -39.91 -9.56
CA VAL D 535 -7.93 -38.63 -9.95
C VAL D 535 -6.79 -37.86 -10.57
N VAL D 536 -7.06 -37.20 -11.69
CA VAL D 536 -6.09 -36.34 -12.36
C VAL D 536 -6.16 -34.97 -11.68
N CYS D 537 -5.06 -34.56 -11.05
CA CYS D 537 -4.96 -33.27 -10.37
C CYS D 537 -3.93 -32.43 -11.11
N ILE D 538 -4.38 -31.34 -11.73
CA ILE D 538 -3.50 -30.55 -12.57
C ILE D 538 -3.33 -29.14 -12.01
N ASN D 539 -2.10 -28.65 -12.07
CA ASN D 539 -1.77 -27.25 -11.81
C ASN D 539 -1.59 -26.54 -13.14
N ARG D 540 -2.39 -25.48 -13.40
CA ARG D 540 -2.30 -24.82 -14.70
C ARG D 540 -2.36 -23.30 -14.53
N TYR D 541 -1.50 -22.60 -15.26
CA TYR D 541 -1.41 -21.15 -15.15
C TYR D 541 -1.50 -20.48 -16.49
N TYR D 542 -2.44 -20.96 -17.32
CA TYR D 542 -2.72 -20.33 -18.61
C TYR D 542 -3.14 -18.89 -18.37
N GLY D 543 -2.53 -17.95 -19.11
CA GLY D 543 -2.84 -16.55 -18.88
C GLY D 543 -2.00 -15.86 -17.82
N TRP D 544 -1.22 -16.62 -17.04
CA TRP D 544 -0.30 -16.03 -16.07
C TRP D 544 1.14 -16.31 -16.49
N TYR D 545 1.60 -17.55 -16.37
CA TYR D 545 2.96 -17.88 -16.78
C TYR D 545 3.10 -18.08 -18.28
N ASN D 546 2.00 -18.12 -19.01
CA ASN D 546 2.05 -18.16 -20.45
C ASN D 546 0.86 -17.38 -20.94
N LEU D 547 0.88 -17.00 -22.22
CA LEU D 547 -0.19 -16.22 -22.82
C LEU D 547 -0.53 -15.02 -21.91
N SER D 548 0.51 -14.38 -21.36
CA SER D 548 0.31 -13.59 -20.14
C SER D 548 -0.68 -12.43 -20.37
N GLY D 549 -1.68 -12.35 -19.48
CA GLY D 549 -2.66 -11.27 -19.56
C GLY D 549 -3.78 -11.46 -20.54
N ASP D 550 -3.73 -12.48 -21.40
CA ASP D 550 -4.65 -12.63 -22.52
C ASP D 550 -5.63 -13.73 -22.18
N LEU D 551 -6.76 -13.35 -21.59
CA LEU D 551 -7.65 -14.36 -21.03
C LEU D 551 -8.38 -15.12 -22.13
N ASP D 552 -8.64 -14.49 -23.27
CA ASP D 552 -9.24 -15.20 -24.42
C ASP D 552 -8.32 -16.33 -24.88
N ALA D 553 -7.04 -16.01 -25.08
CA ALA D 553 -6.08 -17.05 -25.46
C ALA D 553 -5.90 -18.08 -24.35
N ALA D 554 -5.86 -17.64 -23.09
CA ALA D 554 -5.75 -18.58 -21.98
C ALA D 554 -6.90 -19.60 -21.99
N CYS D 555 -8.14 -19.12 -22.18
CA CYS D 555 -9.28 -20.02 -22.21
C CYS D 555 -9.21 -20.94 -23.42
N HIS D 556 -8.77 -20.43 -24.57
CA HIS D 556 -8.60 -21.30 -25.74
C HIS D 556 -7.57 -22.40 -25.44
N ALA D 557 -6.41 -22.02 -24.88
CA ALA D 557 -5.40 -23.04 -24.57
C ALA D 557 -5.96 -24.02 -23.58
N LEU D 558 -6.64 -23.52 -22.55
CA LEU D 558 -7.22 -24.41 -21.54
C LEU D 558 -8.14 -25.43 -22.19
N ASN D 559 -9.01 -24.95 -23.09
CA ASN D 559 -9.98 -25.83 -23.72
C ASN D 559 -9.30 -26.87 -24.59
N ILE D 560 -8.22 -26.51 -25.29
CA ILE D 560 -7.46 -27.54 -26.02
C ILE D 560 -6.98 -28.62 -25.07
N GLU D 561 -6.41 -28.25 -23.92
CA GLU D 561 -5.96 -29.28 -22.99
C GLU D 561 -7.14 -30.05 -22.38
N LEU D 562 -8.26 -29.37 -22.10
CA LEU D 562 -9.41 -30.11 -21.55
C LEU D 562 -9.88 -31.16 -22.55
N ASP D 563 -9.81 -30.84 -23.85
CA ASP D 563 -10.19 -31.81 -24.88
C ASP D 563 -9.32 -33.07 -24.79
N PHE D 564 -8.03 -32.89 -24.56
CA PHE D 564 -7.15 -34.03 -24.29
C PHE D 564 -7.65 -34.85 -23.10
N TRP D 565 -7.97 -34.19 -21.98
CA TRP D 565 -8.35 -34.93 -20.78
C TRP D 565 -9.73 -35.54 -20.95
N GLU D 566 -10.60 -34.94 -21.78
CA GLU D 566 -11.92 -35.52 -22.03
C GLU D 566 -11.80 -36.94 -22.56
N ASN D 567 -10.82 -37.19 -23.42
CA ASN D 567 -10.60 -38.50 -24.02
C ASN D 567 -9.91 -39.47 -23.10
N ILE D 568 -9.21 -38.98 -22.06
CA ILE D 568 -8.57 -39.91 -21.13
C ILE D 568 -9.60 -40.60 -20.26
N GLY D 569 -10.71 -39.93 -19.91
CA GLY D 569 -11.78 -40.62 -19.24
C GLY D 569 -11.64 -40.74 -17.74
N LYS D 570 -10.73 -40.01 -17.13
CA LYS D 570 -10.58 -39.96 -15.69
C LYS D 570 -11.32 -38.74 -15.13
N PRO D 571 -11.65 -38.74 -13.84
CA PRO D 571 -12.09 -37.48 -13.23
C PRO D 571 -10.88 -36.55 -13.13
N VAL D 572 -11.12 -35.27 -13.38
CA VAL D 572 -10.03 -34.30 -13.43
C VAL D 572 -10.39 -33.14 -12.51
N MET D 573 -9.39 -32.58 -11.83
CA MET D 573 -9.65 -31.35 -11.06
C MET D 573 -8.43 -30.44 -11.12
N PHE D 574 -8.67 -29.13 -10.92
CA PHE D 574 -7.56 -28.23 -10.65
C PHE D 574 -7.15 -28.41 -9.20
N THR D 575 -5.83 -28.51 -8.97
CA THR D 575 -5.26 -28.32 -7.65
C THR D 575 -4.53 -26.97 -7.52
N GLU D 576 -4.24 -26.29 -8.63
CA GLU D 576 -3.70 -24.94 -8.59
C GLU D 576 -4.06 -24.21 -9.86
N TYR D 577 -4.33 -22.90 -9.70
CA TYR D 577 -4.42 -21.91 -10.79
C TYR D 577 -4.63 -20.57 -10.13
N GLY D 578 -4.03 -19.52 -10.66
CA GLY D 578 -4.13 -18.24 -9.99
C GLY D 578 -3.16 -17.26 -10.58
N ALA D 579 -3.05 -16.11 -9.91
CA ALA D 579 -2.40 -14.92 -10.48
C ALA D 579 -1.93 -14.06 -9.31
N ASP D 580 -0.65 -13.65 -9.31
CA ASP D 580 -0.18 -12.84 -8.19
C ASP D 580 -0.93 -11.52 -8.19
N THR D 581 -1.28 -11.06 -6.99
CA THR D 581 -2.20 -9.93 -6.85
C THR D 581 -1.76 -9.12 -5.64
N ILE D 582 -1.45 -7.84 -5.85
CA ILE D 582 -1.10 -6.95 -4.73
C ILE D 582 -2.38 -6.22 -4.30
N GLU D 583 -2.82 -6.45 -3.05
CA GLU D 583 -4.02 -5.75 -2.63
C GLU D 583 -3.83 -4.24 -2.77
N GLY D 584 -4.89 -3.59 -3.26
CA GLY D 584 -4.82 -2.16 -3.47
C GLY D 584 -4.42 -1.72 -4.87
N ILE D 585 -3.90 -2.64 -5.69
CA ILE D 585 -3.66 -2.39 -7.09
C ILE D 585 -4.95 -2.60 -7.86
N HIS D 586 -5.42 -1.52 -8.54
CA HIS D 586 -6.72 -1.54 -9.17
C HIS D 586 -6.61 -1.02 -10.58
N GLY D 587 -7.52 -1.48 -11.44
CA GLY D 587 -7.66 -0.90 -12.77
C GLY D 587 -9.05 -1.12 -13.32
N THR D 588 -9.46 -0.24 -14.21
CA THR D 588 -10.75 -0.45 -14.85
C THR D 588 -10.70 -1.60 -15.82
N HIS D 589 -9.53 -1.85 -16.43
CA HIS D 589 -9.28 -3.04 -17.23
C HIS D 589 -8.09 -3.70 -16.58
N GLY D 590 -8.36 -4.61 -15.65
CA GLY D 590 -7.33 -5.04 -14.73
C GLY D 590 -6.19 -5.75 -15.42
N GLU D 591 -4.96 -5.33 -15.18
CA GLU D 591 -3.78 -5.99 -15.70
C GLU D 591 -3.16 -6.84 -14.61
N MET D 592 -2.23 -7.72 -15.01
CA MET D 592 -1.55 -8.57 -14.04
C MET D 592 -1.02 -7.80 -12.84
N PHE D 593 -1.34 -8.33 -11.65
CA PHE D 593 -1.03 -7.91 -10.28
C PHE D 593 -2.16 -7.06 -9.73
N SER D 594 -3.16 -6.69 -10.54
CA SER D 594 -4.31 -5.97 -10.00
C SER D 594 -5.35 -6.90 -9.40
N GLU D 595 -6.15 -6.34 -8.49
CA GLU D 595 -7.23 -7.13 -7.90
C GLU D 595 -8.24 -7.53 -8.96
N GLU D 596 -8.48 -6.65 -9.92
CA GLU D 596 -9.48 -6.95 -10.95
C GLU D 596 -9.01 -8.08 -11.85
N PHE D 597 -7.72 -8.10 -12.23
CA PHE D 597 -7.25 -9.21 -13.05
C PHE D 597 -7.46 -10.55 -12.35
N GLN D 598 -7.16 -10.62 -11.06
CA GLN D 598 -7.32 -11.87 -10.32
C GLN D 598 -8.78 -12.32 -10.35
N ARG D 599 -9.70 -11.39 -10.15
CA ARG D 599 -11.13 -11.70 -10.25
C ARG D 599 -11.51 -12.18 -11.65
N ASP D 600 -11.04 -11.46 -12.69
CA ASP D 600 -11.40 -11.81 -14.07
C ASP D 600 -10.81 -13.15 -14.43
N TYR D 601 -9.62 -13.44 -13.92
CA TYR D 601 -8.95 -14.71 -14.17
C TYR D 601 -9.82 -15.88 -13.72
N TYR D 602 -10.33 -15.85 -12.48
CA TYR D 602 -11.17 -16.96 -12.02
C TYR D 602 -12.49 -16.94 -12.76
N ALA D 603 -13.04 -15.75 -13.01
CA ALA D 603 -14.33 -15.69 -13.69
C ALA D 603 -14.26 -16.36 -15.06
N ARG D 604 -13.19 -16.09 -15.83
CA ARG D 604 -13.09 -16.67 -17.15
C ARG D 604 -12.75 -18.16 -17.11
N ILE D 605 -11.79 -18.55 -16.27
CA ILE D 605 -11.38 -19.95 -16.24
C ILE D 605 -12.53 -20.81 -15.72
N ASN D 606 -13.23 -20.33 -14.70
CA ASN D 606 -14.29 -21.16 -14.12
C ASN D 606 -15.43 -21.36 -15.09
N ALA D 607 -15.71 -20.36 -15.94
CA ALA D 607 -16.77 -20.55 -16.92
C ALA D 607 -16.45 -21.68 -17.88
N GLU D 608 -15.16 -21.91 -18.17
CA GLU D 608 -14.82 -22.98 -19.11
C GLU D 608 -14.93 -24.36 -18.46
N ILE D 609 -14.44 -24.52 -17.22
CA ILE D 609 -14.53 -25.84 -16.62
C ILE D 609 -15.98 -26.18 -16.25
N ASP D 610 -16.86 -25.19 -16.07
CA ASP D 610 -18.25 -25.50 -15.79
C ASP D 610 -18.90 -26.27 -16.93
N LYS D 611 -18.33 -26.18 -18.14
CA LYS D 611 -18.87 -26.87 -19.30
C LYS D 611 -18.46 -28.34 -19.40
N ARG D 612 -17.57 -28.81 -18.52
CA ARG D 612 -17.04 -30.17 -18.58
C ARG D 612 -17.62 -31.02 -17.46
N PRO D 613 -18.46 -32.03 -17.75
CA PRO D 613 -19.09 -32.80 -16.66
C PRO D 613 -18.12 -33.64 -15.85
N TRP D 614 -16.99 -34.04 -16.44
CA TRP D 614 -15.97 -34.87 -15.82
C TRP D 614 -14.97 -34.08 -14.98
N PHE D 615 -15.12 -32.75 -14.96
CA PHE D 615 -14.21 -31.90 -14.19
C PHE D 615 -14.86 -31.72 -12.81
N ILE D 616 -14.29 -32.35 -11.79
CA ILE D 616 -14.96 -32.58 -10.50
C ILE D 616 -14.41 -31.68 -9.40
N GLY D 617 -13.61 -30.67 -9.73
CA GLY D 617 -13.22 -29.87 -8.59
C GLY D 617 -12.38 -28.69 -9.00
N GLU D 618 -12.42 -27.64 -8.19
CA GLU D 618 -11.62 -26.42 -8.47
C GLU D 618 -10.93 -26.09 -7.15
N GLN D 619 -9.66 -26.43 -7.06
CA GLN D 619 -8.82 -25.95 -5.96
C GLN D 619 -7.83 -24.95 -6.58
N LEU D 620 -7.94 -23.69 -6.15
CA LEU D 620 -7.07 -22.64 -6.72
C LEU D 620 -5.77 -22.51 -5.91
N TRP D 621 -4.83 -21.71 -6.44
CA TRP D 621 -3.64 -21.39 -5.70
C TRP D 621 -3.70 -19.89 -5.48
N ASN D 622 -3.63 -19.36 -4.26
CA ASN D 622 -3.50 -20.04 -2.96
C ASN D 622 -4.60 -19.42 -2.07
N PHE D 623 -4.90 -20.11 -0.96
CA PHE D 623 -5.73 -19.52 0.08
C PHE D 623 -5.21 -18.16 0.53
N ALA D 624 -3.91 -18.03 0.76
CA ALA D 624 -3.39 -16.78 1.31
C ALA D 624 -1.94 -16.57 0.92
N ASP D 625 -1.55 -15.30 0.77
CA ASP D 625 -0.17 -14.97 0.41
C ASP D 625 0.79 -15.53 1.45
N PHE D 626 1.97 -15.97 1.00
CA PHE D 626 2.88 -16.67 1.91
C PHE D 626 4.34 -16.35 1.52
N ALA D 627 5.28 -16.64 2.44
CA ALA D 627 6.70 -16.32 2.25
C ALA D 627 7.41 -17.29 1.32
N THR D 628 8.35 -16.74 0.54
CA THR D 628 9.21 -17.51 -0.35
C THR D 628 10.66 -17.03 -0.18
N PHE D 629 11.58 -17.79 -0.75
CA PHE D 629 12.93 -17.27 -0.99
C PHE D 629 12.82 -16.00 -1.86
N GLN D 630 13.69 -15.04 -1.62
CA GLN D 630 13.57 -13.76 -2.34
C GLN D 630 13.96 -13.95 -3.79
N GLY D 631 13.33 -13.17 -4.68
CA GLY D 631 13.70 -13.28 -6.08
C GLY D 631 12.89 -12.27 -6.89
N ILE D 632 13.21 -12.16 -8.17
CA ILE D 632 12.58 -11.09 -8.96
C ILE D 632 11.11 -11.33 -9.28
N ILE D 633 10.55 -12.54 -9.05
CA ILE D 633 9.12 -12.69 -9.30
C ILE D 633 8.30 -12.82 -8.02
N ARG D 634 8.90 -12.58 -6.87
CA ARG D 634 8.23 -12.74 -5.58
C ARG D 634 8.22 -11.42 -4.80
N VAL D 635 7.08 -10.74 -4.78
CA VAL D 635 6.96 -9.42 -4.15
C VAL D 635 6.58 -9.66 -2.69
N GLU D 636 7.59 -9.75 -1.82
CA GLU D 636 7.33 -10.07 -0.43
C GLU D 636 6.66 -11.44 -0.37
N GLY D 637 7.16 -12.36 -1.17
CA GLY D 637 6.64 -13.73 -1.21
C GLY D 637 5.73 -13.98 -2.39
N ASN D 638 4.93 -15.02 -2.25
CA ASN D 638 3.98 -15.40 -3.28
C ASN D 638 2.68 -14.66 -3.03
N ARG D 639 2.16 -13.95 -4.03
CA ARG D 639 0.97 -13.12 -3.82
C ARG D 639 -0.25 -13.67 -4.56
N LYS D 640 -0.28 -14.98 -4.83
CA LYS D 640 -1.46 -15.58 -5.46
C LYS D 640 -2.57 -15.87 -4.47
N GLY D 641 -2.39 -15.48 -3.21
CA GLY D 641 -3.46 -15.64 -2.25
C GLY D 641 -4.71 -14.89 -2.67
N ILE D 642 -5.89 -15.52 -2.44
CA ILE D 642 -7.15 -14.78 -2.55
C ILE D 642 -7.36 -13.97 -1.29
N LEU D 643 -6.69 -14.37 -0.21
CA LEU D 643 -6.53 -13.55 0.98
C LEU D 643 -5.10 -13.06 1.06
N THR D 644 -4.93 -11.90 1.71
CA THR D 644 -3.62 -11.43 2.09
C THR D 644 -3.00 -12.33 3.16
N ARG D 645 -1.71 -12.08 3.45
CA ARG D 645 -1.03 -12.89 4.46
C ARG D 645 -1.68 -12.69 5.81
N ASP D 646 -2.30 -11.53 6.04
CA ASP D 646 -3.04 -11.30 7.27
C ASP D 646 -4.52 -11.69 7.13
N ARG D 647 -4.85 -12.48 6.10
CA ARG D 647 -6.14 -13.16 5.97
C ARG D 647 -7.26 -12.19 5.60
N GLN D 648 -6.92 -11.10 4.94
CA GLN D 648 -7.96 -10.17 4.51
C GLN D 648 -8.35 -10.46 3.06
N PRO D 649 -9.62 -10.30 2.69
CA PRO D 649 -10.10 -10.75 1.37
C PRO D 649 -9.80 -9.75 0.26
N LYS D 650 -9.12 -10.23 -0.78
CA LYS D 650 -9.01 -9.40 -1.99
C LYS D 650 -10.33 -9.48 -2.80
N MET D 651 -10.46 -8.63 -3.83
CA MET D 651 -11.65 -8.66 -4.68
C MET D 651 -12.04 -10.06 -5.14
N ALA D 652 -11.06 -10.85 -5.60
CA ALA D 652 -11.38 -12.21 -6.06
C ALA D 652 -11.98 -13.09 -4.96
N ALA D 653 -11.56 -12.93 -3.70
CA ALA D 653 -12.17 -13.72 -2.63
C ALA D 653 -13.66 -13.45 -2.52
N HIS D 654 -14.09 -12.18 -2.66
CA HIS D 654 -15.52 -11.89 -2.60
C HIS D 654 -16.25 -12.53 -3.78
N TRP D 655 -15.64 -12.51 -4.97
CA TRP D 655 -16.29 -13.06 -6.16
C TRP D 655 -16.41 -14.57 -6.01
N LEU D 656 -15.35 -15.20 -5.52
CA LEU D 656 -15.37 -16.65 -5.33
C LEU D 656 -16.38 -17.05 -4.27
N ARG D 657 -16.48 -16.27 -3.19
CA ARG D 657 -17.49 -16.51 -2.15
C ARG D 657 -18.90 -16.54 -2.74
N GLU D 658 -19.20 -15.62 -3.67
CA GLU D 658 -20.53 -15.60 -4.28
C GLU D 658 -20.71 -16.79 -5.22
N ARG D 659 -19.68 -17.12 -6.00
CA ARG D 659 -19.76 -18.31 -6.86
C ARG D 659 -19.99 -19.57 -6.02
N TRP D 660 -19.16 -19.76 -4.99
CA TRP D 660 -19.17 -21.01 -4.24
C TRP D 660 -20.44 -21.13 -3.41
N ALA D 661 -21.03 -20.00 -3.01
CA ALA D 661 -22.30 -20.05 -2.29
C ALA D 661 -23.36 -20.77 -3.10
N GLY D 662 -23.27 -20.71 -4.43
CA GLY D 662 -24.27 -21.27 -5.31
C GLY D 662 -23.96 -22.64 -5.84
N ILE D 663 -22.87 -23.26 -5.39
CA ILE D 663 -22.43 -24.56 -5.89
C ILE D 663 -22.58 -25.55 -4.76
N PRO D 664 -23.39 -26.59 -4.91
CA PRO D 664 -23.55 -27.58 -3.85
C PRO D 664 -22.38 -28.56 -3.76
N ASP D 665 -22.20 -29.08 -2.55
CA ASP D 665 -21.16 -30.09 -2.36
C ASP D 665 -21.43 -31.32 -3.20
N TYR D 666 -22.70 -31.69 -3.33
CA TYR D 666 -23.09 -32.89 -4.06
C TYR D 666 -23.99 -32.54 -5.23
N GLY D 667 -23.74 -33.20 -6.34
CA GLY D 667 -24.65 -33.10 -7.48
C GLY D 667 -24.50 -31.87 -8.35
N TYR D 668 -23.42 -31.10 -8.21
CA TYR D 668 -23.20 -29.99 -9.15
C TYR D 668 -23.07 -30.51 -10.57
N LYS D 669 -22.37 -31.63 -10.75
CA LYS D 669 -22.27 -32.21 -12.09
C LYS D 669 -22.81 -33.64 -12.14
C2 SJ5 E . 16.87 -1.59 -19.96
C3 SJ5 E . 15.75 -0.82 -19.27
O3 SJ5 E . 14.86 -0.26 -20.28
N SJ5 E . 17.75 -2.16 -18.95
C7 SJ5 E . 17.05 -3.09 -18.02
C5 SJ5 E . 15.97 -2.30 -17.31
C6 SJ5 E . 15.30 -3.25 -16.34
O62 SJ5 E . 15.30 -4.45 -16.56
C4 SJ5 E . 15.00 -1.80 -18.36
O4 SJ5 E . 13.91 -1.09 -17.74
O61 SJ5 E . 14.80 -2.70 -15.30
C2 SJ5 F . -17.55 19.30 2.23
C3 SJ5 F . -16.43 18.63 1.45
O3 SJ5 F . -15.62 19.68 0.85
N SJ5 F . -18.33 18.25 2.93
C7 SJ5 F . -17.53 17.39 3.80
C5 SJ5 F . -16.43 16.71 2.94
C6 SJ5 F . -15.67 15.80 3.87
O62 SJ5 F . -15.63 16.03 5.05
C4 SJ5 F . -15.54 17.82 2.39
O4 SJ5 F . -14.43 17.27 1.66
O61 SJ5 F . -15.14 14.75 3.35
C2 SJ5 G . -2.79 7.30 25.11
C3 SJ5 G . -2.59 6.17 24.12
O3 SJ5 G . -3.29 4.97 24.49
N SJ5 G . -2.14 8.52 24.67
C7 SJ5 G . -2.53 8.98 23.30
C5 SJ5 G . -2.32 7.83 22.30
C6 SJ5 G . -2.69 8.29 20.89
O62 SJ5 G . -2.14 7.80 19.90
C4 SJ5 G . -3.11 6.59 22.74
O4 SJ5 G . -2.98 5.54 21.80
O61 SJ5 G . -3.63 9.21 20.82
C2 SJ5 H . 3.71 -24.87 -7.12
C3 SJ5 H . 3.46 -23.88 -6.00
O3 SJ5 H . 4.24 -24.27 -4.87
N SJ5 H . 2.98 -24.50 -8.32
C7 SJ5 H . 3.27 -23.13 -8.83
C5 SJ5 H . 3.06 -22.13 -7.70
C6 SJ5 H . 3.42 -20.77 -8.24
O62 SJ5 H . 2.79 -19.73 -7.73
C4 SJ5 H . 3.91 -22.49 -6.49
O4 SJ5 H . 3.80 -21.58 -5.40
O61 SJ5 H . 4.25 -20.63 -9.11
#